data_7WJ0
#
_entry.id   7WJ0
#
_entity_poly.entity_id   1
_entity_poly.type   'polypeptide(L)'
_entity_poly.pdbx_seq_one_letter_code
;SGSMKTAISLPDETFDRVSRRASELGMSRSEFFTKAAQRYLHELDAQLLTGQ
;
_entity_poly.pdbx_strand_id   A,B
#
# COMPACT_ATOMS: atom_id res chain seq x y z
N MET A 4 -11.68 12.61 1.34
CA MET A 4 -11.12 12.90 0.01
C MET A 4 -10.77 11.60 -0.69
N LYS A 5 -11.24 11.45 -1.90
CA LYS A 5 -10.94 10.26 -2.67
C LYS A 5 -9.51 10.29 -3.14
N THR A 6 -8.72 9.32 -2.72
CA THR A 6 -7.35 9.23 -3.16
C THR A 6 -7.32 8.83 -4.62
N ALA A 7 -6.97 9.78 -5.47
CA ALA A 7 -6.89 9.54 -6.89
C ALA A 7 -5.49 9.19 -7.27
N ILE A 8 -5.25 7.93 -7.40
CA ILE A 8 -3.95 7.40 -7.70
C ILE A 8 -3.91 6.83 -9.09
N SER A 9 -2.86 7.15 -9.82
CA SER A 9 -2.71 6.65 -11.14
C SER A 9 -1.91 5.38 -11.12
N LEU A 10 -2.63 4.30 -11.19
CA LEU A 10 -2.05 2.98 -11.19
C LEU A 10 -2.31 2.27 -12.50
N PRO A 11 -1.37 1.41 -12.94
CA PRO A 11 -1.57 0.56 -14.10
C PRO A 11 -2.81 -0.32 -13.92
N ASP A 12 -3.29 -0.89 -14.99
CA ASP A 12 -4.52 -1.66 -14.93
C ASP A 12 -4.26 -3.02 -14.31
N GLU A 13 -3.10 -3.55 -14.62
CA GLU A 13 -2.68 -4.83 -14.08
C GLU A 13 -2.46 -4.67 -12.58
N THR A 14 -1.82 -3.58 -12.20
CA THR A 14 -1.55 -3.27 -10.82
C THR A 14 -2.85 -3.00 -10.08
N PHE A 15 -3.77 -2.36 -10.80
CA PHE A 15 -5.10 -2.09 -10.28
C PHE A 15 -5.78 -3.40 -9.98
N ASP A 16 -5.59 -4.35 -10.86
CA ASP A 16 -6.17 -5.68 -10.72
C ASP A 16 -5.57 -6.40 -9.54
N ARG A 17 -4.29 -6.14 -9.30
CA ARG A 17 -3.57 -6.73 -8.19
C ARG A 17 -4.17 -6.27 -6.88
N VAL A 18 -4.43 -4.97 -6.78
CA VAL A 18 -5.04 -4.37 -5.60
C VAL A 18 -6.42 -4.92 -5.41
N SER A 19 -7.11 -5.06 -6.51
CA SER A 19 -8.47 -5.54 -6.47
C SER A 19 -8.50 -6.98 -5.98
N ARG A 20 -7.44 -7.71 -6.28
CA ARG A 20 -7.33 -9.09 -5.89
C ARG A 20 -7.10 -9.21 -4.39
N ARG A 21 -6.25 -8.34 -3.84
CA ARG A 21 -5.83 -8.45 -2.45
C ARG A 21 -6.97 -8.05 -1.54
N ALA A 22 -7.65 -7.00 -1.95
CA ALA A 22 -8.80 -6.51 -1.22
C ALA A 22 -9.86 -7.60 -1.17
N SER A 23 -9.89 -8.42 -2.21
CA SER A 23 -10.86 -9.50 -2.30
C SER A 23 -10.40 -10.74 -1.53
N GLU A 24 -9.08 -10.93 -1.42
CA GLU A 24 -8.54 -12.06 -0.66
C GLU A 24 -8.90 -11.90 0.79
N LEU A 25 -8.84 -10.67 1.26
CA LEU A 25 -9.21 -10.34 2.62
C LEU A 25 -10.72 -10.38 2.77
N GLY A 26 -11.40 -9.78 1.81
CA GLY A 26 -12.84 -9.72 1.86
C GLY A 26 -13.30 -8.36 2.34
N MET A 27 -12.40 -7.39 2.24
CA MET A 27 -12.69 -6.03 2.67
C MET A 27 -12.85 -5.11 1.46
N SER A 28 -12.93 -3.83 1.72
CA SER A 28 -13.09 -2.85 0.67
C SER A 28 -11.73 -2.26 0.30
N ARG A 29 -11.66 -1.65 -0.88
CA ARG A 29 -10.42 -1.04 -1.35
C ARG A 29 -9.99 0.09 -0.40
N SER A 30 -10.96 0.75 0.21
CA SER A 30 -10.69 1.80 1.18
C SER A 30 -10.04 1.19 2.43
N GLU A 31 -10.60 0.09 2.91
CA GLU A 31 -10.06 -0.62 4.05
C GLU A 31 -8.67 -1.16 3.69
N PHE A 32 -8.53 -1.64 2.46
CA PHE A 32 -7.27 -2.15 1.96
C PHE A 32 -6.19 -1.07 2.04
N PHE A 33 -6.53 0.14 1.64
CA PHE A 33 -5.58 1.24 1.62
C PHE A 33 -5.25 1.67 3.04
N THR A 34 -6.20 1.45 3.92
CA THR A 34 -6.03 1.75 5.31
C THR A 34 -5.01 0.79 5.91
N LYS A 35 -5.16 -0.48 5.56
CA LYS A 35 -4.29 -1.51 6.07
C LYS A 35 -2.96 -1.49 5.38
N ALA A 36 -2.98 -1.03 4.17
CA ALA A 36 -1.77 -0.95 3.36
C ALA A 36 -0.90 0.14 3.86
N ALA A 37 -1.51 1.24 4.26
CA ALA A 37 -0.78 2.37 4.74
C ALA A 37 -0.03 2.01 6.03
N GLN A 38 -0.67 1.19 6.86
CA GLN A 38 -0.08 0.78 8.13
C GLN A 38 0.96 -0.31 7.90
N ARG A 39 0.67 -1.24 7.00
CA ARG A 39 1.59 -2.33 6.68
C ARG A 39 2.82 -1.78 6.00
N TYR A 40 2.60 -0.78 5.19
CA TYR A 40 3.63 -0.12 4.44
C TYR A 40 4.68 0.47 5.37
N LEU A 41 4.24 1.06 6.46
CA LEU A 41 5.16 1.64 7.42
C LEU A 41 5.88 0.57 8.19
N HIS A 42 5.15 -0.46 8.55
CA HIS A 42 5.73 -1.58 9.31
C HIS A 42 6.82 -2.26 8.49
N GLU A 43 6.65 -2.28 7.18
CA GLU A 43 7.60 -2.91 6.28
C GLU A 43 8.82 -2.00 6.13
N LEU A 44 8.56 -0.73 5.90
CA LEU A 44 9.62 0.26 5.75
C LEU A 44 10.46 0.35 7.00
N ASP A 45 9.81 0.26 8.13
CA ASP A 45 10.49 0.34 9.41
C ASP A 45 11.30 -0.91 9.66
N ALA A 46 10.84 -2.02 9.09
CA ALA A 46 11.52 -3.27 9.24
C ALA A 46 12.77 -3.29 8.39
N GLN A 47 12.75 -2.50 7.34
CA GLN A 47 13.88 -2.41 6.42
C GLN A 47 14.91 -1.45 6.96
N LEU A 48 14.43 -0.46 7.69
CA LEU A 48 15.32 0.52 8.28
C LEU A 48 15.99 -0.07 9.50
N LEU A 49 15.29 -0.95 10.17
CA LEU A 49 15.83 -1.64 11.31
C LEU A 49 16.84 -2.68 10.84
N THR A 50 16.43 -3.50 9.87
CA THR A 50 17.30 -4.54 9.31
C THR A 50 18.51 -3.93 8.59
N GLY A 51 18.30 -2.78 7.96
CA GLY A 51 19.36 -2.10 7.23
C GLY A 51 20.54 -1.72 8.09
N GLN A 52 20.29 -1.47 9.37
CA GLN A 52 21.35 -1.14 10.31
C GLN A 52 22.32 -2.30 10.47
N MET B 4 -5.91 1.82 -14.53
CA MET B 4 -6.98 2.76 -14.16
C MET B 4 -6.69 3.40 -12.82
N LYS B 5 -7.22 4.59 -12.62
CA LYS B 5 -7.02 5.34 -11.39
C LYS B 5 -7.77 4.70 -10.25
N THR B 6 -7.09 4.49 -9.14
CA THR B 6 -7.74 3.97 -7.98
C THR B 6 -8.54 5.08 -7.32
N ALA B 7 -9.82 4.86 -7.11
CA ALA B 7 -10.66 5.84 -6.47
C ALA B 7 -11.07 5.33 -5.10
N ILE B 8 -10.25 5.64 -4.14
CA ILE B 8 -10.41 5.16 -2.81
C ILE B 8 -10.98 6.24 -1.97
N SER B 9 -11.76 5.89 -1.03
CA SER B 9 -12.40 6.86 -0.23
C SER B 9 -11.77 6.93 1.13
N LEU B 10 -10.91 7.90 1.30
CA LEU B 10 -10.20 8.08 2.55
C LEU B 10 -10.55 9.41 3.20
N PRO B 11 -10.76 9.40 4.52
CA PRO B 11 -11.02 10.62 5.29
C PRO B 11 -9.84 11.59 5.21
N ASP B 12 -10.03 12.80 5.67
CA ASP B 12 -9.00 13.83 5.58
C ASP B 12 -7.87 13.54 6.53
N GLU B 13 -8.22 12.90 7.63
CA GLU B 13 -7.27 12.50 8.63
C GLU B 13 -6.35 11.43 8.04
N THR B 14 -6.94 10.50 7.33
CA THR B 14 -6.22 9.40 6.73
C THR B 14 -5.52 9.86 5.47
N PHE B 15 -6.19 10.73 4.71
CA PHE B 15 -5.63 11.26 3.48
C PHE B 15 -4.37 12.05 3.79
N ASP B 16 -4.39 12.74 4.93
CA ASP B 16 -3.24 13.51 5.38
C ASP B 16 -2.10 12.59 5.72
N ARG B 17 -2.43 11.45 6.27
CA ARG B 17 -1.45 10.50 6.71
C ARG B 17 -0.79 9.79 5.53
N VAL B 18 -1.58 9.48 4.52
CA VAL B 18 -1.06 8.85 3.30
C VAL B 18 -0.19 9.81 2.55
N SER B 19 -0.66 11.03 2.45
CA SER B 19 0.08 12.02 1.70
C SER B 19 1.36 12.37 2.45
N ARG B 20 1.30 12.26 3.77
CA ARG B 20 2.44 12.53 4.62
C ARG B 20 3.51 11.46 4.46
N ARG B 21 3.09 10.21 4.27
CA ARG B 21 4.02 9.09 4.12
C ARG B 21 4.72 9.23 2.81
N ALA B 22 3.93 9.52 1.81
CA ALA B 22 4.43 9.77 0.46
C ALA B 22 5.42 10.92 0.49
N SER B 23 5.19 11.86 1.40
CA SER B 23 6.05 13.02 1.54
C SER B 23 7.31 12.70 2.35
N GLU B 24 7.21 11.71 3.25
CA GLU B 24 8.39 11.27 4.02
C GLU B 24 9.41 10.69 3.08
N LEU B 25 8.90 10.04 2.06
CA LEU B 25 9.75 9.53 1.00
C LEU B 25 10.14 10.66 0.07
N GLY B 26 9.17 11.48 -0.27
CA GLY B 26 9.40 12.56 -1.17
C GLY B 26 8.97 12.20 -2.56
N MET B 27 8.25 11.09 -2.67
CA MET B 27 7.77 10.60 -3.95
C MET B 27 6.32 10.98 -4.16
N SER B 28 5.73 10.47 -5.21
CA SER B 28 4.37 10.78 -5.54
C SER B 28 3.45 9.69 -5.00
N ARG B 29 2.17 10.00 -4.90
CA ARG B 29 1.19 9.06 -4.38
C ARG B 29 1.05 7.86 -5.32
N SER B 30 1.35 8.07 -6.60
CA SER B 30 1.38 6.97 -7.56
C SER B 30 2.45 5.97 -7.15
N GLU B 31 3.65 6.47 -6.88
CA GLU B 31 4.77 5.65 -6.43
C GLU B 31 4.44 5.03 -5.10
N PHE B 32 3.84 5.83 -4.23
CA PHE B 32 3.41 5.40 -2.91
C PHE B 32 2.62 4.09 -2.95
N PHE B 33 1.57 4.07 -3.76
CA PHE B 33 0.67 2.92 -3.82
C PHE B 33 1.35 1.76 -4.55
N THR B 34 2.28 2.10 -5.41
CA THR B 34 3.03 1.12 -6.14
C THR B 34 3.92 0.36 -5.17
N LYS B 35 4.53 1.10 -4.26
CA LYS B 35 5.44 0.52 -3.30
C LYS B 35 4.69 -0.08 -2.15
N ALA B 36 3.52 0.41 -1.92
CA ALA B 36 2.69 -0.09 -0.83
C ALA B 36 2.12 -1.41 -1.17
N ALA B 37 1.69 -1.56 -2.40
CA ALA B 37 1.11 -2.79 -2.83
C ALA B 37 2.14 -3.92 -2.80
N GLN B 38 3.37 -3.58 -3.17
CA GLN B 38 4.46 -4.56 -3.18
C GLN B 38 4.96 -4.84 -1.75
N ARG B 39 5.03 -3.80 -0.94
CA ARG B 39 5.49 -3.95 0.45
C ARG B 39 4.45 -4.66 1.27
N TYR B 40 3.19 -4.48 0.88
CA TYR B 40 2.07 -5.12 1.54
C TYR B 40 2.18 -6.63 1.37
N LEU B 41 2.66 -7.05 0.20
CA LEU B 41 2.86 -8.46 -0.09
C LEU B 41 3.92 -9.03 0.82
N HIS B 42 5.02 -8.32 0.96
CA HIS B 42 6.13 -8.78 1.80
C HIS B 42 5.75 -8.71 3.27
N GLU B 43 4.85 -7.80 3.60
CA GLU B 43 4.39 -7.66 4.97
C GLU B 43 3.64 -8.91 5.38
N LEU B 44 2.70 -9.33 4.54
CA LEU B 44 1.92 -10.52 4.82
C LEU B 44 2.79 -11.75 4.73
N ASP B 45 3.74 -11.72 3.80
CA ASP B 45 4.64 -12.83 3.59
C ASP B 45 5.53 -13.02 4.82
N ALA B 46 5.84 -11.93 5.48
CA ALA B 46 6.68 -11.98 6.66
C ALA B 46 5.90 -12.53 7.84
N GLN B 47 4.59 -12.47 7.74
CA GLN B 47 3.74 -12.98 8.81
C GLN B 47 3.46 -14.46 8.60
N LEU B 48 3.39 -14.86 7.34
CA LEU B 48 3.09 -16.25 6.99
C LEU B 48 4.30 -17.13 7.21
N LEU B 49 5.42 -16.70 6.65
CA LEU B 49 6.66 -17.43 6.78
C LEU B 49 7.02 -17.62 8.24
N THR B 50 6.95 -16.54 8.99
CA THR B 50 7.25 -16.57 10.41
C THR B 50 6.22 -17.42 11.17
N GLY B 51 4.94 -17.20 10.86
CA GLY B 51 3.85 -17.89 11.55
C GLY B 51 3.92 -19.41 11.46
N GLN B 52 3.95 -19.94 10.25
CA GLN B 52 4.00 -21.38 10.05
C GLN B 52 5.29 -21.96 10.61
N MET A 4 -10.98 13.00 -0.82
CA MET A 4 -10.22 12.86 -2.06
C MET A 4 -10.25 11.42 -2.53
N LYS A 5 -9.97 11.21 -3.79
CA LYS A 5 -9.90 9.86 -4.31
C LYS A 5 -8.60 9.70 -5.05
N THR A 6 -7.72 8.85 -4.55
CA THR A 6 -6.47 8.63 -5.19
C THR A 6 -6.68 7.90 -6.50
N ALA A 7 -6.47 8.61 -7.59
CA ALA A 7 -6.63 8.06 -8.91
C ALA A 7 -5.30 7.55 -9.41
N ILE A 8 -5.03 6.33 -9.11
CA ILE A 8 -3.80 5.69 -9.44
C ILE A 8 -3.93 4.88 -10.70
N SER A 9 -3.10 5.19 -11.68
CA SER A 9 -3.16 4.54 -12.94
C SER A 9 -2.43 3.23 -12.90
N LEU A 10 -3.19 2.19 -12.82
CA LEU A 10 -2.67 0.83 -12.74
C LEU A 10 -3.26 -0.05 -13.84
N PRO A 11 -2.74 -1.28 -13.99
CA PRO A 11 -3.31 -2.28 -14.89
C PRO A 11 -4.64 -2.81 -14.35
N ASP A 12 -5.03 -3.99 -14.77
CA ASP A 12 -6.29 -4.58 -14.34
C ASP A 12 -6.01 -5.72 -13.42
N GLU A 13 -4.91 -6.38 -13.67
CA GLU A 13 -4.47 -7.51 -12.89
C GLU A 13 -4.14 -7.06 -11.48
N THR A 14 -3.47 -5.93 -11.40
CA THR A 14 -3.02 -5.39 -10.15
C THR A 14 -4.18 -4.77 -9.40
N PHE A 15 -5.11 -4.18 -10.15
CA PHE A 15 -6.28 -3.58 -9.55
C PHE A 15 -7.16 -4.67 -8.99
N ASP A 16 -7.31 -5.72 -9.75
CA ASP A 16 -8.13 -6.87 -9.37
C ASP A 16 -7.57 -7.56 -8.15
N ARG A 17 -6.26 -7.57 -8.06
CA ARG A 17 -5.58 -8.19 -6.95
C ARG A 17 -5.87 -7.43 -5.66
N VAL A 18 -5.99 -6.12 -5.76
CA VAL A 18 -6.29 -5.28 -4.61
C VAL A 18 -7.74 -5.33 -4.29
N SER A 19 -8.54 -5.49 -5.30
CA SER A 19 -9.95 -5.53 -5.10
C SER A 19 -10.34 -6.80 -4.35
N ARG A 20 -9.67 -7.89 -4.70
CA ARG A 20 -9.91 -9.17 -4.06
C ARG A 20 -9.22 -9.22 -2.70
N ARG A 21 -8.25 -8.34 -2.52
CA ARG A 21 -7.44 -8.29 -1.31
C ARG A 21 -8.14 -7.48 -0.24
N ALA A 22 -8.77 -6.40 -0.65
CA ALA A 22 -9.57 -5.61 0.25
C ALA A 22 -10.69 -6.48 0.78
N SER A 23 -11.20 -7.36 -0.09
CA SER A 23 -12.25 -8.28 0.29
C SER A 23 -11.68 -9.46 1.08
N GLU A 24 -10.42 -9.79 0.80
CA GLU A 24 -9.69 -10.84 1.51
C GLU A 24 -9.63 -10.50 2.99
N LEU A 25 -9.30 -9.25 3.27
CA LEU A 25 -9.23 -8.76 4.63
C LEU A 25 -10.62 -8.46 5.16
N GLY A 26 -11.49 -8.02 4.28
CA GLY A 26 -12.84 -7.69 4.66
C GLY A 26 -12.96 -6.21 4.97
N MET A 27 -12.13 -5.44 4.30
CA MET A 27 -12.06 -4.02 4.48
C MET A 27 -12.37 -3.31 3.18
N SER A 28 -12.45 -2.01 3.21
CA SER A 28 -12.66 -1.23 2.04
C SER A 28 -11.32 -0.94 1.43
N ARG A 29 -11.31 -0.46 0.20
CA ARG A 29 -10.05 -0.13 -0.42
C ARG A 29 -9.44 1.06 0.31
N SER A 30 -10.29 1.87 0.93
CA SER A 30 -9.84 2.98 1.75
C SER A 30 -9.09 2.44 2.94
N GLU A 31 -9.69 1.46 3.62
CA GLU A 31 -9.06 0.82 4.76
C GLU A 31 -7.84 0.02 4.33
N PHE A 32 -7.90 -0.54 3.12
CA PHE A 32 -6.77 -1.25 2.56
C PHE A 32 -5.56 -0.33 2.44
N PHE A 33 -5.79 0.85 1.89
CA PHE A 33 -4.71 1.81 1.66
C PHE A 33 -4.26 2.40 2.97
N THR A 34 -5.19 2.53 3.89
CA THR A 34 -4.91 3.08 5.20
C THR A 34 -4.03 2.11 5.97
N LYS A 35 -4.36 0.84 5.87
CA LYS A 35 -3.66 -0.19 6.61
C LYS A 35 -2.39 -0.56 5.89
N ALA A 36 -2.37 -0.32 4.62
CA ALA A 36 -1.21 -0.61 3.80
C ALA A 36 -0.18 0.42 4.00
N ALA A 37 -0.62 1.66 4.16
CA ALA A 37 0.28 2.75 4.36
C ALA A 37 1.01 2.58 5.70
N GLN A 38 0.27 2.12 6.69
CA GLN A 38 0.81 1.87 8.03
C GLN A 38 1.75 0.67 8.02
N ARG A 39 1.35 -0.39 7.34
CA ARG A 39 2.17 -1.60 7.26
C ARG A 39 3.35 -1.39 6.33
N TYR A 40 3.18 -0.48 5.40
CA TYR A 40 4.23 -0.13 4.46
C TYR A 40 5.38 0.53 5.22
N LEU A 41 5.05 1.17 6.32
CA LEU A 41 6.04 1.80 7.18
C LEU A 41 6.75 0.76 8.00
N HIS A 42 5.97 -0.16 8.57
CA HIS A 42 6.55 -1.23 9.38
C HIS A 42 7.49 -2.09 8.56
N GLU A 43 7.09 -2.35 7.34
CA GLU A 43 7.86 -3.17 6.42
C GLU A 43 9.14 -2.44 6.02
N LEU A 44 9.00 -1.18 5.68
CA LEU A 44 10.13 -0.35 5.29
C LEU A 44 11.09 -0.17 6.43
N ASP A 45 10.55 -0.05 7.62
CA ASP A 45 11.34 0.19 8.81
C ASP A 45 11.97 -1.09 9.29
N ALA A 46 11.37 -2.20 8.94
CA ALA A 46 11.89 -3.50 9.33
C ALA A 46 13.12 -3.80 8.52
N GLN A 47 13.12 -3.32 7.31
CA GLN A 47 14.23 -3.55 6.39
C GLN A 47 15.30 -2.50 6.62
N LEU A 48 14.86 -1.32 7.01
CA LEU A 48 15.75 -0.22 7.33
C LEU A 48 16.56 -0.56 8.57
N LEU A 49 15.90 -1.23 9.49
CA LEU A 49 16.52 -1.67 10.71
C LEU A 49 17.53 -2.78 10.40
N THR A 50 17.15 -3.68 9.49
CA THR A 50 18.03 -4.76 9.06
C THR A 50 19.29 -4.19 8.37
N GLY A 51 19.11 -3.07 7.66
CA GLY A 51 20.20 -2.45 6.95
C GLY A 51 21.24 -1.86 7.89
N GLN A 52 20.80 -1.48 9.08
CA GLN A 52 21.70 -0.93 10.09
C GLN A 52 22.75 -1.96 10.50
N MET B 4 -6.12 1.26 -16.18
CA MET B 4 -7.19 1.38 -15.17
C MET B 4 -6.77 2.34 -14.08
N LYS B 5 -7.73 2.82 -13.32
CA LYS B 5 -7.46 3.70 -12.22
C LYS B 5 -8.02 3.13 -10.94
N THR B 6 -7.15 2.85 -9.98
CA THR B 6 -7.60 2.37 -8.70
C THR B 6 -8.29 3.50 -7.98
N ALA B 7 -9.47 3.24 -7.49
CA ALA B 7 -10.23 4.25 -6.81
C ALA B 7 -10.18 4.03 -5.33
N ILE B 8 -9.35 4.79 -4.67
CA ILE B 8 -9.23 4.74 -3.26
C ILE B 8 -9.78 6.00 -2.74
N SER B 9 -10.55 5.91 -1.72
CA SER B 9 -11.14 7.06 -1.18
C SER B 9 -10.40 7.47 0.07
N LEU B 10 -9.53 8.43 -0.08
CA LEU B 10 -8.68 8.89 0.99
C LEU B 10 -8.98 10.34 1.37
N PRO B 11 -8.84 10.68 2.67
CA PRO B 11 -8.99 12.06 3.14
C PRO B 11 -7.85 12.96 2.63
N ASP B 12 -7.53 13.98 3.40
CA ASP B 12 -6.50 14.93 3.00
C ASP B 12 -5.25 14.67 3.79
N GLU B 13 -5.45 14.30 5.03
CA GLU B 13 -4.38 14.01 5.95
C GLU B 13 -3.64 12.76 5.52
N THR B 14 -4.40 11.77 5.12
CA THR B 14 -3.86 10.49 4.71
C THR B 14 -3.26 10.61 3.34
N PHE B 15 -3.91 11.40 2.49
CA PHE B 15 -3.44 11.61 1.14
C PHE B 15 -2.12 12.37 1.16
N ASP B 16 -2.01 13.29 2.10
CA ASP B 16 -0.82 14.10 2.24
C ASP B 16 0.34 13.26 2.76
N ARG B 17 -0.01 12.20 3.48
CA ARG B 17 0.97 11.30 4.03
C ARG B 17 1.51 10.38 2.95
N VAL B 18 0.60 9.87 2.13
CA VAL B 18 0.94 8.97 1.02
C VAL B 18 1.79 9.67 0.01
N SER B 19 1.43 10.90 -0.28
CA SER B 19 2.14 11.64 -1.28
C SER B 19 3.56 11.96 -0.78
N ARG B 20 3.69 12.14 0.53
CA ARG B 20 4.98 12.45 1.13
C ARG B 20 5.91 11.26 1.08
N ARG B 21 5.36 10.06 1.23
CA ARG B 21 6.18 8.86 1.26
C ARG B 21 6.43 8.32 -0.11
N ALA B 22 5.56 8.65 -1.05
CA ALA B 22 5.81 8.33 -2.42
C ALA B 22 6.99 9.15 -2.89
N SER B 23 7.09 10.35 -2.32
CA SER B 23 8.18 11.25 -2.63
C SER B 23 9.44 10.83 -1.86
N GLU B 24 9.24 10.30 -0.66
CA GLU B 24 10.34 9.81 0.18
C GLU B 24 11.06 8.67 -0.51
N LEU B 25 10.29 7.75 -1.07
CA LEU B 25 10.84 6.63 -1.81
C LEU B 25 11.41 7.11 -3.13
N GLY B 26 10.82 8.16 -3.66
CA GLY B 26 11.27 8.71 -4.92
C GLY B 26 10.54 8.09 -6.07
N MET B 27 9.39 7.52 -5.77
CA MET B 27 8.58 6.88 -6.77
C MET B 27 7.32 7.68 -7.03
N SER B 28 6.51 7.21 -7.93
CA SER B 28 5.25 7.84 -8.23
C SER B 28 4.16 7.19 -7.38
N ARG B 29 2.98 7.77 -7.38
CA ARG B 29 1.89 7.21 -6.58
C ARG B 29 1.46 5.85 -7.14
N SER B 30 1.68 5.65 -8.44
CA SER B 30 1.39 4.38 -9.08
C SER B 30 2.41 3.33 -8.64
N GLU B 31 3.68 3.71 -8.65
CA GLU B 31 4.74 2.84 -8.19
C GLU B 31 4.62 2.60 -6.70
N PHE B 32 4.14 3.62 -5.97
CA PHE B 32 3.90 3.52 -4.55
C PHE B 32 2.88 2.44 -4.26
N PHE B 33 1.77 2.49 -4.98
CA PHE B 33 0.68 1.52 -4.84
C PHE B 33 1.19 0.14 -5.17
N THR B 34 1.97 0.07 -6.21
CA THR B 34 2.53 -1.16 -6.69
C THR B 34 3.48 -1.73 -5.63
N LYS B 35 4.21 -0.85 -5.00
CA LYS B 35 5.19 -1.25 -4.02
C LYS B 35 4.55 -1.49 -2.68
N ALA B 36 3.40 -0.90 -2.49
CA ALA B 36 2.67 -1.03 -1.24
C ALA B 36 1.97 -2.32 -1.19
N ALA B 37 1.41 -2.71 -2.30
CA ALA B 37 0.70 -3.93 -2.39
C ALA B 37 1.65 -5.11 -2.21
N GLN B 38 2.87 -4.94 -2.74
CA GLN B 38 3.90 -5.96 -2.65
C GLN B 38 4.50 -6.02 -1.24
N ARG B 39 4.73 -4.86 -0.65
CA ARG B 39 5.30 -4.78 0.69
C ARG B 39 4.28 -5.24 1.71
N TYR B 40 3.02 -4.93 1.45
CA TYR B 40 1.92 -5.32 2.31
C TYR B 40 1.80 -6.84 2.33
N LEU B 41 2.11 -7.48 1.21
CA LEU B 41 2.09 -8.93 1.13
C LEU B 41 3.25 -9.50 1.94
N HIS B 42 4.39 -8.85 1.86
CA HIS B 42 5.57 -9.27 2.61
C HIS B 42 5.32 -9.12 4.11
N GLU B 43 4.48 -8.16 4.44
CA GLU B 43 4.09 -7.89 5.81
C GLU B 43 3.29 -9.07 6.32
N LEU B 44 2.36 -9.52 5.49
CA LEU B 44 1.50 -10.63 5.85
C LEU B 44 2.27 -11.92 5.99
N ASP B 45 3.25 -12.15 5.14
CA ASP B 45 4.00 -13.41 5.23
C ASP B 45 4.93 -13.38 6.40
N ALA B 46 5.38 -12.22 6.74
CA ALA B 46 6.30 -12.10 7.83
C ALA B 46 5.56 -12.09 9.14
N GLN B 47 4.30 -11.72 9.06
CA GLN B 47 3.45 -11.68 10.22
C GLN B 47 3.02 -13.08 10.59
N LEU B 48 2.82 -13.88 9.56
CA LEU B 48 2.43 -15.27 9.73
C LEU B 48 3.53 -16.04 10.43
N LEU B 49 4.75 -15.82 9.99
CA LEU B 49 5.91 -16.46 10.60
C LEU B 49 6.12 -15.95 12.02
N THR B 50 5.85 -14.67 12.23
CA THR B 50 5.96 -14.08 13.56
C THR B 50 4.93 -14.71 14.51
N GLY B 51 3.67 -14.70 14.10
CA GLY B 51 2.59 -15.25 14.91
C GLY B 51 2.65 -16.77 15.05
N GLN B 52 3.45 -17.41 14.22
CA GLN B 52 3.59 -18.86 14.23
C GLN B 52 4.05 -19.36 15.60
N MET A 4 -9.57 13.24 -1.66
CA MET A 4 -9.11 13.05 -3.04
C MET A 4 -9.23 11.57 -3.42
N LYS A 5 -10.15 11.27 -4.30
CA LYS A 5 -10.37 9.89 -4.71
C LYS A 5 -9.31 9.44 -5.71
N THR A 6 -8.44 8.56 -5.26
CA THR A 6 -7.43 8.01 -6.13
C THR A 6 -8.08 7.09 -7.16
N ALA A 7 -7.88 7.39 -8.43
CA ALA A 7 -8.44 6.61 -9.50
C ALA A 7 -7.39 5.69 -10.07
N ILE A 8 -7.40 4.48 -9.60
CA ILE A 8 -6.44 3.49 -9.99
C ILE A 8 -7.05 2.49 -10.93
N SER A 9 -6.40 2.25 -12.03
CA SER A 9 -6.89 1.32 -12.99
C SER A 9 -6.36 -0.06 -12.70
N LEU A 10 -7.18 -0.84 -12.07
CA LEU A 10 -6.82 -2.18 -11.66
C LEU A 10 -7.71 -3.23 -12.30
N PRO A 11 -7.13 -4.38 -12.67
CA PRO A 11 -7.90 -5.50 -13.17
C PRO A 11 -8.72 -6.17 -12.05
N ASP A 12 -9.52 -7.16 -12.39
CA ASP A 12 -10.39 -7.81 -11.41
C ASP A 12 -9.60 -8.70 -10.52
N GLU A 13 -8.51 -9.20 -11.05
CA GLU A 13 -7.60 -10.04 -10.33
C GLU A 13 -6.92 -9.25 -9.22
N THR A 14 -6.53 -8.03 -9.54
CA THR A 14 -5.86 -7.18 -8.60
C THR A 14 -6.87 -6.57 -7.65
N PHE A 15 -8.06 -6.25 -8.17
CA PHE A 15 -9.11 -5.68 -7.32
C PHE A 15 -9.49 -6.69 -6.26
N ASP A 16 -9.55 -7.92 -6.68
CA ASP A 16 -9.86 -9.05 -5.81
C ASP A 16 -8.83 -9.18 -4.72
N ARG A 17 -7.58 -9.00 -5.09
CA ARG A 17 -6.46 -9.12 -4.16
C ARG A 17 -6.53 -8.04 -3.09
N VAL A 18 -6.84 -6.82 -3.51
CA VAL A 18 -6.97 -5.69 -2.60
C VAL A 18 -8.11 -5.94 -1.65
N SER A 19 -9.18 -6.47 -2.19
CA SER A 19 -10.36 -6.71 -1.39
C SER A 19 -10.12 -7.82 -0.37
N ARG A 20 -9.25 -8.75 -0.72
CA ARG A 20 -8.93 -9.87 0.16
C ARG A 20 -8.05 -9.41 1.32
N ARG A 21 -7.34 -8.31 1.13
CA ARG A 21 -6.43 -7.80 2.14
C ARG A 21 -7.18 -6.92 3.10
N ALA A 22 -7.85 -5.94 2.54
CA ALA A 22 -8.65 -5.00 3.30
C ALA A 22 -9.67 -5.73 4.16
N SER A 23 -10.27 -6.76 3.59
CA SER A 23 -11.30 -7.51 4.29
C SER A 23 -10.68 -8.46 5.32
N GLU A 24 -9.47 -8.93 5.04
CA GLU A 24 -8.77 -9.83 5.95
C GLU A 24 -8.39 -9.10 7.22
N LEU A 25 -7.94 -7.86 7.07
CA LEU A 25 -7.57 -7.06 8.22
C LEU A 25 -8.79 -6.39 8.83
N GLY A 26 -9.85 -6.31 8.04
CA GLY A 26 -11.07 -5.72 8.54
C GLY A 26 -11.08 -4.23 8.37
N MET A 27 -10.21 -3.76 7.52
CA MET A 27 -10.13 -2.35 7.24
C MET A 27 -10.80 -2.04 5.90
N SER A 28 -10.93 -0.77 5.61
CA SER A 28 -11.52 -0.34 4.37
C SER A 28 -10.44 -0.16 3.34
N ARG A 29 -10.82 0.03 2.09
CA ARG A 29 -9.86 0.21 1.00
C ARG A 29 -9.10 1.51 1.18
N SER A 30 -9.76 2.49 1.80
CA SER A 30 -9.14 3.77 2.09
C SER A 30 -7.99 3.57 3.08
N GLU A 31 -8.27 2.89 4.18
CA GLU A 31 -7.27 2.62 5.20
C GLU A 31 -6.23 1.64 4.67
N PHE A 32 -6.66 0.71 3.82
CA PHE A 32 -5.75 -0.24 3.23
C PHE A 32 -4.68 0.46 2.40
N PHE A 33 -5.10 1.39 1.57
CA PHE A 33 -4.19 2.09 0.68
C PHE A 33 -3.32 3.06 1.48
N THR A 34 -3.84 3.50 2.60
CA THR A 34 -3.11 4.38 3.49
C THR A 34 -2.00 3.58 4.17
N LYS A 35 -2.35 2.37 4.54
CA LYS A 35 -1.43 1.49 5.24
C LYS A 35 -0.46 0.87 4.28
N ALA A 36 -0.89 0.68 3.08
CA ALA A 36 -0.07 0.05 2.06
C ALA A 36 0.91 0.99 1.48
N ALA A 37 0.49 2.22 1.25
CA ALA A 37 1.39 3.20 0.68
C ALA A 37 2.52 3.52 1.64
N GLN A 38 2.17 3.59 2.91
CA GLN A 38 3.13 3.91 3.96
C GLN A 38 4.03 2.71 4.23
N ARG A 39 3.43 1.53 4.27
CA ARG A 39 4.17 0.30 4.55
C ARG A 39 5.00 -0.09 3.35
N TYR A 40 4.50 0.23 2.18
CA TYR A 40 5.20 -0.05 0.93
C TYR A 40 6.54 0.59 0.94
N LEU A 41 6.57 1.84 1.30
CA LEU A 41 7.77 2.62 1.24
C LEU A 41 8.68 2.31 2.41
N HIS A 42 8.09 2.26 3.58
CA HIS A 42 8.82 2.00 4.80
C HIS A 42 9.56 0.66 4.74
N GLU A 43 8.91 -0.34 4.19
CA GLU A 43 9.50 -1.67 4.17
C GLU A 43 10.32 -1.93 2.91
N LEU A 44 10.01 -1.22 1.85
CA LEU A 44 10.78 -1.33 0.62
C LEU A 44 12.14 -0.72 0.81
N ASP A 45 12.18 0.40 1.54
CA ASP A 45 13.44 1.05 1.84
C ASP A 45 14.22 0.25 2.84
N ALA A 46 13.51 -0.46 3.70
CA ALA A 46 14.15 -1.29 4.70
C ALA A 46 14.79 -2.49 4.03
N GLN A 47 14.19 -2.89 2.93
CA GLN A 47 14.66 -4.03 2.18
C GLN A 47 15.86 -3.65 1.33
N LEU A 48 15.82 -2.43 0.82
CA LEU A 48 16.91 -1.89 0.02
C LEU A 48 18.17 -1.80 0.87
N LEU A 49 18.00 -1.26 2.06
CA LEU A 49 19.10 -1.12 3.01
C LEU A 49 19.64 -2.47 3.44
N THR A 50 18.77 -3.48 3.44
CA THR A 50 19.18 -4.84 3.79
C THR A 50 20.24 -5.34 2.79
N GLY A 51 20.14 -4.86 1.54
CA GLY A 51 21.07 -5.24 0.51
C GLY A 51 22.50 -4.84 0.84
N GLN A 52 22.66 -3.58 1.25
CA GLN A 52 23.98 -3.07 1.63
C GLN A 52 24.51 -3.83 2.85
N MET B 4 -11.07 -2.16 -13.91
CA MET B 4 -11.85 -1.67 -12.76
C MET B 4 -11.07 -0.58 -12.03
N LYS B 5 -11.50 0.66 -12.17
CA LYS B 5 -10.84 1.75 -11.50
C LYS B 5 -11.27 1.86 -10.04
N THR B 6 -10.35 1.53 -9.15
CA THR B 6 -10.63 1.56 -7.73
C THR B 6 -10.83 3.00 -7.27
N ALA B 7 -11.85 3.22 -6.47
CA ALA B 7 -12.14 4.52 -5.92
C ALA B 7 -11.78 4.53 -4.45
N ILE B 8 -10.65 5.09 -4.15
CA ILE B 8 -10.15 5.14 -2.83
C ILE B 8 -10.20 6.56 -2.36
N SER B 9 -10.55 6.75 -1.15
CA SER B 9 -10.67 8.06 -0.64
C SER B 9 -9.45 8.38 0.20
N LEU B 10 -8.55 9.10 -0.40
CA LEU B 10 -7.31 9.48 0.25
C LEU B 10 -7.19 10.99 0.37
N PRO B 11 -6.55 11.46 1.44
CA PRO B 11 -6.23 12.88 1.59
C PRO B 11 -5.25 13.32 0.50
N ASP B 12 -5.12 14.62 0.30
CA ASP B 12 -4.28 15.13 -0.78
C ASP B 12 -2.83 15.04 -0.40
N GLU B 13 -2.56 15.10 0.87
CA GLU B 13 -1.24 14.95 1.41
C GLU B 13 -0.73 13.53 1.18
N THR B 14 -1.63 12.57 1.32
CA THR B 14 -1.30 11.19 1.13
C THR B 14 -1.31 10.88 -0.35
N PHE B 15 -2.21 11.54 -1.08
CA PHE B 15 -2.26 11.38 -2.52
C PHE B 15 -0.94 11.84 -3.14
N ASP B 16 -0.39 12.89 -2.58
CA ASP B 16 0.88 13.46 -3.04
C ASP B 16 1.99 12.46 -2.80
N ARG B 17 1.89 11.76 -1.67
CA ARG B 17 2.88 10.80 -1.27
C ARG B 17 2.84 9.56 -2.15
N VAL B 18 1.64 9.14 -2.49
CA VAL B 18 1.44 7.99 -3.37
C VAL B 18 2.00 8.29 -4.73
N SER B 19 1.74 9.49 -5.18
CA SER B 19 2.17 9.90 -6.49
C SER B 19 3.70 10.06 -6.51
N ARG B 20 4.27 10.42 -5.37
CA ARG B 20 5.70 10.60 -5.23
C ARG B 20 6.42 9.24 -5.16
N ARG B 21 5.71 8.22 -4.69
CA ARG B 21 6.26 6.88 -4.59
C ARG B 21 6.26 6.25 -5.94
N ALA B 22 5.16 6.44 -6.63
CA ALA B 22 5.01 5.98 -7.99
C ALA B 22 6.07 6.65 -8.87
N SER B 23 6.36 7.90 -8.55
CA SER B 23 7.36 8.68 -9.26
C SER B 23 8.76 8.20 -8.92
N GLU B 24 8.93 7.75 -7.68
CA GLU B 24 10.20 7.22 -7.19
C GLU B 24 10.64 6.06 -8.07
N LEU B 25 9.69 5.25 -8.46
CA LEU B 25 9.96 4.09 -9.30
C LEU B 25 9.99 4.48 -10.76
N GLY B 26 9.09 5.36 -11.16
CA GLY B 26 9.02 5.77 -12.54
C GLY B 26 7.81 5.21 -13.23
N MET B 27 6.87 4.73 -12.44
CA MET B 27 5.64 4.19 -12.97
C MET B 27 4.50 5.12 -12.61
N SER B 28 3.29 4.76 -12.96
CA SER B 28 2.18 5.55 -12.59
C SER B 28 1.34 4.84 -11.54
N ARG B 29 0.38 5.54 -11.00
CA ARG B 29 -0.40 5.08 -9.85
C ARG B 29 -1.08 3.71 -10.07
N SER B 30 -1.51 3.40 -11.29
CA SER B 30 -2.16 2.11 -11.54
C SER B 30 -1.18 0.94 -11.35
N GLU B 31 -0.01 1.03 -11.97
CA GLU B 31 1.00 -0.01 -11.83
C GLU B 31 1.58 0.03 -10.43
N PHE B 32 1.62 1.24 -9.87
CA PHE B 32 2.12 1.43 -8.52
C PHE B 32 1.31 0.62 -7.50
N PHE B 33 -0.01 0.71 -7.58
CA PHE B 33 -0.87 0.02 -6.62
C PHE B 33 -0.88 -1.46 -6.91
N THR B 34 -0.55 -1.81 -8.13
CA THR B 34 -0.43 -3.19 -8.51
C THR B 34 0.79 -3.79 -7.82
N LYS B 35 1.88 -3.03 -7.81
CA LYS B 35 3.11 -3.48 -7.21
C LYS B 35 3.06 -3.32 -5.71
N ALA B 36 2.27 -2.40 -5.26
CA ALA B 36 2.13 -2.12 -3.84
C ALA B 36 1.31 -3.16 -3.17
N ALA B 37 0.28 -3.61 -3.84
CA ALA B 37 -0.58 -4.63 -3.28
C ALA B 37 0.19 -5.94 -3.12
N GLN B 38 1.05 -6.22 -4.10
CA GLN B 38 1.87 -7.42 -4.09
C GLN B 38 3.02 -7.28 -3.09
N ARG B 39 3.63 -6.10 -3.08
CA ARG B 39 4.76 -5.79 -2.20
C ARG B 39 4.30 -5.80 -0.76
N TYR B 40 3.11 -5.30 -0.57
CA TYR B 40 2.49 -5.20 0.74
C TYR B 40 2.37 -6.55 1.37
N LEU B 41 1.86 -7.50 0.62
CA LEU B 41 1.55 -8.79 1.17
C LEU B 41 2.78 -9.62 1.33
N HIS B 42 3.64 -9.58 0.35
CA HIS B 42 4.86 -10.36 0.36
C HIS B 42 5.76 -9.97 1.53
N GLU B 43 5.78 -8.68 1.82
CA GLU B 43 6.64 -8.17 2.87
C GLU B 43 5.93 -8.20 4.20
N LEU B 44 4.61 -8.16 4.17
CA LEU B 44 3.82 -8.27 5.39
C LEU B 44 4.00 -9.67 5.96
N ASP B 45 4.05 -10.65 5.08
CA ASP B 45 4.28 -12.02 5.51
C ASP B 45 5.69 -12.18 5.99
N ALA B 46 6.59 -11.40 5.42
CA ALA B 46 7.97 -11.43 5.81
C ALA B 46 8.15 -10.78 7.16
N GLN B 47 7.23 -9.88 7.46
CA GLN B 47 7.23 -9.16 8.73
C GLN B 47 6.65 -10.03 9.82
N LEU B 48 5.69 -10.86 9.43
CA LEU B 48 5.10 -11.82 10.35
C LEU B 48 6.15 -12.85 10.70
N LEU B 49 6.94 -13.20 9.69
CA LEU B 49 8.05 -14.13 9.86
C LEU B 49 9.08 -13.53 10.81
N THR B 50 9.20 -12.21 10.80
CA THR B 50 10.11 -11.50 11.69
C THR B 50 9.69 -11.74 13.14
N GLY B 51 8.41 -11.53 13.43
CA GLY B 51 7.89 -11.74 14.77
C GLY B 51 7.87 -13.20 15.18
N GLN B 52 7.71 -14.08 14.19
CA GLN B 52 7.66 -15.52 14.42
C GLN B 52 8.87 -16.02 15.20
N MET A 4 -9.69 13.32 -2.93
CA MET A 4 -8.86 13.06 -4.12
C MET A 4 -9.00 11.63 -4.55
N LYS A 5 -8.77 11.37 -5.80
CA LYS A 5 -8.82 10.02 -6.31
C LYS A 5 -7.47 9.60 -6.82
N THR A 6 -6.82 8.68 -6.13
CA THR A 6 -5.54 8.18 -6.57
C THR A 6 -5.71 7.34 -7.82
N ALA A 7 -5.19 7.84 -8.93
CA ALA A 7 -5.26 7.15 -10.19
C ALA A 7 -4.00 6.36 -10.41
N ILE A 8 -4.05 5.13 -10.00
CA ILE A 8 -2.93 4.24 -10.06
C ILE A 8 -3.02 3.35 -11.27
N SER A 9 -1.91 3.14 -11.95
CA SER A 9 -1.89 2.32 -13.10
C SER A 9 -1.55 0.90 -12.71
N LEU A 10 -2.58 0.10 -12.60
CA LEU A 10 -2.44 -1.28 -12.20
C LEU A 10 -3.15 -2.22 -13.17
N PRO A 11 -2.55 -3.38 -13.47
CA PRO A 11 -3.18 -4.41 -14.28
C PRO A 11 -4.46 -4.94 -13.60
N ASP A 12 -5.21 -5.75 -14.30
CA ASP A 12 -6.48 -6.25 -13.80
C ASP A 12 -6.25 -7.35 -12.80
N GLU A 13 -5.16 -8.04 -13.00
CA GLU A 13 -4.76 -9.10 -12.13
C GLU A 13 -4.22 -8.54 -10.82
N THR A 14 -3.60 -7.38 -10.91
CA THR A 14 -3.06 -6.71 -9.75
C THR A 14 -4.20 -6.03 -9.02
N PHE A 15 -5.16 -5.50 -9.80
CA PHE A 15 -6.34 -4.88 -9.24
C PHE A 15 -7.10 -5.91 -8.43
N ASP A 16 -7.19 -7.10 -9.01
CA ASP A 16 -7.85 -8.25 -8.39
C ASP A 16 -7.22 -8.56 -7.04
N ARG A 17 -5.90 -8.51 -7.00
CA ARG A 17 -5.13 -8.82 -5.81
C ARG A 17 -5.43 -7.81 -4.69
N VAL A 18 -5.57 -6.55 -5.06
CA VAL A 18 -5.88 -5.50 -4.12
C VAL A 18 -7.30 -5.63 -3.66
N SER A 19 -8.14 -6.08 -4.58
CA SER A 19 -9.53 -6.21 -4.30
C SER A 19 -9.76 -7.32 -3.28
N ARG A 20 -8.92 -8.34 -3.33
CA ARG A 20 -9.05 -9.44 -2.41
C ARG A 20 -8.42 -9.10 -1.06
N ARG A 21 -7.54 -8.12 -1.05
CA ARG A 21 -6.88 -7.70 0.19
C ARG A 21 -7.84 -6.89 1.00
N ALA A 22 -8.42 -5.90 0.35
CA ALA A 22 -9.42 -5.05 0.97
C ALA A 22 -10.59 -5.90 1.46
N SER A 23 -10.91 -6.94 0.69
CA SER A 23 -12.04 -7.82 1.01
C SER A 23 -11.63 -8.85 2.08
N GLU A 24 -10.36 -9.17 2.13
CA GLU A 24 -9.84 -10.13 3.10
C GLU A 24 -9.95 -9.56 4.50
N LEU A 25 -9.57 -8.31 4.61
CA LEU A 25 -9.63 -7.61 5.89
C LEU A 25 -11.05 -7.18 6.18
N GLY A 26 -11.77 -6.84 5.13
CA GLY A 26 -13.13 -6.39 5.28
C GLY A 26 -13.19 -4.89 5.39
N MET A 27 -12.31 -4.23 4.69
CA MET A 27 -12.25 -2.78 4.70
C MET A 27 -12.52 -2.23 3.31
N SER A 28 -12.72 -0.94 3.22
CA SER A 28 -12.94 -0.32 1.95
C SER A 28 -11.60 -0.02 1.31
N ARG A 29 -11.61 0.29 0.03
CA ARG A 29 -10.38 0.58 -0.68
C ARG A 29 -9.68 1.81 -0.10
N SER A 30 -10.48 2.78 0.35
CA SER A 30 -9.93 3.96 0.99
C SER A 30 -9.17 3.57 2.25
N GLU A 31 -9.82 2.78 3.10
CA GLU A 31 -9.21 2.32 4.32
C GLU A 31 -8.02 1.43 4.02
N PHE A 32 -8.16 0.56 3.01
CA PHE A 32 -7.08 -0.32 2.62
C PHE A 32 -5.81 0.44 2.29
N PHE A 33 -5.90 1.45 1.43
CA PHE A 33 -4.72 2.18 0.98
C PHE A 33 -4.20 3.07 2.10
N THR A 34 -5.08 3.49 2.96
CA THR A 34 -4.74 4.29 4.10
C THR A 34 -3.89 3.45 5.07
N LYS A 35 -4.33 2.23 5.28
CA LYS A 35 -3.67 1.34 6.22
C LYS A 35 -2.51 0.64 5.57
N ALA A 36 -2.53 0.60 4.26
CA ALA A 36 -1.45 -0.01 3.49
C ALA A 36 -0.30 0.91 3.46
N ALA A 37 -0.59 2.19 3.41
CA ALA A 37 0.44 3.19 3.40
C ALA A 37 1.15 3.18 4.75
N GLN A 38 0.38 2.90 5.80
CA GLN A 38 0.92 2.82 7.16
C GLN A 38 1.72 1.52 7.32
N ARG A 39 1.14 0.43 6.85
CA ARG A 39 1.74 -0.90 6.94
C ARG A 39 3.00 -0.97 6.13
N TYR A 40 2.96 -0.32 4.99
CA TYR A 40 4.08 -0.26 4.08
C TYR A 40 5.27 0.39 4.74
N LEU A 41 5.02 1.44 5.47
CA LEU A 41 6.08 2.18 6.09
C LEU A 41 6.52 1.51 7.36
N HIS A 42 5.66 0.66 7.87
CA HIS A 42 5.95 -0.11 9.06
C HIS A 42 6.87 -1.27 8.71
N GLU A 43 6.63 -1.88 7.55
CA GLU A 43 7.41 -3.01 7.11
C GLU A 43 8.72 -2.51 6.53
N LEU A 44 8.65 -1.31 5.96
CA LEU A 44 9.80 -0.65 5.39
C LEU A 44 10.71 -0.20 6.53
N ASP A 45 10.09 0.25 7.60
CA ASP A 45 10.82 0.66 8.79
C ASP A 45 11.45 -0.55 9.44
N ALA A 46 10.75 -1.67 9.37
CA ALA A 46 11.21 -2.90 9.98
C ALA A 46 12.31 -3.50 9.13
N GLN A 47 12.32 -3.13 7.88
CA GLN A 47 13.29 -3.63 6.93
C GLN A 47 14.62 -2.96 7.16
N LEU A 48 14.55 -1.65 7.40
CA LEU A 48 15.73 -0.85 7.64
C LEU A 48 16.31 -1.21 9.00
N LEU A 49 15.43 -1.41 9.95
CA LEU A 49 15.82 -1.77 11.30
C LEU A 49 16.50 -3.13 11.31
N THR A 50 15.91 -4.10 10.62
CA THR A 50 16.47 -5.44 10.55
C THR A 50 17.85 -5.44 9.89
N GLY A 51 17.97 -4.70 8.79
CA GLY A 51 19.22 -4.62 8.07
C GLY A 51 20.31 -3.90 8.85
N GLN A 52 19.90 -2.95 9.68
CA GLN A 52 20.83 -2.16 10.48
C GLN A 52 21.58 -3.03 11.48
N MET B 4 -4.90 -0.86 -16.55
CA MET B 4 -6.11 -0.37 -15.88
C MET B 4 -5.73 0.66 -14.83
N LYS B 5 -6.68 1.45 -14.40
CA LYS B 5 -6.41 2.45 -13.40
C LYS B 5 -7.31 2.23 -12.21
N THR B 6 -6.72 2.08 -11.03
CA THR B 6 -7.50 1.93 -9.83
C THR B 6 -7.99 3.30 -9.37
N ALA B 7 -9.17 3.33 -8.80
CA ALA B 7 -9.73 4.57 -8.29
C ALA B 7 -9.94 4.46 -6.82
N ILE B 8 -9.04 5.05 -6.08
CA ILE B 8 -9.09 5.04 -4.67
C ILE B 8 -9.42 6.41 -4.21
N SER B 9 -10.23 6.50 -3.23
CA SER B 9 -10.65 7.76 -2.76
C SER B 9 -9.89 8.11 -1.51
N LEU B 10 -8.90 8.92 -1.68
CA LEU B 10 -8.05 9.33 -0.61
C LEU B 10 -8.14 10.83 -0.37
N PRO B 11 -8.19 11.26 0.90
CA PRO B 11 -8.17 12.67 1.25
C PRO B 11 -6.86 13.36 0.82
N ASP B 12 -6.72 14.61 1.17
CA ASP B 12 -5.57 15.41 0.76
C ASP B 12 -4.39 15.08 1.62
N GLU B 13 -4.68 14.76 2.85
CA GLU B 13 -3.68 14.39 3.80
C GLU B 13 -3.10 13.04 3.46
N THR B 14 -3.97 12.10 3.20
CA THR B 14 -3.59 10.74 2.90
C THR B 14 -2.92 10.69 1.55
N PHE B 15 -3.43 11.47 0.60
CA PHE B 15 -2.84 11.51 -0.73
C PHE B 15 -1.44 12.08 -0.65
N ASP B 16 -1.25 13.03 0.24
CA ASP B 16 0.05 13.66 0.43
C ASP B 16 1.03 12.69 1.07
N ARG B 17 0.52 11.94 2.03
CA ARG B 17 1.32 10.99 2.78
C ARG B 17 1.81 9.86 1.87
N VAL B 18 0.97 9.43 0.97
CA VAL B 18 1.32 8.39 0.00
C VAL B 18 2.31 8.95 -0.97
N SER B 19 2.11 10.19 -1.35
CA SER B 19 2.96 10.81 -2.31
C SER B 19 4.36 11.03 -1.74
N ARG B 20 4.44 11.27 -0.44
CA ARG B 20 5.72 11.50 0.21
C ARG B 20 6.50 10.18 0.34
N ARG B 21 5.76 9.09 0.38
CA ARG B 21 6.37 7.77 0.52
C ARG B 21 6.92 7.35 -0.80
N ALA B 22 6.10 7.51 -1.81
CA ALA B 22 6.47 7.20 -3.18
C ALA B 22 7.65 8.05 -3.61
N SER B 23 7.67 9.30 -3.15
CA SER B 23 8.73 10.23 -3.51
C SER B 23 9.99 9.94 -2.70
N GLU B 24 9.81 9.43 -1.48
CA GLU B 24 10.93 9.06 -0.63
C GLU B 24 11.71 7.93 -1.28
N LEU B 25 10.98 6.94 -1.77
CA LEU B 25 11.58 5.80 -2.46
C LEU B 25 12.07 6.20 -3.83
N GLY B 26 11.37 7.13 -4.43
CA GLY B 26 11.74 7.58 -5.74
C GLY B 26 11.03 6.81 -6.82
N MET B 27 9.89 6.26 -6.48
CA MET B 27 9.08 5.51 -7.43
C MET B 27 7.84 6.30 -7.75
N SER B 28 7.12 5.87 -8.77
CA SER B 28 5.88 6.51 -9.10
C SER B 28 4.77 5.89 -8.27
N ARG B 29 3.66 6.57 -8.14
CA ARG B 29 2.55 6.08 -7.33
C ARG B 29 2.03 4.75 -7.87
N SER B 30 2.14 4.54 -9.17
CA SER B 30 1.75 3.29 -9.79
C SER B 30 2.61 2.13 -9.27
N GLU B 31 3.92 2.34 -9.31
CA GLU B 31 4.88 1.34 -8.81
C GLU B 31 4.73 1.22 -7.31
N PHE B 32 4.53 2.36 -6.66
CA PHE B 32 4.38 2.43 -5.23
C PHE B 32 3.27 1.52 -4.73
N PHE B 33 2.11 1.58 -5.38
CA PHE B 33 0.96 0.80 -4.93
C PHE B 33 1.10 -0.65 -5.33
N THR B 34 1.87 -0.88 -6.35
CA THR B 34 2.17 -2.23 -6.79
C THR B 34 2.97 -2.92 -5.70
N LYS B 35 3.99 -2.22 -5.25
CA LYS B 35 4.88 -2.75 -4.25
C LYS B 35 4.25 -2.69 -2.90
N ALA B 36 3.43 -1.70 -2.69
CA ALA B 36 2.76 -1.50 -1.40
C ALA B 36 1.78 -2.58 -1.15
N ALA B 37 1.10 -3.00 -2.18
CA ALA B 37 0.13 -4.05 -2.05
C ALA B 37 0.81 -5.35 -1.62
N GLN B 38 2.00 -5.57 -2.16
CA GLN B 38 2.75 -6.77 -1.84
C GLN B 38 3.48 -6.66 -0.50
N ARG B 39 4.00 -5.47 -0.18
CA ARG B 39 4.71 -5.26 1.08
C ARG B 39 3.72 -5.26 2.21
N TYR B 40 2.54 -4.78 1.92
CA TYR B 40 1.43 -4.76 2.86
C TYR B 40 1.11 -6.14 3.31
N LEU B 41 1.04 -7.04 2.35
CA LEU B 41 0.66 -8.39 2.63
C LEU B 41 1.82 -9.12 3.25
N HIS B 42 3.01 -8.68 2.94
CA HIS B 42 4.23 -9.21 3.52
C HIS B 42 4.25 -8.87 5.01
N GLU B 43 3.73 -7.72 5.34
CA GLU B 43 3.66 -7.24 6.71
C GLU B 43 2.54 -7.96 7.44
N LEU B 44 1.39 -7.95 6.82
CA LEU B 44 0.18 -8.54 7.37
C LEU B 44 0.35 -10.03 7.61
N ASP B 45 1.02 -10.69 6.69
CA ASP B 45 1.25 -12.13 6.77
C ASP B 45 2.25 -12.44 7.86
N ALA B 46 3.19 -11.54 8.05
CA ALA B 46 4.22 -11.76 9.04
C ALA B 46 3.74 -11.34 10.40
N GLN B 47 2.77 -10.46 10.40
CA GLN B 47 2.24 -9.90 11.62
C GLN B 47 1.24 -10.84 12.23
N LEU B 48 0.51 -11.55 11.39
CA LEU B 48 -0.44 -12.54 11.83
C LEU B 48 0.33 -13.72 12.41
N LEU B 49 1.46 -14.01 11.78
CA LEU B 49 2.33 -15.08 12.22
C LEU B 49 2.97 -14.73 13.56
N THR B 50 3.40 -13.47 13.68
CA THR B 50 4.01 -12.97 14.91
C THR B 50 3.00 -13.02 16.08
N GLY B 51 1.72 -13.09 15.74
CA GLY B 51 0.67 -13.13 16.74
C GLY B 51 0.83 -14.27 17.72
N GLN B 52 1.12 -15.46 17.21
CA GLN B 52 1.34 -16.63 18.05
C GLN B 52 2.56 -16.46 18.95
N MET A 4 -9.73 13.31 -1.49
CA MET A 4 -9.18 13.24 -2.85
C MET A 4 -9.08 11.77 -3.29
N LYS A 5 -9.89 11.39 -4.25
CA LYS A 5 -9.88 10.03 -4.77
C LYS A 5 -8.65 9.81 -5.64
N THR A 6 -7.69 9.07 -5.12
CA THR A 6 -6.47 8.81 -5.85
C THR A 6 -6.74 7.91 -7.05
N ALA A 7 -6.08 8.18 -8.15
CA ALA A 7 -6.21 7.38 -9.33
C ALA A 7 -4.88 6.72 -9.64
N ILE A 8 -4.74 5.51 -9.18
CA ILE A 8 -3.53 4.77 -9.35
C ILE A 8 -3.66 3.80 -10.50
N SER A 9 -2.75 3.87 -11.43
CA SER A 9 -2.82 3.02 -12.57
C SER A 9 -2.17 1.70 -12.28
N LEU A 10 -2.99 0.75 -11.92
CA LEU A 10 -2.55 -0.58 -11.60
C LEU A 10 -3.02 -1.59 -12.62
N PRO A 11 -2.25 -2.66 -12.83
CA PRO A 11 -2.70 -3.77 -13.66
C PRO A 11 -3.98 -4.36 -13.09
N ASP A 12 -4.74 -5.02 -13.90
CA ASP A 12 -6.04 -5.52 -13.50
C ASP A 12 -5.85 -6.77 -12.67
N GLU A 13 -4.73 -7.42 -12.91
CA GLU A 13 -4.34 -8.58 -12.17
C GLU A 13 -3.92 -8.17 -10.77
N THR A 14 -3.32 -7.00 -10.69
CA THR A 14 -2.88 -6.45 -9.43
C THR A 14 -4.08 -5.93 -8.69
N PHE A 15 -5.00 -5.29 -9.42
CA PHE A 15 -6.23 -4.80 -8.83
C PHE A 15 -7.00 -5.96 -8.22
N ASP A 16 -7.03 -7.02 -8.97
CA ASP A 16 -7.68 -8.27 -8.58
C ASP A 16 -7.15 -8.76 -7.25
N ARG A 17 -5.84 -8.73 -7.11
CA ARG A 17 -5.19 -9.23 -5.92
C ARG A 17 -5.34 -8.27 -4.73
N VAL A 18 -5.43 -6.97 -5.02
CA VAL A 18 -5.68 -5.97 -3.98
C VAL A 18 -7.06 -6.16 -3.47
N SER A 19 -7.94 -6.52 -4.36
CA SER A 19 -9.31 -6.73 -4.01
C SER A 19 -9.44 -7.96 -3.13
N ARG A 20 -8.56 -8.92 -3.35
CA ARG A 20 -8.55 -10.15 -2.56
C ARG A 20 -8.07 -9.86 -1.13
N ARG A 21 -7.30 -8.81 -0.97
CA ARG A 21 -6.75 -8.45 0.33
C ARG A 21 -7.80 -7.72 1.13
N ALA A 22 -8.31 -6.68 0.52
CA ALA A 22 -9.31 -5.83 1.13
C ALA A 22 -10.58 -6.60 1.46
N SER A 23 -10.97 -7.50 0.57
CA SER A 23 -12.20 -8.24 0.76
C SER A 23 -12.04 -9.33 1.81
N GLU A 24 -10.84 -9.89 1.91
CA GLU A 24 -10.60 -10.94 2.89
C GLU A 24 -10.40 -10.33 4.27
N LEU A 25 -9.87 -9.12 4.30
CA LEU A 25 -9.74 -8.37 5.53
C LEU A 25 -11.10 -7.94 6.01
N GLY A 26 -11.99 -7.72 5.05
CA GLY A 26 -13.34 -7.31 5.38
C GLY A 26 -13.47 -5.82 5.46
N MET A 27 -12.53 -5.12 4.85
CA MET A 27 -12.52 -3.68 4.87
C MET A 27 -12.69 -3.13 3.47
N SER A 28 -12.61 -1.83 3.36
CA SER A 28 -12.77 -1.19 2.08
C SER A 28 -11.40 -0.94 1.47
N ARG A 29 -11.35 -0.72 0.18
CA ARG A 29 -10.09 -0.52 -0.53
C ARG A 29 -9.38 0.74 -0.02
N SER A 30 -10.17 1.75 0.32
CA SER A 30 -9.63 2.98 0.88
C SER A 30 -9.01 2.72 2.25
N GLU A 31 -9.69 1.91 3.06
CA GLU A 31 -9.19 1.55 4.38
C GLU A 31 -7.94 0.70 4.22
N PHE A 32 -7.96 -0.20 3.24
CA PHE A 32 -6.83 -1.04 2.94
C PHE A 32 -5.59 -0.21 2.61
N PHE A 33 -5.79 0.86 1.83
CA PHE A 33 -4.68 1.71 1.41
C PHE A 33 -4.20 2.54 2.60
N THR A 34 -5.12 2.84 3.46
CA THR A 34 -4.83 3.60 4.66
C THR A 34 -3.91 2.79 5.56
N LYS A 35 -4.25 1.52 5.71
CA LYS A 35 -3.48 0.64 6.56
C LYS A 35 -2.23 0.18 5.86
N ALA A 36 -2.28 0.16 4.57
CA ALA A 36 -1.14 -0.24 3.76
C ALA A 36 -0.09 0.79 3.83
N ALA A 37 -0.50 2.04 3.84
CA ALA A 37 0.41 3.15 3.91
C ALA A 37 1.19 3.10 5.23
N GLN A 38 0.48 2.68 6.29
CA GLN A 38 1.08 2.56 7.63
C GLN A 38 1.99 1.33 7.70
N ARG A 39 1.53 0.22 7.14
CA ARG A 39 2.30 -1.03 7.15
C ARG A 39 3.54 -0.86 6.30
N TYR A 40 3.37 -0.10 5.25
CA TYR A 40 4.41 0.19 4.28
C TYR A 40 5.59 0.86 4.96
N LEU A 41 5.30 1.73 5.91
CA LEU A 41 6.34 2.43 6.66
C LEU A 41 7.11 1.44 7.52
N HIS A 42 6.36 0.60 8.24
CA HIS A 42 6.97 -0.36 9.17
C HIS A 42 7.78 -1.40 8.40
N GLU A 43 7.35 -1.67 7.19
CA GLU A 43 7.99 -2.67 6.36
C GLU A 43 9.31 -2.14 5.82
N LEU A 44 9.27 -0.93 5.27
CA LEU A 44 10.46 -0.32 4.70
C LEU A 44 11.50 -0.04 5.75
N ASP A 45 11.06 0.30 6.95
CA ASP A 45 11.99 0.58 8.03
C ASP A 45 12.70 -0.68 8.46
N ALA A 46 12.03 -1.80 8.31
CA ALA A 46 12.62 -3.08 8.68
C ALA A 46 13.68 -3.47 7.67
N GLN A 47 13.51 -2.99 6.46
CA GLN A 47 14.44 -3.31 5.38
C GLN A 47 15.66 -2.43 5.45
N LEU A 48 15.44 -1.19 5.85
CA LEU A 48 16.55 -0.25 6.02
C LEU A 48 17.38 -0.68 7.21
N LEU A 49 16.70 -1.24 8.20
CA LEU A 49 17.35 -1.74 9.40
C LEU A 49 18.15 -3.01 9.08
N THR A 50 17.70 -3.75 8.09
CA THR A 50 18.38 -4.96 7.67
C THR A 50 19.79 -4.65 7.16
N GLY A 51 19.87 -3.71 6.22
CA GLY A 51 21.15 -3.30 5.67
C GLY A 51 22.04 -2.58 6.67
N GLN A 52 21.42 -1.97 7.67
CA GLN A 52 22.13 -1.23 8.71
C GLN A 52 23.08 -2.15 9.48
N MET B 4 -6.37 -1.09 -14.60
CA MET B 4 -7.46 -0.53 -13.79
C MET B 4 -6.92 0.54 -12.85
N LYS B 5 -7.47 1.73 -12.91
CA LYS B 5 -7.08 2.80 -12.02
C LYS B 5 -7.80 2.64 -10.69
N THR B 6 -7.05 2.26 -9.66
CA THR B 6 -7.64 2.01 -8.37
C THR B 6 -8.14 3.30 -7.74
N ALA B 7 -9.44 3.36 -7.54
CA ALA B 7 -10.07 4.49 -6.94
C ALA B 7 -10.06 4.35 -5.44
N ILE B 8 -9.12 4.99 -4.85
CA ILE B 8 -8.96 4.99 -3.45
C ILE B 8 -9.48 6.29 -2.95
N SER B 9 -10.22 6.26 -1.92
CA SER B 9 -10.74 7.47 -1.42
C SER B 9 -9.93 7.89 -0.23
N LEU B 10 -9.02 8.77 -0.48
CA LEU B 10 -8.10 9.22 0.52
C LEU B 10 -8.29 10.68 0.85
N PRO B 11 -8.29 11.02 2.15
CA PRO B 11 -8.32 12.41 2.59
C PRO B 11 -7.16 13.20 1.98
N ASP B 12 -7.25 14.51 2.01
CA ASP B 12 -6.23 15.38 1.40
C ASP B 12 -4.96 15.29 2.20
N GLU B 13 -5.12 14.99 3.47
CA GLU B 13 -4.03 14.79 4.36
C GLU B 13 -3.32 13.49 4.00
N THR B 14 -4.11 12.45 3.90
CA THR B 14 -3.62 11.14 3.61
C THR B 14 -3.06 11.06 2.21
N PHE B 15 -3.73 11.75 1.28
CA PHE B 15 -3.25 11.78 -0.10
C PHE B 15 -1.87 12.43 -0.14
N ASP B 16 -1.72 13.47 0.65
CA ASP B 16 -0.48 14.22 0.74
C ASP B 16 0.62 13.35 1.33
N ARG B 17 0.22 12.47 2.20
CA ARG B 17 1.13 11.58 2.89
C ARG B 17 1.56 10.41 2.02
N VAL B 18 0.67 9.95 1.17
CA VAL B 18 0.98 8.87 0.22
C VAL B 18 1.92 9.40 -0.81
N SER B 19 1.68 10.60 -1.25
CA SER B 19 2.53 11.19 -2.22
C SER B 19 3.87 11.54 -1.60
N ARG B 20 3.85 11.82 -0.30
CA ARG B 20 5.07 12.13 0.45
C ARG B 20 5.99 10.91 0.51
N ARG B 21 5.39 9.72 0.42
CA ARG B 21 6.14 8.48 0.48
C ARG B 21 6.66 8.15 -0.90
N ALA B 22 5.75 8.17 -1.86
CA ALA B 22 6.07 7.88 -3.26
C ALA B 22 7.14 8.83 -3.78
N SER B 23 7.10 10.06 -3.32
CA SER B 23 8.08 11.05 -3.74
C SER B 23 9.40 10.88 -2.99
N GLU B 24 9.29 10.41 -1.75
CA GLU B 24 10.46 10.17 -0.92
C GLU B 24 11.25 9.01 -1.47
N LEU B 25 10.53 8.01 -1.94
CA LEU B 25 11.11 6.82 -2.46
C LEU B 25 11.73 7.08 -3.81
N GLY B 26 11.07 7.93 -4.59
CA GLY B 26 11.56 8.27 -5.90
C GLY B 26 10.89 7.47 -7.00
N MET B 27 9.66 7.05 -6.75
CA MET B 27 8.92 6.27 -7.74
C MET B 27 7.56 6.90 -8.05
N SER B 28 6.76 6.20 -8.83
CA SER B 28 5.44 6.66 -9.19
C SER B 28 4.43 6.15 -8.19
N ARG B 29 3.27 6.78 -8.14
CA ARG B 29 2.21 6.36 -7.25
C ARG B 29 1.68 4.99 -7.68
N SER B 30 1.79 4.71 -8.98
CA SER B 30 1.39 3.43 -9.51
C SER B 30 2.31 2.33 -8.99
N GLU B 31 3.61 2.59 -9.06
CA GLU B 31 4.60 1.66 -8.57
C GLU B 31 4.54 1.59 -7.05
N PHE B 32 4.18 2.70 -6.44
CA PHE B 32 4.00 2.78 -4.99
C PHE B 32 3.02 1.74 -4.48
N PHE B 33 1.85 1.67 -5.10
CA PHE B 33 0.79 0.76 -4.68
C PHE B 33 1.15 -0.67 -5.04
N THR B 34 1.91 -0.80 -6.10
CA THR B 34 2.38 -2.08 -6.55
C THR B 34 3.37 -2.63 -5.52
N LYS B 35 4.22 -1.75 -5.04
CA LYS B 35 5.24 -2.08 -4.09
C LYS B 35 4.61 -2.30 -2.73
N ALA B 36 3.59 -1.55 -2.46
CA ALA B 36 2.91 -1.61 -1.17
C ALA B 36 2.16 -2.87 -1.01
N ALA B 37 1.51 -3.30 -2.06
CA ALA B 37 0.72 -4.49 -2.01
C ALA B 37 1.61 -5.71 -1.74
N GLN B 38 2.79 -5.69 -2.34
CA GLN B 38 3.76 -6.77 -2.20
C GLN B 38 4.41 -6.74 -0.81
N ARG B 39 4.79 -5.55 -0.36
CA ARG B 39 5.46 -5.43 0.92
C ARG B 39 4.47 -5.60 2.05
N TYR B 40 3.22 -5.30 1.77
CA TYR B 40 2.13 -5.49 2.71
C TYR B 40 2.02 -6.95 3.09
N LEU B 41 2.23 -7.81 2.10
CA LEU B 41 2.20 -9.25 2.32
C LEU B 41 3.34 -9.65 3.23
N HIS B 42 4.51 -9.10 2.96
CA HIS B 42 5.69 -9.40 3.76
C HIS B 42 5.53 -8.86 5.18
N GLU B 43 4.78 -7.78 5.31
CA GLU B 43 4.56 -7.15 6.60
C GLU B 43 3.69 -8.05 7.45
N LEU B 44 2.65 -8.60 6.83
CA LEU B 44 1.74 -9.51 7.53
C LEU B 44 2.42 -10.83 7.80
N ASP B 45 3.34 -11.21 6.94
CA ASP B 45 4.07 -12.45 7.10
C ASP B 45 5.00 -12.34 8.31
N ALA B 46 5.51 -11.14 8.53
CA ALA B 46 6.37 -10.88 9.66
C ALA B 46 5.53 -10.86 10.91
N GLN B 47 4.27 -10.52 10.74
CA GLN B 47 3.33 -10.47 11.84
C GLN B 47 2.88 -11.87 12.18
N LEU B 48 2.90 -12.75 11.20
CA LEU B 48 2.52 -14.14 11.39
C LEU B 48 3.50 -14.81 12.33
N LEU B 49 4.75 -14.41 12.20
CA LEU B 49 5.79 -14.92 13.06
C LEU B 49 5.70 -14.28 14.43
N THR B 50 5.49 -12.96 14.45
CA THR B 50 5.37 -12.20 15.69
C THR B 50 4.13 -12.62 16.50
N GLY B 51 3.03 -12.85 15.78
CA GLY B 51 1.75 -13.18 16.41
C GLY B 51 1.71 -14.52 17.11
N GLN B 52 2.71 -15.36 16.84
CA GLN B 52 2.78 -16.68 17.48
C GLN B 52 2.91 -16.53 18.98
N MET A 4 -12.07 11.99 -0.12
CA MET A 4 -11.53 12.18 -1.47
C MET A 4 -11.22 10.86 -2.11
N LYS A 5 -11.12 10.86 -3.41
CA LYS A 5 -10.75 9.66 -4.13
C LYS A 5 -9.40 9.88 -4.78
N THR A 6 -8.38 9.20 -4.28
CA THR A 6 -7.06 9.36 -4.82
C THR A 6 -7.00 8.78 -6.23
N ALA A 7 -6.62 9.62 -7.17
CA ALA A 7 -6.52 9.23 -8.56
C ALA A 7 -5.11 8.83 -8.88
N ILE A 8 -4.90 7.55 -8.95
CA ILE A 8 -3.62 6.99 -9.25
C ILE A 8 -3.63 6.44 -10.65
N SER A 9 -2.63 6.76 -11.42
CA SER A 9 -2.59 6.29 -12.76
C SER A 9 -1.73 5.05 -12.86
N LEU A 10 -2.39 3.93 -12.85
CA LEU A 10 -1.73 2.64 -12.91
C LEU A 10 -2.04 1.91 -14.20
N PRO A 11 -1.11 1.05 -14.65
CA PRO A 11 -1.33 0.18 -15.81
C PRO A 11 -2.47 -0.82 -15.53
N ASP A 12 -2.74 -1.68 -16.50
CA ASP A 12 -3.84 -2.62 -16.41
C ASP A 12 -3.39 -3.89 -15.72
N GLU A 13 -2.17 -4.27 -15.99
CA GLU A 13 -1.58 -5.44 -15.40
C GLU A 13 -1.20 -5.19 -13.94
N THR A 14 -0.82 -3.96 -13.66
CA THR A 14 -0.49 -3.56 -12.32
C THR A 14 -1.77 -3.49 -11.51
N PHE A 15 -2.82 -3.01 -12.17
CA PHE A 15 -4.13 -2.95 -11.55
C PHE A 15 -4.61 -4.35 -11.26
N ASP A 16 -4.35 -5.22 -12.19
CA ASP A 16 -4.70 -6.65 -12.07
C ASP A 16 -4.06 -7.25 -10.84
N ARG A 17 -2.84 -6.84 -10.60
CA ARG A 17 -2.07 -7.34 -9.49
C ARG A 17 -2.62 -6.83 -8.16
N VAL A 18 -2.91 -5.54 -8.08
CA VAL A 18 -3.47 -4.92 -6.87
C VAL A 18 -4.83 -5.47 -6.58
N SER A 19 -5.62 -5.63 -7.62
CA SER A 19 -6.97 -6.09 -7.44
C SER A 19 -6.96 -7.54 -7.00
N ARG A 20 -5.96 -8.28 -7.46
CA ARG A 20 -5.82 -9.67 -7.10
C ARG A 20 -5.42 -9.81 -5.63
N ARG A 21 -4.72 -8.81 -5.11
CA ARG A 21 -4.24 -8.86 -3.72
C ARG A 21 -5.39 -8.60 -2.82
N ALA A 22 -6.13 -7.55 -3.14
CA ALA A 22 -7.30 -7.15 -2.39
C ALA A 22 -8.30 -8.30 -2.36
N SER A 23 -8.41 -8.99 -3.49
CA SER A 23 -9.35 -10.09 -3.60
C SER A 23 -8.88 -11.34 -2.86
N GLU A 24 -7.56 -11.55 -2.85
CA GLU A 24 -7.00 -12.71 -2.16
C GLU A 24 -7.02 -12.51 -0.66
N LEU A 25 -6.76 -11.29 -0.23
CA LEU A 25 -6.77 -10.96 1.19
C LEU A 25 -8.19 -10.98 1.73
N GLY A 26 -9.14 -10.62 0.88
CA GLY A 26 -10.53 -10.59 1.29
C GLY A 26 -10.96 -9.19 1.66
N MET A 27 -10.28 -8.22 1.12
CA MET A 27 -10.55 -6.81 1.39
C MET A 27 -10.86 -6.09 0.09
N SER A 28 -10.98 -4.80 0.16
CA SER A 28 -11.19 -4.00 -1.03
C SER A 28 -9.97 -3.14 -1.30
N ARG A 29 -9.95 -2.48 -2.44
CA ARG A 29 -8.82 -1.64 -2.84
C ARG A 29 -8.67 -0.48 -1.87
N SER A 30 -9.79 -0.04 -1.31
CA SER A 30 -9.80 1.03 -0.33
C SER A 30 -8.95 0.64 0.89
N GLU A 31 -9.28 -0.49 1.50
CA GLU A 31 -8.54 -0.97 2.67
C GLU A 31 -7.15 -1.38 2.28
N PHE A 32 -6.99 -1.88 1.05
CA PHE A 32 -5.70 -2.30 0.56
C PHE A 32 -4.67 -1.18 0.62
N PHE A 33 -5.04 -0.01 0.11
CA PHE A 33 -4.12 1.12 0.04
C PHE A 33 -4.02 1.80 1.39
N THR A 34 -5.04 1.63 2.19
CA THR A 34 -5.04 2.16 3.53
C THR A 34 -4.01 1.41 4.37
N LYS A 35 -4.01 0.10 4.21
CA LYS A 35 -3.10 -0.75 4.93
C LYS A 35 -1.73 -0.69 4.33
N ALA A 36 -1.70 -0.47 3.05
CA ALA A 36 -0.44 -0.40 2.32
C ALA A 36 0.31 0.82 2.68
N ALA A 37 -0.40 1.91 2.84
CA ALA A 37 0.23 3.15 3.18
C ALA A 37 0.91 3.07 4.55
N GLN A 38 0.19 2.47 5.49
CA GLN A 38 0.68 2.33 6.85
C GLN A 38 1.84 1.32 6.92
N ARG A 39 1.69 0.22 6.21
CA ARG A 39 2.72 -0.83 6.25
C ARG A 39 3.89 -0.45 5.37
N TYR A 40 3.63 0.43 4.43
CA TYR A 40 4.67 0.99 3.58
C TYR A 40 5.69 1.66 4.43
N LEU A 41 5.21 2.36 5.42
CA LEU A 41 6.07 3.10 6.31
C LEU A 41 6.87 2.15 7.17
N HIS A 42 6.24 1.07 7.58
CA HIS A 42 6.92 0.03 8.36
C HIS A 42 8.00 -0.64 7.53
N GLU A 43 7.72 -0.79 6.25
CA GLU A 43 8.64 -1.42 5.30
C GLU A 43 9.79 -0.45 5.01
N LEU A 44 9.45 0.80 4.93
CA LEU A 44 10.39 1.86 4.68
C LEU A 44 11.33 1.99 5.87
N ASP A 45 10.77 1.79 7.05
CA ASP A 45 11.51 1.86 8.29
C ASP A 45 12.34 0.62 8.47
N ALA A 46 11.82 -0.49 7.99
CA ALA A 46 12.48 -1.76 8.15
C ALA A 46 13.68 -1.85 7.26
N GLN A 47 13.61 -1.15 6.15
CA GLN A 47 14.68 -1.18 5.18
C GLN A 47 15.83 -0.31 5.63
N LEU A 48 15.50 0.79 6.28
CA LEU A 48 16.48 1.73 6.75
C LEU A 48 17.20 1.17 7.96
N LEU A 49 16.45 0.48 8.80
CA LEU A 49 16.99 -0.12 10.00
C LEU A 49 17.89 -1.31 9.64
N THR A 50 17.43 -2.13 8.69
CA THR A 50 18.19 -3.32 8.26
C THR A 50 19.56 -2.94 7.66
N GLY A 51 19.68 -1.69 7.24
CA GLY A 51 20.94 -1.22 6.70
C GLY A 51 22.07 -1.26 7.73
N GLN A 52 21.71 -1.01 8.98
CA GLN A 52 22.66 -1.06 10.09
C GLN A 52 23.21 -2.47 10.30
N MET B 4 -5.41 2.56 -16.14
CA MET B 4 -6.30 2.27 -15.00
C MET B 4 -6.09 3.26 -13.88
N LYS B 5 -7.02 4.19 -13.75
CA LYS B 5 -6.97 5.16 -12.69
C LYS B 5 -7.59 4.57 -11.44
N THR B 6 -6.76 4.10 -10.52
CA THR B 6 -7.27 3.50 -9.31
C THR B 6 -7.87 4.57 -8.42
N ALA B 7 -9.08 4.33 -7.97
CA ALA B 7 -9.77 5.25 -7.11
C ALA B 7 -9.86 4.67 -5.72
N ILE B 8 -9.08 5.22 -4.85
CA ILE B 8 -9.04 4.83 -3.49
C ILE B 8 -9.86 5.80 -2.73
N SER B 9 -10.55 5.35 -1.76
CA SER B 9 -11.36 6.21 -1.02
C SER B 9 -10.64 6.60 0.26
N LEU B 10 -10.04 7.74 0.22
CA LEU B 10 -9.22 8.23 1.31
C LEU B 10 -9.63 9.64 1.75
N PRO B 11 -9.64 9.89 3.07
CA PRO B 11 -9.89 11.22 3.62
C PRO B 11 -8.83 12.23 3.15
N ASP B 12 -8.95 13.48 3.55
CA ASP B 12 -8.05 14.52 3.07
C ASP B 12 -6.77 14.51 3.86
N GLU B 13 -6.86 14.14 5.10
CA GLU B 13 -5.72 14.01 5.95
C GLU B 13 -4.90 12.81 5.55
N THR B 14 -5.59 11.76 5.15
CA THR B 14 -4.95 10.55 4.71
C THR B 14 -4.35 10.78 3.34
N PHE B 15 -5.06 11.54 2.51
CA PHE B 15 -4.56 11.88 1.19
C PHE B 15 -3.31 12.74 1.32
N ASP B 16 -3.33 13.62 2.33
CA ASP B 16 -2.22 14.51 2.61
C ASP B 16 -1.00 13.71 3.00
N ARG B 17 -1.25 12.63 3.72
CA ARG B 17 -0.19 11.78 4.21
C ARG B 17 0.39 10.87 3.13
N VAL B 18 -0.48 10.31 2.30
CA VAL B 18 -0.03 9.45 1.18
C VAL B 18 0.82 10.26 0.25
N SER B 19 0.41 11.49 0.02
CA SER B 19 1.14 12.34 -0.86
C SER B 19 2.48 12.72 -0.23
N ARG B 20 2.50 12.73 1.10
CA ARG B 20 3.70 13.05 1.86
C ARG B 20 4.64 11.83 1.89
N ARG B 21 4.08 10.64 1.76
CA ARG B 21 4.88 9.42 1.74
C ARG B 21 5.56 9.33 0.41
N ALA B 22 4.81 9.65 -0.62
CA ALA B 22 5.32 9.69 -1.97
C ALA B 22 6.41 10.74 -2.09
N SER B 23 6.32 11.77 -1.26
CA SER B 23 7.30 12.85 -1.26
C SER B 23 8.59 12.39 -0.58
N GLU B 24 8.46 11.42 0.33
CA GLU B 24 9.61 10.88 1.04
C GLU B 24 10.57 10.23 0.06
N LEU B 25 10.01 9.53 -0.92
CA LEU B 25 10.83 8.90 -1.95
C LEU B 25 11.08 9.85 -3.09
N GLY B 26 10.12 10.72 -3.34
CA GLY B 26 10.24 11.67 -4.43
C GLY B 26 9.49 11.19 -5.65
N MET B 27 8.56 10.31 -5.42
CA MET B 27 7.74 9.74 -6.47
C MET B 27 6.40 10.43 -6.54
N SER B 28 5.71 10.20 -7.63
CA SER B 28 4.36 10.67 -7.76
C SER B 28 3.47 9.62 -7.13
N ARG B 29 2.26 9.98 -6.77
CA ARG B 29 1.35 9.05 -6.12
C ARG B 29 1.13 7.79 -6.96
N SER B 30 1.19 7.96 -8.28
CA SER B 30 1.04 6.84 -9.20
C SER B 30 2.21 5.87 -9.06
N GLU B 31 3.42 6.38 -9.18
CA GLU B 31 4.61 5.57 -9.03
C GLU B 31 4.75 5.13 -7.59
N PHE B 32 4.17 5.90 -6.68
CA PHE B 32 4.17 5.56 -5.27
C PHE B 32 3.37 4.30 -5.01
N PHE B 33 2.22 4.18 -5.66
CA PHE B 33 1.36 3.00 -5.48
C PHE B 33 2.00 1.82 -6.17
N THR B 34 2.79 2.11 -7.16
CA THR B 34 3.53 1.11 -7.88
C THR B 34 4.65 0.58 -6.99
N LYS B 35 5.29 1.51 -6.29
CA LYS B 35 6.39 1.20 -5.41
C LYS B 35 5.87 0.58 -4.13
N ALA B 36 4.67 0.97 -3.78
CA ALA B 36 4.01 0.51 -2.57
C ALA B 36 3.52 -0.86 -2.76
N ALA B 37 3.08 -1.17 -3.94
CA ALA B 37 2.57 -2.47 -4.23
C ALA B 37 3.69 -3.50 -4.10
N GLN B 38 4.86 -3.14 -4.61
CA GLN B 38 6.02 -4.02 -4.55
C GLN B 38 6.57 -4.09 -3.13
N ARG B 39 6.59 -2.95 -2.45
CA ARG B 39 7.06 -2.88 -1.06
C ARG B 39 6.10 -3.62 -0.15
N TYR B 40 4.83 -3.57 -0.52
CA TYR B 40 3.77 -4.22 0.23
C TYR B 40 3.99 -5.72 0.25
N LEU B 41 4.58 -6.23 -0.82
CA LEU B 41 4.86 -7.65 -0.90
C LEU B 41 6.10 -8.00 -0.15
N HIS B 42 7.00 -7.06 -0.02
CA HIS B 42 8.21 -7.27 0.76
C HIS B 42 7.84 -7.35 2.24
N GLU B 43 6.87 -6.53 2.60
CA GLU B 43 6.36 -6.47 3.97
C GLU B 43 5.52 -7.72 4.25
N LEU B 44 4.61 -7.99 3.35
CA LEU B 44 3.67 -9.09 3.46
C LEU B 44 4.40 -10.44 3.46
N ASP B 45 5.40 -10.54 2.62
CA ASP B 45 6.16 -11.79 2.50
C ASP B 45 7.06 -12.00 3.70
N ALA B 46 7.54 -10.90 4.24
CA ALA B 46 8.47 -10.96 5.36
C ALA B 46 7.72 -11.14 6.66
N GLN B 47 6.44 -10.90 6.61
CA GLN B 47 5.60 -11.05 7.78
C GLN B 47 5.03 -12.45 7.85
N LEU B 48 4.81 -13.05 6.69
CA LEU B 48 4.20 -14.36 6.60
C LEU B 48 5.17 -15.45 7.03
N LEU B 49 6.20 -15.66 6.23
CA LEU B 49 7.18 -16.72 6.50
C LEU B 49 7.92 -16.50 7.81
N THR B 50 8.34 -15.27 8.09
CA THR B 50 9.07 -14.97 9.31
C THR B 50 8.21 -15.22 10.56
N GLY B 51 6.97 -14.72 10.53
CA GLY B 51 6.06 -14.86 11.65
C GLY B 51 5.60 -16.29 11.90
N GLN B 52 5.45 -17.06 10.83
CA GLN B 52 4.98 -18.45 10.91
C GLN B 52 5.94 -19.33 11.72
N MET A 4 -10.06 12.89 -0.37
CA MET A 4 -9.32 12.83 -1.65
C MET A 4 -9.28 11.40 -2.16
N LYS A 5 -10.16 11.08 -3.11
CA LYS A 5 -10.16 9.75 -3.70
C LYS A 5 -9.01 9.64 -4.69
N THR A 6 -7.97 8.94 -4.28
CA THR A 6 -6.78 8.81 -5.09
C THR A 6 -7.04 7.95 -6.32
N ALA A 7 -6.64 8.47 -7.46
CA ALA A 7 -6.75 7.76 -8.70
C ALA A 7 -5.42 7.15 -9.04
N ILE A 8 -5.27 5.91 -8.69
CA ILE A 8 -4.03 5.20 -8.86
C ILE A 8 -4.06 4.36 -10.11
N SER A 9 -3.08 4.58 -10.94
CA SER A 9 -3.00 3.88 -12.17
C SER A 9 -2.42 2.51 -11.96
N LEU A 10 -3.29 1.55 -11.88
CA LEU A 10 -2.91 0.18 -11.68
C LEU A 10 -3.41 -0.72 -12.80
N PRO A 11 -2.61 -1.74 -13.17
CA PRO A 11 -3.01 -2.74 -14.16
C PRO A 11 -4.24 -3.54 -13.70
N ASP A 12 -4.78 -4.35 -14.58
CA ASP A 12 -6.00 -5.10 -14.30
C ASP A 12 -5.69 -6.32 -13.47
N GLU A 13 -4.52 -6.86 -13.69
CA GLU A 13 -4.05 -8.01 -12.98
C GLU A 13 -3.70 -7.63 -11.54
N THR A 14 -3.17 -6.43 -11.41
CA THR A 14 -2.78 -5.91 -10.13
C THR A 14 -3.99 -5.46 -9.37
N PHE A 15 -4.94 -4.86 -10.10
CA PHE A 15 -6.19 -4.43 -9.48
C PHE A 15 -6.91 -5.62 -8.92
N ASP A 16 -6.91 -6.69 -9.68
CA ASP A 16 -7.57 -7.93 -9.30
C ASP A 16 -6.98 -8.49 -8.03
N ARG A 17 -5.67 -8.40 -7.93
CA ARG A 17 -4.96 -8.93 -6.78
C ARG A 17 -5.23 -8.10 -5.53
N VAL A 18 -5.28 -6.80 -5.68
CA VAL A 18 -5.60 -5.90 -4.58
C VAL A 18 -6.99 -6.18 -4.10
N SER A 19 -7.87 -6.41 -5.05
CA SER A 19 -9.25 -6.66 -4.73
C SER A 19 -9.42 -8.02 -4.08
N ARG A 20 -8.55 -8.95 -4.47
CA ARG A 20 -8.59 -10.30 -3.94
C ARG A 20 -8.16 -10.32 -2.48
N ARG A 21 -7.35 -9.34 -2.10
CA ARG A 21 -6.82 -9.27 -0.74
C ARG A 21 -7.77 -8.52 0.14
N ALA A 22 -8.14 -7.35 -0.31
CA ALA A 22 -9.07 -6.50 0.43
C ALA A 22 -10.39 -7.22 0.67
N SER A 23 -10.85 -7.96 -0.33
CA SER A 23 -12.10 -8.66 -0.22
C SER A 23 -11.96 -9.90 0.66
N GLU A 24 -10.75 -10.48 0.68
CA GLU A 24 -10.50 -11.64 1.52
C GLU A 24 -10.39 -11.22 2.98
N LEU A 25 -9.80 -10.05 3.20
CA LEU A 25 -9.64 -9.52 4.54
C LEU A 25 -10.99 -9.14 5.10
N GLY A 26 -11.87 -8.72 4.21
CA GLY A 26 -13.20 -8.31 4.63
C GLY A 26 -13.27 -6.83 4.82
N MET A 27 -12.31 -6.14 4.25
CA MET A 27 -12.23 -4.72 4.35
C MET A 27 -12.50 -4.08 3.02
N SER A 28 -12.36 -2.78 2.96
CA SER A 28 -12.55 -2.07 1.74
C SER A 28 -11.18 -1.78 1.13
N ARG A 29 -11.16 -1.43 -0.13
CA ARG A 29 -9.91 -1.13 -0.81
C ARG A 29 -9.26 0.11 -0.19
N SER A 30 -10.08 1.00 0.33
CA SER A 30 -9.59 2.18 1.01
C SER A 30 -8.92 1.77 2.32
N GLU A 31 -9.57 0.85 3.03
CA GLU A 31 -9.04 0.30 4.27
C GLU A 31 -7.77 -0.47 3.98
N PHE A 32 -7.77 -1.17 2.84
CA PHE A 32 -6.62 -1.92 2.40
C PHE A 32 -5.42 -0.99 2.24
N PHE A 33 -5.66 0.18 1.66
CA PHE A 33 -4.60 1.17 1.44
C PHE A 33 -4.18 1.75 2.77
N THR A 34 -5.13 1.80 3.68
CA THR A 34 -4.88 2.31 5.00
C THR A 34 -3.93 1.36 5.73
N LYS A 35 -4.17 0.08 5.56
CA LYS A 35 -3.36 -0.93 6.23
C LYS A 35 -2.07 -1.12 5.50
N ALA A 36 -2.08 -0.82 4.23
CA ALA A 36 -0.90 -0.94 3.39
C ALA A 36 0.05 0.15 3.71
N ALA A 37 -0.49 1.32 3.96
CA ALA A 37 0.30 2.47 4.26
C ALA A 37 1.04 2.27 5.58
N GLN A 38 0.35 1.64 6.52
CA GLN A 38 0.91 1.35 7.84
C GLN A 38 1.96 0.25 7.75
N ARG A 39 1.64 -0.79 6.99
CA ARG A 39 2.53 -1.93 6.85
C ARG A 39 3.71 -1.57 5.99
N TYR A 40 3.50 -0.63 5.11
CA TYR A 40 4.55 -0.15 4.23
C TYR A 40 5.62 0.56 5.06
N LEU A 41 5.18 1.22 6.11
CA LEU A 41 6.06 1.94 7.00
C LEU A 41 6.92 0.95 7.78
N HIS A 42 6.30 -0.10 8.29
CA HIS A 42 7.03 -1.11 9.07
C HIS A 42 7.93 -1.93 8.16
N GLU A 43 7.51 -2.06 6.91
CA GLU A 43 8.28 -2.78 5.91
C GLU A 43 9.60 -2.08 5.69
N LEU A 44 9.53 -0.77 5.49
CA LEU A 44 10.72 0.03 5.26
C LEU A 44 11.54 0.14 6.53
N ASP A 45 10.86 0.12 7.66
CA ASP A 45 11.53 0.21 8.95
C ASP A 45 12.35 -1.04 9.19
N ALA A 46 11.86 -2.16 8.69
CA ALA A 46 12.55 -3.43 8.85
C ALA A 46 13.64 -3.59 7.81
N GLN A 47 13.62 -2.73 6.82
CA GLN A 47 14.65 -2.75 5.79
C GLN A 47 15.79 -1.85 6.15
N LEU A 48 15.46 -0.76 6.81
CA LEU A 48 16.44 0.26 7.17
C LEU A 48 17.20 -0.13 8.42
N LEU A 49 16.47 -0.30 9.50
CA LEU A 49 17.07 -0.61 10.80
C LEU A 49 17.91 -1.90 10.74
N THR A 50 17.35 -2.92 10.12
CA THR A 50 18.04 -4.20 10.01
C THR A 50 19.32 -4.09 9.15
N GLY A 51 19.42 -3.02 8.37
CA GLY A 51 20.59 -2.81 7.54
C GLY A 51 21.86 -2.62 8.35
N GLN A 52 21.72 -1.95 9.49
CA GLN A 52 22.84 -1.73 10.40
C GLN A 52 23.36 -3.06 10.92
N MET B 4 -5.97 1.38 -16.08
CA MET B 4 -7.06 1.38 -15.10
C MET B 4 -6.64 2.16 -13.87
N LYS B 5 -7.60 2.76 -13.18
CA LYS B 5 -7.29 3.51 -11.98
C LYS B 5 -8.13 3.06 -10.82
N THR B 6 -7.47 2.70 -9.72
CA THR B 6 -8.15 2.30 -8.52
C THR B 6 -8.73 3.52 -7.81
N ALA B 7 -9.81 3.33 -7.09
CA ALA B 7 -10.43 4.39 -6.36
C ALA B 7 -10.28 4.14 -4.87
N ILE B 8 -9.38 4.87 -4.28
CA ILE B 8 -9.11 4.77 -2.89
C ILE B 8 -9.69 5.96 -2.24
N SER B 9 -10.22 5.79 -1.10
CA SER B 9 -10.78 6.89 -0.44
C SER B 9 -9.89 7.29 0.71
N LEU B 10 -9.08 8.30 0.46
CA LEU B 10 -8.11 8.76 1.41
C LEU B 10 -8.39 10.17 1.89
N PRO B 11 -8.32 10.39 3.21
CA PRO B 11 -8.44 11.73 3.80
C PRO B 11 -7.32 12.67 3.30
N ASP B 12 -7.25 13.86 3.85
CA ASP B 12 -6.31 14.86 3.38
C ASP B 12 -4.94 14.66 4.00
N GLU B 13 -4.95 14.27 5.25
CA GLU B 13 -3.74 14.03 5.97
C GLU B 13 -3.12 12.73 5.50
N THR B 14 -3.97 11.77 5.28
CA THR B 14 -3.56 10.48 4.81
C THR B 14 -3.04 10.61 3.39
N PHE B 15 -3.72 11.42 2.58
CA PHE B 15 -3.28 11.66 1.21
C PHE B 15 -1.94 12.37 1.23
N ASP B 16 -1.76 13.24 2.22
CA ASP B 16 -0.52 13.99 2.38
C ASP B 16 0.62 13.04 2.68
N ARG B 17 0.35 12.10 3.56
CA ARG B 17 1.35 11.16 4.02
C ARG B 17 1.73 10.15 2.94
N VAL B 18 0.74 9.72 2.17
CA VAL B 18 0.98 8.80 1.07
C VAL B 18 1.78 9.51 0.01
N SER B 19 1.43 10.75 -0.20
CA SER B 19 2.09 11.53 -1.22
C SER B 19 3.53 11.82 -0.81
N ARG B 20 3.73 11.96 0.50
CA ARG B 20 5.06 12.27 1.04
C ARG B 20 5.99 11.06 0.97
N ARG B 21 5.42 9.88 0.88
CA ARG B 21 6.22 8.67 0.80
C ARG B 21 6.52 8.35 -0.64
N ALA B 22 5.51 8.54 -1.46
CA ALA B 22 5.66 8.35 -2.90
C ALA B 22 6.68 9.34 -3.46
N SER B 23 6.70 10.55 -2.89
CA SER B 23 7.66 11.56 -3.32
C SER B 23 9.03 11.27 -2.75
N GLU B 24 9.04 10.70 -1.54
CA GLU B 24 10.28 10.27 -0.89
C GLU B 24 11.00 9.26 -1.78
N LEU B 25 10.22 8.36 -2.37
CA LEU B 25 10.74 7.37 -3.32
C LEU B 25 11.13 8.08 -4.61
N GLY B 26 10.31 9.04 -4.99
CA GLY B 26 10.54 9.77 -6.22
C GLY B 26 9.78 9.15 -7.36
N MET B 27 8.80 8.34 -7.01
CA MET B 27 8.00 7.63 -7.98
C MET B 27 6.58 8.17 -8.00
N SER B 28 5.70 7.47 -8.68
CA SER B 28 4.33 7.87 -8.78
C SER B 28 3.51 7.15 -7.73
N ARG B 29 2.33 7.65 -7.44
CA ARG B 29 1.45 7.02 -6.49
C ARG B 29 1.03 5.65 -7.02
N SER B 30 1.05 5.52 -8.35
CA SER B 30 0.77 4.28 -9.02
C SER B 30 1.83 3.24 -8.65
N GLU B 31 3.09 3.66 -8.71
CA GLU B 31 4.22 2.81 -8.34
C GLU B 31 4.19 2.56 -6.85
N PHE B 32 3.79 3.58 -6.09
CA PHE B 32 3.67 3.48 -4.65
C PHE B 32 2.76 2.33 -4.24
N PHE B 33 1.60 2.24 -4.88
CA PHE B 33 0.61 1.21 -4.55
C PHE B 33 1.08 -0.13 -5.06
N THR B 34 1.92 -0.10 -6.07
CA THR B 34 2.50 -1.30 -6.63
C THR B 34 3.52 -1.86 -5.63
N LYS B 35 4.29 -0.96 -5.04
CA LYS B 35 5.31 -1.33 -4.10
C LYS B 35 4.70 -1.65 -2.76
N ALA B 36 3.57 -1.04 -2.51
CA ALA B 36 2.84 -1.26 -1.27
C ALA B 36 2.19 -2.59 -1.28
N ALA B 37 1.73 -2.97 -2.44
CA ALA B 37 1.06 -4.23 -2.60
C ALA B 37 2.01 -5.38 -2.30
N GLN B 38 3.25 -5.26 -2.75
CA GLN B 38 4.26 -6.29 -2.54
C GLN B 38 4.83 -6.20 -1.13
N ARG B 39 4.97 -4.97 -0.64
CA ARG B 39 5.47 -4.72 0.70
C ARG B 39 4.50 -5.26 1.73
N TYR B 40 3.23 -5.02 1.47
CA TYR B 40 2.14 -5.42 2.34
C TYR B 40 2.08 -6.93 2.48
N LEU B 41 2.36 -7.62 1.39
CA LEU B 41 2.37 -9.07 1.38
C LEU B 41 3.51 -9.59 2.21
N HIS B 42 4.66 -8.98 2.07
CA HIS B 42 5.84 -9.38 2.82
C HIS B 42 5.69 -9.07 4.30
N GLU B 43 4.98 -7.99 4.60
CA GLU B 43 4.79 -7.58 5.99
C GLU B 43 3.92 -8.62 6.69
N LEU B 44 2.83 -9.02 6.03
CA LEU B 44 1.93 -10.02 6.58
C LEU B 44 2.59 -11.37 6.59
N ASP B 45 3.50 -11.57 5.66
CA ASP B 45 4.26 -12.80 5.55
C ASP B 45 5.19 -12.91 6.75
N ALA B 46 5.72 -11.76 7.15
CA ALA B 46 6.62 -11.71 8.28
C ALA B 46 5.87 -11.90 9.58
N GLN B 47 4.58 -11.63 9.53
CA GLN B 47 3.73 -11.79 10.70
C GLN B 47 3.38 -13.24 10.89
N LEU B 48 3.32 -13.95 9.77
CA LEU B 48 3.05 -15.38 9.79
C LEU B 48 4.27 -16.11 10.30
N LEU B 49 5.43 -15.58 9.94
CA LEU B 49 6.70 -16.12 10.39
C LEU B 49 6.85 -15.89 11.89
N THR B 50 6.54 -14.67 12.32
CA THR B 50 6.56 -14.30 13.74
C THR B 50 5.47 -15.07 14.51
N GLY B 51 4.51 -15.65 13.78
CA GLY B 51 3.40 -16.35 14.38
C GLY B 51 3.83 -17.50 15.27
N GLN B 52 4.35 -18.56 14.66
CA GLN B 52 4.81 -19.71 15.42
C GLN B 52 6.00 -19.36 16.33
N MET A 4 -9.84 13.76 1.33
CA MET A 4 -9.84 13.40 -0.10
C MET A 4 -10.08 11.92 -0.29
N LYS A 5 -11.19 11.58 -0.89
CA LYS A 5 -11.48 10.19 -1.19
C LYS A 5 -10.62 9.77 -2.36
N THR A 6 -9.74 8.82 -2.12
CA THR A 6 -8.83 8.38 -3.15
C THR A 6 -9.56 7.61 -4.22
N ALA A 7 -9.57 8.14 -5.40
CA ALA A 7 -10.18 7.50 -6.52
C ALA A 7 -9.12 6.84 -7.35
N ILE A 8 -8.94 5.59 -7.13
CA ILE A 8 -7.97 4.82 -7.84
C ILE A 8 -8.68 4.08 -8.95
N SER A 9 -8.38 4.43 -10.18
CA SER A 9 -9.03 3.81 -11.28
C SER A 9 -8.38 2.48 -11.56
N LEU A 10 -9.01 1.46 -11.06
CA LEU A 10 -8.50 0.11 -11.17
C LEU A 10 -9.47 -0.79 -11.94
N PRO A 11 -8.98 -1.96 -12.40
CA PRO A 11 -9.83 -3.00 -13.03
C PRO A 11 -10.79 -3.61 -11.99
N ASP A 12 -11.03 -4.91 -12.07
CA ASP A 12 -11.96 -5.55 -11.14
C ASP A 12 -11.29 -6.65 -10.33
N GLU A 13 -10.42 -7.40 -10.98
CA GLU A 13 -9.70 -8.51 -10.35
C GLU A 13 -8.72 -8.02 -9.29
N THR A 14 -8.09 -6.91 -9.57
CA THR A 14 -7.14 -6.33 -8.67
C THR A 14 -7.86 -5.70 -7.50
N PHE A 15 -9.05 -5.17 -7.78
CA PHE A 15 -9.90 -4.61 -6.73
C PHE A 15 -10.25 -5.70 -5.76
N ASP A 16 -10.59 -6.83 -6.31
CA ASP A 16 -10.94 -8.02 -5.54
C ASP A 16 -9.77 -8.47 -4.69
N ARG A 17 -8.60 -8.43 -5.28
CA ARG A 17 -7.37 -8.84 -4.63
C ARG A 17 -7.06 -7.90 -3.45
N VAL A 18 -7.31 -6.61 -3.67
CA VAL A 18 -7.10 -5.59 -2.62
C VAL A 18 -8.08 -5.82 -1.53
N SER A 19 -9.26 -6.29 -1.90
CA SER A 19 -10.27 -6.54 -0.93
C SER A 19 -9.84 -7.69 -0.03
N ARG A 20 -9.11 -8.64 -0.60
CA ARG A 20 -8.62 -9.79 0.17
C ARG A 20 -7.51 -9.35 1.11
N ARG A 21 -6.74 -8.36 0.70
CA ARG A 21 -5.63 -7.85 1.51
C ARG A 21 -6.20 -7.18 2.73
N ALA A 22 -7.21 -6.39 2.49
CA ALA A 22 -7.92 -5.70 3.54
C ALA A 22 -8.63 -6.71 4.43
N SER A 23 -8.96 -7.87 3.86
CA SER A 23 -9.61 -8.93 4.62
C SER A 23 -8.61 -9.70 5.46
N GLU A 24 -7.34 -9.72 5.02
CA GLU A 24 -6.27 -10.36 5.79
C GLU A 24 -6.10 -9.64 7.09
N LEU A 25 -6.16 -8.33 7.01
CA LEU A 25 -6.05 -7.47 8.16
C LEU A 25 -7.36 -7.44 8.92
N GLY A 26 -8.45 -7.53 8.18
CA GLY A 26 -9.76 -7.47 8.80
C GLY A 26 -10.12 -6.04 9.10
N MET A 27 -9.61 -5.14 8.29
CA MET A 27 -9.82 -3.72 8.47
C MET A 27 -10.56 -3.13 7.28
N SER A 28 -10.63 -1.82 7.25
CA SER A 28 -11.29 -1.12 6.19
C SER A 28 -10.32 -0.88 5.06
N ARG A 29 -10.83 -0.71 3.86
CA ARG A 29 -9.98 -0.45 2.70
C ARG A 29 -9.21 0.86 2.91
N SER A 30 -9.81 1.78 3.64
CA SER A 30 -9.16 3.03 3.98
C SER A 30 -7.98 2.79 4.91
N GLU A 31 -8.18 1.89 5.87
CA GLU A 31 -7.12 1.51 6.79
C GLU A 31 -6.08 0.71 6.07
N PHE A 32 -6.52 -0.14 5.13
CA PHE A 32 -5.60 -0.91 4.32
C PHE A 32 -4.66 0.01 3.55
N PHE A 33 -5.19 1.10 3.01
CA PHE A 33 -4.39 2.05 2.25
C PHE A 33 -3.39 2.71 3.18
N THR A 34 -3.76 2.80 4.43
CA THR A 34 -2.92 3.36 5.45
C THR A 34 -1.79 2.39 5.77
N LYS A 35 -2.12 1.12 5.76
CA LYS A 35 -1.15 0.07 6.06
C LYS A 35 -0.25 -0.16 4.88
N ALA A 36 -0.79 0.06 3.72
CA ALA A 36 -0.05 -0.16 2.48
C ALA A 36 0.93 0.92 2.24
N ALA A 37 0.51 2.14 2.47
CA ALA A 37 1.37 3.27 2.27
C ALA A 37 2.52 3.24 3.27
N GLN A 38 2.25 2.61 4.41
CA GLN A 38 3.24 2.49 5.47
C GLN A 38 4.20 1.34 5.21
N ARG A 39 3.68 0.20 4.76
CA ARG A 39 4.54 -0.97 4.54
C ARG A 39 5.35 -0.75 3.28
N TYR A 40 4.74 -0.08 2.32
CA TYR A 40 5.41 0.32 1.09
C TYR A 40 6.62 1.14 1.43
N LEU A 41 6.41 2.07 2.33
CA LEU A 41 7.40 3.02 2.72
C LEU A 41 8.52 2.36 3.49
N HIS A 42 8.14 1.44 4.33
CA HIS A 42 9.12 0.73 5.13
C HIS A 42 9.93 -0.22 4.27
N GLU A 43 9.31 -0.74 3.22
CA GLU A 43 10.01 -1.60 2.30
C GLU A 43 10.91 -0.73 1.46
N LEU A 44 10.46 0.49 1.23
CA LEU A 44 11.18 1.48 0.50
C LEU A 44 12.45 1.84 1.27
N ASP A 45 12.35 1.78 2.61
CA ASP A 45 13.51 2.02 3.46
C ASP A 45 14.56 0.98 3.17
N ALA A 46 14.10 -0.25 2.99
CA ALA A 46 15.00 -1.36 2.76
C ALA A 46 15.51 -1.37 1.34
N GLN A 47 14.81 -0.66 0.48
CA GLN A 47 15.16 -0.60 -0.92
C GLN A 47 16.46 0.16 -1.10
N LEU A 48 16.52 1.33 -0.53
CA LEU A 48 17.70 2.17 -0.62
C LEU A 48 18.76 1.67 0.33
N LEU A 49 18.33 0.98 1.38
CA LEU A 49 19.22 0.44 2.37
C LEU A 49 20.02 -0.72 1.78
N THR A 50 19.45 -1.36 0.76
CA THR A 50 20.13 -2.45 0.08
C THR A 50 21.43 -1.94 -0.58
N GLY A 51 21.32 -0.79 -1.26
CA GLY A 51 22.47 -0.20 -1.89
C GLY A 51 23.51 0.30 -0.90
N GLN A 52 23.02 0.76 0.25
CA GLN A 52 23.89 1.27 1.30
C GLN A 52 24.80 0.17 1.85
N MET B 4 -13.26 -1.19 -11.92
CA MET B 4 -13.96 -0.78 -10.69
C MET B 4 -13.09 0.22 -9.94
N LYS B 5 -13.54 1.46 -9.85
CA LYS B 5 -12.80 2.51 -9.15
C LYS B 5 -12.82 2.25 -7.65
N THR B 6 -11.66 2.13 -7.05
CA THR B 6 -11.62 1.93 -5.62
C THR B 6 -11.92 3.24 -4.92
N ALA B 7 -12.87 3.21 -4.02
CA ALA B 7 -13.25 4.39 -3.28
C ALA B 7 -12.78 4.25 -1.85
N ILE B 8 -11.73 4.93 -1.55
CA ILE B 8 -11.15 4.90 -0.28
C ILE B 8 -11.32 6.25 0.35
N SER B 9 -11.50 6.29 1.62
CA SER B 9 -11.77 7.53 2.25
C SER B 9 -10.59 7.95 3.10
N LEU B 10 -9.80 8.83 2.55
CA LEU B 10 -8.63 9.31 3.24
C LEU B 10 -8.74 10.80 3.54
N PRO B 11 -8.05 11.27 4.59
CA PRO B 11 -8.01 12.70 4.94
C PRO B 11 -7.31 13.54 3.87
N ASP B 12 -6.60 14.56 4.29
CA ASP B 12 -5.91 15.44 3.36
C ASP B 12 -4.43 15.18 3.41
N GLU B 13 -3.92 15.03 4.63
CA GLU B 13 -2.52 14.78 4.86
C GLU B 13 -2.11 13.41 4.38
N THR B 14 -2.97 12.43 4.61
CA THR B 14 -2.72 11.07 4.22
C THR B 14 -2.73 10.98 2.71
N PHE B 15 -3.63 11.76 2.10
CA PHE B 15 -3.73 11.77 0.66
C PHE B 15 -2.54 12.46 0.06
N ASP B 16 -2.04 13.47 0.76
CA ASP B 16 -0.89 14.21 0.29
C ASP B 16 0.33 13.33 0.32
N ARG B 17 0.40 12.48 1.33
CA ARG B 17 1.51 11.56 1.50
C ARG B 17 1.53 10.55 0.35
N VAL B 18 0.41 9.88 0.15
CA VAL B 18 0.27 8.87 -0.91
C VAL B 18 0.50 9.49 -2.25
N SER B 19 -0.06 10.65 -2.45
CA SER B 19 0.04 11.31 -3.71
C SER B 19 1.48 11.73 -3.97
N ARG B 20 2.20 11.98 -2.90
CA ARG B 20 3.58 12.40 -2.98
C ARG B 20 4.49 11.21 -3.28
N ARG B 21 4.05 10.01 -2.91
CA ARG B 21 4.83 8.81 -3.16
C ARG B 21 4.66 8.41 -4.60
N ALA B 22 3.41 8.44 -5.04
CA ALA B 22 3.06 8.15 -6.41
C ALA B 22 3.71 9.18 -7.34
N SER B 23 3.87 10.40 -6.83
CA SER B 23 4.51 11.47 -7.58
C SER B 23 6.02 11.32 -7.54
N GLU B 24 6.52 10.79 -6.44
CA GLU B 24 7.94 10.57 -6.26
C GLU B 24 8.44 9.58 -7.30
N LEU B 25 7.68 8.51 -7.48
CA LEU B 25 8.01 7.51 -8.48
C LEU B 25 7.74 8.07 -9.86
N GLY B 26 6.74 8.93 -9.94
CA GLY B 26 6.37 9.52 -11.21
C GLY B 26 5.42 8.65 -11.96
N MET B 27 4.67 7.86 -11.22
CA MET B 27 3.72 6.94 -11.80
C MET B 27 2.30 7.36 -11.51
N SER B 28 1.37 6.61 -12.01
CA SER B 28 -0.04 6.88 -11.80
C SER B 28 -0.45 6.43 -10.42
N ARG B 29 -1.52 7.01 -9.91
CA ARG B 29 -2.05 6.63 -8.61
C ARG B 29 -2.53 5.20 -8.67
N SER B 30 -3.06 4.81 -9.81
CA SER B 30 -3.52 3.45 -10.03
C SER B 30 -2.32 2.52 -10.09
N GLU B 31 -1.26 2.99 -10.73
CA GLU B 31 -0.02 2.24 -10.85
C GLU B 31 0.61 2.10 -9.46
N PHE B 32 0.61 3.20 -8.71
CA PHE B 32 1.15 3.21 -7.37
C PHE B 32 0.38 2.26 -6.47
N PHE B 33 -0.94 2.24 -6.60
CA PHE B 33 -1.79 1.41 -5.75
C PHE B 33 -1.60 -0.05 -6.13
N THR B 34 -1.33 -0.28 -7.39
CA THR B 34 -1.09 -1.61 -7.91
C THR B 34 0.25 -2.13 -7.40
N LYS B 35 1.22 -1.24 -7.36
CA LYS B 35 2.55 -1.57 -6.91
C LYS B 35 2.65 -1.54 -5.41
N ALA B 36 1.75 -0.86 -4.80
CA ALA B 36 1.71 -0.77 -3.34
C ALA B 36 1.07 -1.98 -2.79
N ALA B 37 0.00 -2.40 -3.41
CA ALA B 37 -0.70 -3.56 -2.97
C ALA B 37 0.18 -4.79 -3.12
N GLN B 38 1.04 -4.75 -4.12
CA GLN B 38 1.94 -5.84 -4.41
C GLN B 38 3.18 -5.76 -3.52
N ARG B 39 3.72 -4.54 -3.33
CA ARG B 39 4.91 -4.35 -2.48
C ARG B 39 4.56 -4.67 -1.07
N TYR B 40 3.41 -4.21 -0.66
CA TYR B 40 2.89 -4.45 0.68
C TYR B 40 2.82 -5.93 0.96
N LEU B 41 2.32 -6.66 0.01
CA LEU B 41 2.11 -8.08 0.17
C LEU B 41 3.43 -8.82 0.22
N HIS B 42 4.38 -8.35 -0.55
CA HIS B 42 5.71 -8.94 -0.59
C HIS B 42 6.53 -8.50 0.62
N GLU B 43 6.19 -7.34 1.15
CA GLU B 43 6.83 -6.82 2.33
C GLU B 43 6.43 -7.70 3.50
N LEU B 44 5.16 -8.07 3.50
CA LEU B 44 4.61 -8.98 4.49
C LEU B 44 5.27 -10.34 4.39
N ASP B 45 5.66 -10.70 3.17
CA ASP B 45 6.38 -11.97 2.95
C ASP B 45 7.64 -12.00 3.76
N ALA B 46 8.33 -10.88 3.80
CA ALA B 46 9.58 -10.79 4.52
C ALA B 46 9.34 -10.79 6.01
N GLN B 47 8.16 -10.37 6.39
CA GLN B 47 7.81 -10.27 7.80
C GLN B 47 7.38 -11.64 8.33
N LEU B 48 6.78 -12.42 7.47
CA LEU B 48 6.30 -13.74 7.83
C LEU B 48 7.45 -14.73 7.81
N LEU B 49 8.37 -14.49 6.92
CA LEU B 49 9.57 -15.32 6.82
C LEU B 49 10.48 -15.06 8.01
N THR B 50 10.76 -13.79 8.25
CA THR B 50 11.62 -13.39 9.36
C THR B 50 10.97 -13.71 10.72
N GLY B 51 9.70 -13.34 10.86
CA GLY B 51 8.99 -13.52 12.13
C GLY B 51 8.71 -14.96 12.50
N GLN B 52 8.65 -15.84 11.51
CA GLN B 52 8.36 -17.26 11.77
C GLN B 52 9.39 -17.88 12.69
N MET A 4 -8.54 13.58 -1.82
CA MET A 4 -8.02 13.32 -3.17
C MET A 4 -8.30 11.88 -3.56
N LYS A 5 -8.25 11.59 -4.84
CA LYS A 5 -8.49 10.25 -5.31
C LYS A 5 -7.34 9.78 -6.18
N THR A 6 -6.55 8.85 -5.67
CA THR A 6 -5.45 8.32 -6.43
C THR A 6 -5.96 7.43 -7.55
N ALA A 7 -5.42 7.62 -8.73
CA ALA A 7 -5.79 6.80 -9.85
C ALA A 7 -4.58 6.01 -10.31
N ILE A 8 -4.50 4.81 -9.83
CA ILE A 8 -3.38 3.96 -10.11
C ILE A 8 -3.72 2.99 -11.22
N SER A 9 -2.80 2.82 -12.12
CA SER A 9 -3.01 1.96 -13.23
C SER A 9 -2.53 0.56 -12.91
N LEU A 10 -3.48 -0.26 -12.57
CA LEU A 10 -3.23 -1.63 -12.21
C LEU A 10 -3.96 -2.59 -13.15
N PRO A 11 -3.29 -3.68 -13.55
CA PRO A 11 -3.91 -4.70 -14.42
C PRO A 11 -5.06 -5.43 -13.71
N ASP A 12 -5.54 -6.48 -14.35
CA ASP A 12 -6.73 -7.19 -13.87
C ASP A 12 -6.38 -8.13 -12.74
N GLU A 13 -5.25 -8.78 -12.87
CA GLU A 13 -4.80 -9.73 -11.87
C GLU A 13 -4.39 -9.01 -10.61
N THR A 14 -3.75 -7.88 -10.78
CA THR A 14 -3.29 -7.10 -9.65
C THR A 14 -4.48 -6.44 -8.98
N PHE A 15 -5.46 -6.02 -9.78
CA PHE A 15 -6.65 -5.40 -9.22
C PHE A 15 -7.45 -6.45 -8.47
N ASP A 16 -7.49 -7.62 -9.04
CA ASP A 16 -8.19 -8.77 -8.47
C ASP A 16 -7.52 -9.21 -7.18
N ARG A 17 -6.21 -9.03 -7.15
CA ARG A 17 -5.39 -9.42 -6.03
C ARG A 17 -5.58 -8.44 -4.86
N VAL A 18 -5.70 -7.17 -5.18
CA VAL A 18 -5.87 -6.12 -4.18
C VAL A 18 -7.27 -6.19 -3.62
N SER A 19 -8.21 -6.44 -4.49
CA SER A 19 -9.59 -6.45 -4.08
C SER A 19 -9.87 -7.64 -3.16
N ARG A 20 -9.25 -8.77 -3.45
CA ARG A 20 -9.42 -9.97 -2.65
C ARG A 20 -8.74 -9.82 -1.30
N ARG A 21 -7.70 -9.01 -1.27
CA ARG A 21 -6.91 -8.83 -0.08
C ARG A 21 -7.58 -7.86 0.86
N ALA A 22 -8.13 -6.80 0.30
CA ALA A 22 -8.89 -5.83 1.06
C ALA A 22 -10.12 -6.51 1.64
N SER A 23 -10.64 -7.49 0.90
CA SER A 23 -11.80 -8.24 1.32
C SER A 23 -11.46 -9.18 2.47
N GLU A 24 -10.25 -9.76 2.42
CA GLU A 24 -9.81 -10.66 3.47
C GLU A 24 -9.74 -9.94 4.80
N LEU A 25 -9.29 -8.70 4.77
CA LEU A 25 -9.21 -7.89 5.97
C LEU A 25 -10.59 -7.42 6.36
N GLY A 26 -11.37 -7.05 5.37
CA GLY A 26 -12.71 -6.58 5.63
C GLY A 26 -12.78 -5.07 5.56
N MET A 27 -11.84 -4.49 4.85
CA MET A 27 -11.77 -3.05 4.70
C MET A 27 -11.96 -2.66 3.26
N SER A 28 -12.06 -1.38 3.01
CA SER A 28 -12.22 -0.88 1.68
C SER A 28 -10.85 -0.60 1.11
N ARG A 29 -10.76 -0.52 -0.21
CA ARG A 29 -9.48 -0.26 -0.87
C ARG A 29 -8.89 1.08 -0.42
N SER A 30 -9.77 2.00 -0.03
CA SER A 30 -9.36 3.28 0.50
C SER A 30 -8.53 3.08 1.77
N GLU A 31 -9.05 2.30 2.68
CA GLU A 31 -8.38 2.01 3.93
C GLU A 31 -7.25 1.04 3.72
N PHE A 32 -7.41 0.12 2.76
CA PHE A 32 -6.37 -0.85 2.45
C PHE A 32 -5.07 -0.15 2.04
N PHE A 33 -5.18 0.84 1.15
CA PHE A 33 -3.99 1.55 0.65
C PHE A 33 -3.47 2.50 1.71
N THR A 34 -4.34 2.91 2.60
CA THR A 34 -3.96 3.76 3.70
C THR A 34 -3.15 2.94 4.70
N LYS A 35 -3.59 1.71 4.91
CA LYS A 35 -2.93 0.83 5.86
C LYS A 35 -1.71 0.22 5.23
N ALA A 36 -1.70 0.16 3.92
CA ALA A 36 -0.57 -0.39 3.19
C ALA A 36 0.54 0.60 3.10
N ALA A 37 0.19 1.84 2.86
CA ALA A 37 1.17 2.87 2.75
C ALA A 37 1.90 3.07 4.08
N GLN A 38 1.16 2.87 5.15
CA GLN A 38 1.69 3.02 6.50
C GLN A 38 2.42 1.74 6.93
N ARG A 39 1.87 0.59 6.56
CA ARG A 39 2.46 -0.71 6.89
C ARG A 39 3.76 -0.87 6.14
N TYR A 40 3.74 -0.41 4.92
CA TYR A 40 4.88 -0.44 4.03
C TYR A 40 6.02 0.30 4.63
N LEU A 41 5.72 1.49 5.12
CA LEU A 41 6.71 2.38 5.62
C LEU A 41 7.27 1.95 6.96
N HIS A 42 6.38 1.62 7.87
CA HIS A 42 6.79 1.24 9.22
C HIS A 42 7.61 -0.04 9.18
N GLU A 43 7.23 -0.92 8.30
CA GLU A 43 7.91 -2.20 8.16
C GLU A 43 9.10 -2.07 7.24
N LEU A 44 9.10 -1.03 6.42
CA LEU A 44 10.22 -0.71 5.56
C LEU A 44 11.37 -0.29 6.44
N ASP A 45 11.03 0.42 7.49
CA ASP A 45 11.98 0.87 8.48
C ASP A 45 12.50 -0.29 9.28
N ALA A 46 11.64 -1.27 9.48
CA ALA A 46 11.99 -2.45 10.24
C ALA A 46 12.92 -3.33 9.44
N GLN A 47 12.82 -3.22 8.14
CA GLN A 47 13.64 -4.00 7.24
C GLN A 47 15.00 -3.34 7.08
N LEU A 48 14.97 -2.02 7.00
CA LEU A 48 16.18 -1.23 6.87
C LEU A 48 17.05 -1.41 8.08
N LEU A 49 16.41 -1.37 9.24
CA LEU A 49 17.09 -1.56 10.51
C LEU A 49 17.71 -2.94 10.56
N THR A 50 16.98 -3.93 10.06
CA THR A 50 17.46 -5.31 10.02
C THR A 50 18.71 -5.42 9.12
N GLY A 51 18.65 -4.77 7.97
CA GLY A 51 19.76 -4.81 7.03
C GLY A 51 21.01 -4.11 7.54
N GLN A 52 20.80 -3.07 8.34
CA GLN A 52 21.91 -2.31 8.93
C GLN A 52 22.74 -3.20 9.85
N MET B 4 -6.96 -1.50 -15.21
CA MET B 4 -7.94 -0.90 -14.28
C MET B 4 -7.32 0.29 -13.56
N LYS B 5 -8.17 1.14 -13.04
CA LYS B 5 -7.73 2.29 -12.29
C LYS B 5 -8.17 2.14 -10.85
N THR B 6 -7.23 1.86 -9.95
CA THR B 6 -7.59 1.74 -8.56
C THR B 6 -7.95 3.11 -8.00
N ALA B 7 -9.25 3.30 -7.81
CA ALA B 7 -9.77 4.53 -7.27
C ALA B 7 -9.71 4.47 -5.77
N ILE B 8 -8.75 5.12 -5.24
CA ILE B 8 -8.53 5.15 -3.85
C ILE B 8 -8.74 6.55 -3.38
N SER B 9 -9.30 6.68 -2.25
CA SER B 9 -9.58 7.95 -1.74
C SER B 9 -8.63 8.29 -0.62
N LEU B 10 -7.62 9.03 -0.97
CA LEU B 10 -6.57 9.38 -0.06
C LEU B 10 -6.51 10.88 0.20
N PRO B 11 -6.31 11.29 1.46
CA PRO B 11 -6.10 12.69 1.81
C PRO B 11 -4.92 13.29 1.04
N ASP B 12 -4.76 14.58 1.10
CA ASP B 12 -3.73 15.25 0.30
C ASP B 12 -2.39 15.10 0.97
N GLU B 13 -2.43 15.01 2.27
CA GLU B 13 -1.25 14.83 3.07
C GLU B 13 -0.81 13.37 3.01
N THR B 14 -1.77 12.51 2.81
CA THR B 14 -1.50 11.10 2.68
C THR B 14 -0.99 10.84 1.28
N PHE B 15 -1.60 11.52 0.30
CA PHE B 15 -1.14 11.41 -1.07
C PHE B 15 0.26 11.94 -1.18
N ASP B 16 0.55 12.97 -0.41
CA ASP B 16 1.89 13.56 -0.36
C ASP B 16 2.91 12.52 0.07
N ARG B 17 2.53 11.72 1.04
CA ARG B 17 3.41 10.71 1.59
C ARG B 17 3.59 9.53 0.63
N VAL B 18 2.53 9.18 -0.07
CA VAL B 18 2.58 8.08 -1.04
C VAL B 18 3.38 8.51 -2.23
N SER B 19 3.21 9.74 -2.62
CA SER B 19 3.88 10.26 -3.77
C SER B 19 5.36 10.39 -3.47
N ARG B 20 5.64 10.85 -2.26
CA ARG B 20 7.01 11.03 -1.79
C ARG B 20 7.67 9.68 -1.56
N ARG B 21 6.83 8.68 -1.33
CA ARG B 21 7.31 7.35 -1.06
C ARG B 21 7.76 6.71 -2.35
N ALA B 22 6.88 6.73 -3.31
CA ALA B 22 7.13 6.19 -4.63
C ALA B 22 8.28 6.94 -5.31
N SER B 23 8.39 8.23 -5.01
CA SER B 23 9.43 9.06 -5.59
C SER B 23 10.76 8.85 -4.90
N GLU B 24 10.71 8.41 -3.63
CA GLU B 24 11.91 8.11 -2.87
C GLU B 24 12.67 6.97 -3.54
N LEU B 25 11.92 6.00 -4.02
CA LEU B 25 12.49 4.88 -4.73
C LEU B 25 12.77 5.30 -6.16
N GLY B 26 11.85 6.06 -6.73
CA GLY B 26 12.01 6.53 -8.08
C GLY B 26 11.10 5.80 -9.04
N MET B 27 10.17 5.06 -8.50
CA MET B 27 9.23 4.30 -9.31
C MET B 27 7.91 5.02 -9.42
N SER B 28 7.03 4.48 -10.23
CA SER B 28 5.74 5.07 -10.45
C SER B 28 4.79 4.65 -9.34
N ARG B 29 3.73 5.41 -9.14
CA ARG B 29 2.75 5.09 -8.12
C ARG B 29 2.09 3.75 -8.41
N SER B 30 2.04 3.40 -9.69
CA SER B 30 1.50 2.11 -10.12
C SER B 30 2.42 0.98 -9.69
N GLU B 31 3.70 1.15 -9.93
CA GLU B 31 4.70 0.17 -9.51
C GLU B 31 4.81 0.16 -8.01
N PHE B 32 4.67 1.33 -7.39
CA PHE B 32 4.69 1.44 -5.95
C PHE B 32 3.54 0.69 -5.32
N PHE B 33 2.36 0.75 -5.93
CA PHE B 33 1.19 0.06 -5.39
C PHE B 33 1.36 -1.44 -5.58
N THR B 34 2.09 -1.78 -6.60
CA THR B 34 2.39 -3.15 -6.91
C THR B 34 3.38 -3.69 -5.85
N LYS B 35 4.35 -2.86 -5.53
CA LYS B 35 5.38 -3.22 -4.58
C LYS B 35 4.88 -3.11 -3.16
N ALA B 36 3.90 -2.28 -2.98
CA ALA B 36 3.29 -2.05 -1.68
C ALA B 36 2.36 -3.18 -1.37
N ALA B 37 1.71 -3.66 -2.40
CA ALA B 37 0.78 -4.74 -2.24
C ALA B 37 1.50 -5.99 -1.73
N GLN B 38 2.71 -6.21 -2.23
CA GLN B 38 3.50 -7.37 -1.85
C GLN B 38 4.38 -7.09 -0.63
N ARG B 39 4.77 -5.84 -0.45
CA ARG B 39 5.57 -5.45 0.72
C ARG B 39 4.71 -5.54 1.96
N TYR B 40 3.47 -5.10 1.80
CA TYR B 40 2.48 -5.12 2.84
C TYR B 40 2.16 -6.53 3.24
N LEU B 41 2.00 -7.36 2.25
CA LEU B 41 1.59 -8.71 2.43
C LEU B 41 2.70 -9.57 3.00
N HIS B 42 3.89 -9.39 2.49
CA HIS B 42 5.06 -10.14 2.95
C HIS B 42 5.39 -9.78 4.38
N GLU B 43 5.26 -8.51 4.69
CA GLU B 43 5.55 -8.01 6.02
C GLU B 43 4.40 -8.31 6.95
N LEU B 44 3.22 -8.48 6.39
CA LEU B 44 2.05 -8.84 7.14
C LEU B 44 2.18 -10.29 7.56
N ASP B 45 2.73 -11.08 6.67
CA ASP B 45 2.97 -12.49 6.91
C ASP B 45 4.06 -12.65 7.93
N ALA B 46 5.00 -11.72 7.91
CA ALA B 46 6.10 -11.75 8.84
C ALA B 46 5.60 -11.44 10.23
N GLN B 47 4.53 -10.68 10.28
CA GLN B 47 3.92 -10.28 11.54
C GLN B 47 3.15 -11.46 12.13
N LEU B 48 2.50 -12.21 11.26
CA LEU B 48 1.73 -13.37 11.66
C LEU B 48 2.65 -14.42 12.24
N LEU B 49 3.73 -14.68 11.53
CA LEU B 49 4.71 -15.66 11.95
C LEU B 49 5.40 -15.22 13.25
N THR B 50 5.62 -13.92 13.39
CA THR B 50 6.22 -13.40 14.61
C THR B 50 5.30 -13.66 15.81
N GLY B 51 4.01 -13.33 15.65
CA GLY B 51 3.05 -13.53 16.72
C GLY B 51 2.80 -14.98 17.04
N GLN B 52 2.73 -15.81 15.99
CA GLN B 52 2.48 -17.25 16.15
C GLN B 52 3.62 -17.92 16.93
N MET A 4 -12.79 11.63 1.76
CA MET A 4 -11.93 12.16 0.69
C MET A 4 -11.35 11.01 -0.11
N LYS A 5 -11.62 10.99 -1.39
CA LYS A 5 -11.15 9.92 -2.22
C LYS A 5 -9.70 10.13 -2.61
N THR A 6 -8.84 9.21 -2.19
CA THR A 6 -7.46 9.26 -2.56
C THR A 6 -7.33 8.99 -4.05
N ALA A 7 -6.81 9.95 -4.78
CA ALA A 7 -6.62 9.83 -6.20
C ALA A 7 -5.21 9.43 -6.49
N ILE A 8 -5.04 8.17 -6.73
CA ILE A 8 -3.74 7.61 -6.98
C ILE A 8 -3.64 7.13 -8.41
N SER A 9 -2.56 7.47 -9.05
CA SER A 9 -2.37 7.12 -10.42
C SER A 9 -1.58 5.84 -10.53
N LEU A 10 -2.30 4.77 -10.73
CA LEU A 10 -1.71 3.46 -10.85
C LEU A 10 -1.91 2.88 -12.24
N PRO A 11 -0.99 2.01 -12.70
CA PRO A 11 -1.13 1.27 -13.96
C PRO A 11 -2.33 0.29 -13.92
N ASP A 12 -2.31 -0.71 -14.78
CA ASP A 12 -3.44 -1.64 -14.86
C ASP A 12 -3.14 -2.91 -14.10
N GLU A 13 -1.91 -3.38 -14.21
CA GLU A 13 -1.50 -4.57 -13.52
C GLU A 13 -1.30 -4.28 -12.06
N THR A 14 -0.83 -3.09 -11.75
CA THR A 14 -0.64 -2.68 -10.39
C THR A 14 -2.00 -2.56 -9.72
N PHE A 15 -2.98 -2.07 -10.48
CA PHE A 15 -4.34 -1.95 -10.00
C PHE A 15 -4.90 -3.33 -9.80
N ASP A 16 -4.53 -4.22 -10.69
CA ASP A 16 -4.94 -5.62 -10.63
C ASP A 16 -4.38 -6.31 -9.40
N ARG A 17 -3.17 -5.95 -9.07
CA ARG A 17 -2.47 -6.53 -7.93
C ARG A 17 -3.09 -6.04 -6.63
N VAL A 18 -3.52 -4.80 -6.62
CA VAL A 18 -4.17 -4.20 -5.45
C VAL A 18 -5.56 -4.73 -5.30
N SER A 19 -6.23 -4.89 -6.40
CA SER A 19 -7.60 -5.34 -6.38
C SER A 19 -7.67 -6.81 -6.00
N ARG A 20 -6.71 -7.58 -6.48
CA ARG A 20 -6.61 -8.99 -6.16
C ARG A 20 -6.13 -9.17 -4.73
N ARG A 21 -5.47 -8.15 -4.23
CA ARG A 21 -4.90 -8.19 -2.91
C ARG A 21 -6.02 -8.04 -1.90
N ALA A 22 -6.82 -7.02 -2.14
CA ALA A 22 -7.99 -6.74 -1.33
C ALA A 22 -8.97 -7.88 -1.41
N SER A 23 -9.14 -8.43 -2.60
CA SER A 23 -10.07 -9.53 -2.80
C SER A 23 -9.61 -10.78 -2.08
N GLU A 24 -8.30 -11.00 -2.03
CA GLU A 24 -7.76 -12.18 -1.36
C GLU A 24 -7.88 -12.02 0.13
N LEU A 25 -7.64 -10.82 0.59
CA LEU A 25 -7.71 -10.51 2.01
C LEU A 25 -9.17 -10.51 2.47
N GLY A 26 -10.07 -10.30 1.53
CA GLY A 26 -11.49 -10.29 1.85
C GLY A 26 -11.92 -8.94 2.34
N MET A 27 -11.18 -7.92 1.95
CA MET A 27 -11.44 -6.56 2.37
C MET A 27 -11.70 -5.67 1.17
N SER A 28 -12.18 -4.49 1.41
CA SER A 28 -12.42 -3.54 0.34
C SER A 28 -11.13 -2.80 0.06
N ARG A 29 -11.06 -2.12 -1.07
CA ARG A 29 -9.86 -1.38 -1.41
C ARG A 29 -9.63 -0.26 -0.39
N SER A 30 -10.72 0.25 0.19
CA SER A 30 -10.64 1.27 1.21
C SER A 30 -10.06 0.69 2.50
N GLU A 31 -10.48 -0.54 2.83
CA GLU A 31 -10.00 -1.21 4.03
C GLU A 31 -8.60 -1.77 3.79
N PHE A 32 -8.30 -2.07 2.55
CA PHE A 32 -7.00 -2.55 2.18
C PHE A 32 -5.99 -1.44 2.25
N PHE A 33 -6.36 -0.24 1.82
CA PHE A 33 -5.45 0.89 1.80
C PHE A 33 -5.14 1.34 3.22
N THR A 34 -6.08 1.14 4.11
CA THR A 34 -5.88 1.46 5.50
C THR A 34 -5.00 0.41 6.13
N LYS A 35 -5.19 -0.83 5.71
CA LYS A 35 -4.42 -1.94 6.22
C LYS A 35 -3.02 -1.90 5.67
N ALA A 36 -2.90 -1.35 4.50
CA ALA A 36 -1.61 -1.27 3.80
C ALA A 36 -0.83 -0.09 4.26
N ALA A 37 -1.52 0.98 4.55
CA ALA A 37 -0.86 2.19 4.99
C ALA A 37 -0.22 1.95 6.35
N GLN A 38 -0.91 1.19 7.18
CA GLN A 38 -0.45 0.87 8.52
C GLN A 38 0.51 -0.33 8.48
N ARG A 39 0.26 -1.26 7.57
CA ARG A 39 1.15 -2.42 7.41
C ARG A 39 2.49 -1.94 6.89
N TYR A 40 2.42 -0.97 6.00
CA TYR A 40 3.59 -0.32 5.43
C TYR A 40 4.40 0.33 6.52
N LEU A 41 3.71 0.87 7.48
CA LEU A 41 4.34 1.57 8.57
C LEU A 41 5.06 0.60 9.48
N HIS A 42 4.50 -0.59 9.59
CA HIS A 42 5.10 -1.66 10.37
C HIS A 42 6.33 -2.19 9.62
N GLU A 43 6.24 -2.22 8.29
CA GLU A 43 7.34 -2.70 7.46
C GLU A 43 8.45 -1.66 7.50
N LEU A 44 8.04 -0.41 7.55
CA LEU A 44 8.94 0.71 7.61
C LEU A 44 9.69 0.67 8.93
N ASP A 45 9.00 0.26 9.98
CA ASP A 45 9.61 0.11 11.29
C ASP A 45 10.53 -1.09 11.29
N ALA A 46 10.14 -2.10 10.55
CA ALA A 46 10.89 -3.33 10.49
C ALA A 46 12.13 -3.12 9.66
N GLN A 47 12.07 -2.16 8.78
CA GLN A 47 13.18 -1.87 7.89
C GLN A 47 14.24 -1.07 8.62
N LEU A 48 13.81 -0.32 9.60
CA LEU A 48 14.71 0.49 10.39
C LEU A 48 15.39 -0.37 11.44
N LEU A 49 14.70 -1.40 11.86
CA LEU A 49 15.22 -2.32 12.84
C LEU A 49 16.08 -3.39 12.17
N THR A 50 15.53 -4.03 11.13
CA THR A 50 16.24 -5.09 10.41
C THR A 50 17.51 -4.55 9.73
N GLY A 51 17.40 -3.32 9.20
CA GLY A 51 18.50 -2.70 8.51
C GLY A 51 19.75 -2.60 9.36
N GLN A 52 19.57 -2.33 10.64
CA GLN A 52 20.68 -2.25 11.57
C GLN A 52 21.40 -3.58 11.68
N MET B 4 -4.96 3.64 -14.53
CA MET B 4 -6.10 3.32 -13.66
C MET B 4 -5.99 4.06 -12.35
N LYS B 5 -6.78 5.10 -12.18
CA LYS B 5 -6.76 5.88 -10.97
C LYS B 5 -7.51 5.15 -9.87
N THR B 6 -6.81 4.77 -8.83
CA THR B 6 -7.44 4.12 -7.71
C THR B 6 -8.29 5.13 -6.96
N ALA B 7 -9.57 4.85 -6.87
CA ALA B 7 -10.49 5.71 -6.17
C ALA B 7 -10.85 5.11 -4.84
N ILE B 8 -10.10 5.46 -3.85
CA ILE B 8 -10.25 4.92 -2.55
C ILE B 8 -10.91 5.95 -1.70
N SER B 9 -11.78 5.53 -0.87
CA SER B 9 -12.50 6.45 -0.07
C SER B 9 -11.95 6.45 1.34
N LEU B 10 -11.14 7.42 1.62
CA LEU B 10 -10.49 7.52 2.91
C LEU B 10 -10.86 8.80 3.65
N PRO B 11 -10.86 8.78 4.99
CA PRO B 11 -11.06 9.97 5.82
C PRO B 11 -9.94 11.00 5.57
N ASP B 12 -10.06 12.17 6.17
CA ASP B 12 -9.10 13.24 5.92
C ASP B 12 -7.89 13.05 6.79
N GLU B 13 -8.11 12.42 7.91
CA GLU B 13 -7.08 12.12 8.87
C GLU B 13 -6.23 10.96 8.37
N THR B 14 -6.85 10.08 7.63
CA THR B 14 -6.17 8.95 7.07
C THR B 14 -5.48 9.39 5.78
N PHE B 15 -6.17 10.23 5.01
CA PHE B 15 -5.63 10.75 3.78
C PHE B 15 -4.39 11.59 4.06
N ASP B 16 -4.47 12.39 5.11
CA ASP B 16 -3.37 13.27 5.53
C ASP B 16 -2.19 12.46 5.99
N ARG B 17 -2.47 11.34 6.60
CA ARG B 17 -1.46 10.48 7.12
C ARG B 17 -0.72 9.77 5.99
N VAL B 18 -1.44 9.53 4.90
CA VAL B 18 -0.86 8.87 3.74
C VAL B 18 -0.08 9.87 2.93
N SER B 19 -0.59 11.08 2.86
CA SER B 19 0.05 12.09 2.08
C SER B 19 1.36 12.50 2.71
N ARG B 20 1.36 12.62 4.03
CA ARG B 20 2.56 12.97 4.77
C ARG B 20 3.55 11.82 4.76
N ARG B 21 3.04 10.62 4.63
CA ARG B 21 3.86 9.43 4.67
C ARG B 21 4.54 9.23 3.33
N ALA B 22 3.82 9.53 2.27
CA ALA B 22 4.36 9.49 0.94
C ALA B 22 5.42 10.57 0.81
N SER B 23 5.17 11.68 1.49
CA SER B 23 6.09 12.81 1.47
C SER B 23 7.29 12.52 2.36
N GLU B 24 7.08 11.66 3.35
CA GLU B 24 8.12 11.24 4.25
C GLU B 24 9.16 10.44 3.50
N LEU B 25 8.67 9.49 2.72
CA LEU B 25 9.54 8.63 1.95
C LEU B 25 10.15 9.42 0.79
N GLY B 26 9.41 10.38 0.28
CA GLY B 26 9.89 11.19 -0.82
C GLY B 26 9.37 10.70 -2.15
N MET B 27 8.27 9.99 -2.11
CA MET B 27 7.67 9.44 -3.30
C MET B 27 6.33 10.07 -3.57
N SER B 28 5.86 9.96 -4.79
CA SER B 28 4.56 10.46 -5.15
C SER B 28 3.53 9.52 -4.60
N ARG B 29 2.32 9.99 -4.38
CA ARG B 29 1.25 9.15 -3.86
C ARG B 29 1.06 7.92 -4.74
N SER B 30 1.20 8.11 -6.04
CA SER B 30 1.07 7.04 -7.00
C SER B 30 2.14 5.99 -6.75
N GLU B 31 3.38 6.43 -6.63
CA GLU B 31 4.50 5.54 -6.41
C GLU B 31 4.50 5.00 -4.98
N PHE B 32 3.96 5.78 -4.05
CA PHE B 32 3.84 5.37 -2.67
C PHE B 32 2.92 4.17 -2.55
N PHE B 33 1.80 4.20 -3.24
CA PHE B 33 0.83 3.12 -3.20
C PHE B 33 1.36 1.91 -3.95
N THR B 34 2.22 2.19 -4.90
CA THR B 34 2.90 1.14 -5.64
C THR B 34 3.89 0.44 -4.69
N LYS B 35 4.58 1.27 -3.91
CA LYS B 35 5.56 0.81 -2.98
C LYS B 35 4.90 0.18 -1.77
N ALA B 36 3.70 0.63 -1.50
CA ALA B 36 2.93 0.15 -0.35
C ALA B 36 2.31 -1.17 -0.64
N ALA B 37 1.89 -1.35 -1.86
CA ALA B 37 1.27 -2.59 -2.24
C ALA B 37 2.27 -3.73 -2.13
N GLN B 38 3.51 -3.45 -2.51
CA GLN B 38 4.57 -4.44 -2.45
C GLN B 38 5.19 -4.49 -1.04
N ARG B 39 5.22 -3.34 -0.38
CA ARG B 39 5.75 -3.25 0.98
C ARG B 39 4.86 -4.04 1.90
N TYR B 40 3.58 -3.90 1.67
CA TYR B 40 2.53 -4.59 2.41
C TYR B 40 2.71 -6.07 2.28
N LEU B 41 3.07 -6.49 1.09
CA LEU B 41 3.21 -7.88 0.79
C LEU B 41 4.47 -8.44 1.44
N HIS B 42 5.49 -7.61 1.51
CA HIS B 42 6.74 -7.99 2.17
C HIS B 42 6.50 -8.13 3.67
N GLU B 43 5.63 -7.28 4.20
CA GLU B 43 5.29 -7.31 5.62
C GLU B 43 4.36 -8.48 5.88
N LEU B 44 3.53 -8.76 4.90
CA LEU B 44 2.59 -9.86 4.96
C LEU B 44 3.36 -11.16 4.95
N ASP B 45 4.48 -11.15 4.26
CA ASP B 45 5.37 -12.28 4.18
C ASP B 45 6.02 -12.52 5.52
N ALA B 46 6.27 -11.44 6.24
CA ALA B 46 6.89 -11.53 7.53
C ALA B 46 5.89 -12.03 8.54
N GLN B 47 4.65 -11.79 8.26
CA GLN B 47 3.56 -12.21 9.12
C GLN B 47 3.38 -13.71 9.01
N LEU B 48 3.49 -14.20 7.79
CA LEU B 48 3.36 -15.62 7.53
C LEU B 48 4.61 -16.33 8.02
N LEU B 49 5.73 -15.63 7.92
CA LEU B 49 7.00 -16.16 8.39
C LEU B 49 6.95 -16.32 9.90
N THR B 50 6.37 -15.32 10.58
CA THR B 50 6.19 -15.38 12.02
C THR B 50 5.25 -16.54 12.38
N GLY B 51 4.36 -16.86 11.46
CA GLY B 51 3.41 -17.93 11.65
C GLY B 51 4.06 -19.30 11.66
N GLN B 52 5.29 -19.40 11.16
CA GLN B 52 6.03 -20.66 11.15
C GLN B 52 6.29 -21.15 12.57
N MET A 4 -11.06 13.94 -1.92
CA MET A 4 -9.91 13.36 -2.62
C MET A 4 -10.02 11.85 -2.68
N LYS A 5 -10.46 11.34 -3.80
CA LYS A 5 -10.54 9.91 -3.99
C LYS A 5 -9.44 9.46 -4.93
N THR A 6 -8.54 8.62 -4.44
CA THR A 6 -7.48 8.12 -5.26
C THR A 6 -8.04 7.18 -6.31
N ALA A 7 -7.81 7.51 -7.57
CA ALA A 7 -8.26 6.69 -8.67
C ALA A 7 -7.11 5.89 -9.19
N ILE A 8 -7.04 4.68 -8.74
CA ILE A 8 -5.99 3.76 -9.10
C ILE A 8 -6.46 2.81 -10.17
N SER A 9 -5.66 2.65 -11.19
CA SER A 9 -6.03 1.76 -12.25
C SER A 9 -5.54 0.38 -11.94
N LEU A 10 -6.43 -0.42 -11.45
CA LEU A 10 -6.13 -1.79 -11.09
C LEU A 10 -7.02 -2.78 -11.83
N PRO A 11 -6.46 -3.93 -12.23
CA PRO A 11 -7.23 -5.02 -12.83
C PRO A 11 -8.35 -5.51 -11.90
N ASP A 12 -9.15 -6.44 -12.36
CA ASP A 12 -10.32 -6.89 -11.61
C ASP A 12 -9.93 -7.94 -10.61
N GLU A 13 -8.92 -8.68 -10.94
CA GLU A 13 -8.40 -9.69 -10.07
C GLU A 13 -7.45 -9.07 -9.06
N THR A 14 -6.81 -7.97 -9.45
CA THR A 14 -5.93 -7.26 -8.54
C THR A 14 -6.79 -6.51 -7.54
N PHE A 15 -7.94 -6.04 -8.02
CA PHE A 15 -8.93 -5.41 -7.17
C PHE A 15 -9.34 -6.39 -6.10
N ASP A 16 -9.55 -7.62 -6.52
CA ASP A 16 -9.91 -8.72 -5.63
C ASP A 16 -8.83 -8.97 -4.59
N ARG A 17 -7.59 -8.90 -5.03
CA ARG A 17 -6.43 -9.09 -4.16
C ARG A 17 -6.40 -8.04 -3.05
N VAL A 18 -6.71 -6.82 -3.41
CA VAL A 18 -6.77 -5.72 -2.46
C VAL A 18 -7.97 -5.90 -1.58
N SER A 19 -9.00 -6.47 -2.15
CA SER A 19 -10.22 -6.68 -1.44
C SER A 19 -10.01 -7.66 -0.29
N ARG A 20 -9.10 -8.61 -0.48
CA ARG A 20 -8.82 -9.58 0.58
C ARG A 20 -7.90 -8.97 1.63
N ARG A 21 -7.13 -7.99 1.23
CA ARG A 21 -6.16 -7.35 2.14
C ARG A 21 -6.89 -6.49 3.12
N ALA A 22 -7.79 -5.69 2.60
CA ALA A 22 -8.63 -4.83 3.41
C ALA A 22 -9.47 -5.68 4.35
N SER A 23 -9.88 -6.84 3.88
CA SER A 23 -10.71 -7.74 4.65
C SER A 23 -9.86 -8.57 5.62
N GLU A 24 -8.58 -8.69 5.29
CA GLU A 24 -7.63 -9.42 6.09
C GLU A 24 -7.39 -8.67 7.39
N LEU A 25 -7.21 -7.37 7.26
CA LEU A 25 -7.03 -6.51 8.42
C LEU A 25 -8.35 -6.29 9.13
N GLY A 26 -9.43 -6.28 8.36
CA GLY A 26 -10.75 -6.10 8.94
C GLY A 26 -11.19 -4.66 8.87
N MET A 27 -10.61 -3.95 7.94
CA MET A 27 -10.94 -2.55 7.73
C MET A 27 -11.52 -2.36 6.36
N SER A 28 -11.65 -1.13 5.93
CA SER A 28 -12.14 -0.86 4.61
C SER A 28 -11.00 -0.42 3.71
N ARG A 29 -11.29 -0.18 2.45
CA ARG A 29 -10.29 0.18 1.45
C ARG A 29 -9.53 1.45 1.84
N SER A 30 -10.25 2.45 2.30
CA SER A 30 -9.63 3.71 2.68
C SER A 30 -8.64 3.50 3.83
N GLU A 31 -9.09 2.79 4.87
CA GLU A 31 -8.24 2.49 6.00
C GLU A 31 -7.09 1.59 5.59
N PHE A 32 -7.33 0.66 4.66
CA PHE A 32 -6.28 -0.22 4.19
C PHE A 32 -5.20 0.58 3.49
N PHE A 33 -5.60 1.57 2.71
CA PHE A 33 -4.64 2.38 1.98
C PHE A 33 -3.87 3.23 2.95
N THR A 34 -4.52 3.62 4.00
CA THR A 34 -3.94 4.42 5.04
C THR A 34 -2.87 3.60 5.76
N LYS A 35 -3.22 2.35 6.00
CA LYS A 35 -2.34 1.44 6.69
C LYS A 35 -1.24 0.99 5.78
N ALA A 36 -1.55 0.89 4.53
CA ALA A 36 -0.60 0.42 3.53
C ALA A 36 0.40 1.48 3.20
N ALA A 37 -0.05 2.71 3.14
CA ALA A 37 0.83 3.81 2.79
C ALA A 37 1.92 3.96 3.85
N GLN A 38 1.55 3.72 5.10
CA GLN A 38 2.48 3.85 6.21
C GLN A 38 3.27 2.56 6.44
N ARG A 39 2.65 1.41 6.22
CA ARG A 39 3.33 0.13 6.39
C ARG A 39 4.36 -0.02 5.29
N TYR A 40 3.97 0.40 4.11
CA TYR A 40 4.84 0.36 2.94
C TYR A 40 6.06 1.20 3.21
N LEU A 41 5.85 2.32 3.85
CA LEU A 41 6.89 3.27 4.11
C LEU A 41 7.85 2.76 5.17
N HIS A 42 7.31 2.18 6.22
CA HIS A 42 8.13 1.65 7.32
C HIS A 42 8.82 0.37 6.92
N GLU A 43 8.21 -0.36 6.02
CA GLU A 43 8.80 -1.58 5.49
C GLU A 43 9.80 -1.23 4.42
N LEU A 44 9.59 -0.08 3.80
CA LEU A 44 10.48 0.45 2.79
C LEU A 44 11.75 0.90 3.48
N ASP A 45 11.57 1.48 4.64
CA ASP A 45 12.66 1.95 5.45
C ASP A 45 13.45 0.78 5.99
N ALA A 46 12.76 -0.33 6.17
CA ALA A 46 13.39 -1.54 6.65
C ALA A 46 14.20 -2.16 5.53
N GLN A 47 13.78 -1.87 4.32
CA GLN A 47 14.44 -2.36 3.12
C GLN A 47 15.74 -1.61 2.93
N LEU A 48 15.70 -0.32 3.21
CA LEU A 48 16.86 0.54 3.11
C LEU A 48 17.83 0.21 4.22
N LEU A 49 17.29 -0.02 5.40
CA LEU A 49 18.09 -0.37 6.57
C LEU A 49 18.85 -1.65 6.32
N THR A 50 18.20 -2.60 5.66
CA THR A 50 18.82 -3.86 5.31
C THR A 50 20.01 -3.64 4.34
N GLY A 51 19.81 -2.71 3.40
CA GLY A 51 20.83 -2.41 2.41
C GLY A 51 22.05 -1.73 3.01
N GLN A 52 21.84 -0.98 4.08
CA GLN A 52 22.92 -0.26 4.77
C GLN A 52 23.94 -1.24 5.33
N MET B 4 -10.37 -1.69 -13.45
CA MET B 4 -11.21 -1.24 -12.33
C MET B 4 -10.49 -0.18 -11.52
N LYS B 5 -10.91 1.05 -11.67
CA LYS B 5 -10.33 2.12 -10.89
C LYS B 5 -10.77 2.01 -9.45
N THR B 6 -9.84 1.70 -8.57
CA THR B 6 -10.17 1.59 -7.18
C THR B 6 -10.50 2.96 -6.62
N ALA B 7 -11.64 3.06 -5.97
CA ALA B 7 -12.09 4.29 -5.39
C ALA B 7 -11.75 4.28 -3.92
N ILE B 8 -10.76 5.03 -3.57
CA ILE B 8 -10.29 5.10 -2.24
C ILE B 8 -10.45 6.50 -1.74
N SER B 9 -10.96 6.64 -0.56
CA SER B 9 -11.25 7.94 -0.05
C SER B 9 -10.19 8.35 0.94
N LEU B 10 -9.31 9.20 0.49
CA LEU B 10 -8.20 9.66 1.27
C LEU B 10 -8.27 11.16 1.56
N PRO B 11 -7.73 11.59 2.72
CA PRO B 11 -7.61 13.01 3.05
C PRO B 11 -6.74 13.74 2.03
N ASP B 12 -6.63 15.04 2.14
CA ASP B 12 -5.91 15.84 1.16
C ASP B 12 -4.42 15.82 1.45
N GLU B 13 -4.10 15.90 2.71
CA GLU B 13 -2.74 15.91 3.16
C GLU B 13 -2.15 14.51 3.04
N THR B 14 -2.99 13.52 3.21
CA THR B 14 -2.58 12.14 3.10
C THR B 14 -2.45 11.78 1.64
N PHE B 15 -3.35 12.34 0.83
CA PHE B 15 -3.31 12.16 -0.60
C PHE B 15 -1.99 12.68 -1.14
N ASP B 16 -1.57 13.83 -0.63
CA ASP B 16 -0.32 14.44 -1.04
C ASP B 16 0.86 13.58 -0.67
N ARG B 17 0.73 12.92 0.48
CA ARG B 17 1.77 12.04 0.97
C ARG B 17 1.90 10.81 0.09
N VAL B 18 0.77 10.33 -0.41
CA VAL B 18 0.76 9.19 -1.34
C VAL B 18 1.39 9.63 -2.63
N SER B 19 1.09 10.85 -3.02
CA SER B 19 1.61 11.38 -4.23
C SER B 19 3.12 11.53 -4.12
N ARG B 20 3.60 11.84 -2.92
CA ARG B 20 5.02 12.01 -2.68
C ARG B 20 5.77 10.68 -2.77
N ARG B 21 5.11 9.59 -2.39
CA ARG B 21 5.73 8.28 -2.39
C ARG B 21 5.85 7.78 -3.80
N ALA B 22 4.74 7.83 -4.48
CA ALA B 22 4.65 7.39 -5.86
C ALA B 22 5.53 8.25 -6.75
N SER B 23 5.65 9.52 -6.42
CA SER B 23 6.47 10.45 -7.17
C SER B 23 7.94 10.19 -6.88
N GLU B 24 8.24 9.81 -5.64
CA GLU B 24 9.60 9.52 -5.22
C GLU B 24 10.11 8.27 -5.93
N LEU B 25 9.22 7.31 -6.12
CA LEU B 25 9.54 6.09 -6.85
C LEU B 25 9.73 6.42 -8.32
N GLY B 26 8.99 7.41 -8.77
CA GLY B 26 9.07 7.80 -10.16
C GLY B 26 8.13 6.99 -10.99
N MET B 27 7.12 6.46 -10.35
CA MET B 27 6.11 5.65 -10.99
C MET B 27 4.80 6.39 -10.97
N SER B 28 3.73 5.71 -11.25
CA SER B 28 2.44 6.32 -11.20
C SER B 28 1.70 5.85 -9.97
N ARG B 29 0.66 6.55 -9.59
CA ARG B 29 -0.11 6.23 -8.40
C ARG B 29 -0.79 4.87 -8.55
N SER B 30 -1.02 4.47 -9.79
CA SER B 30 -1.61 3.18 -10.07
C SER B 30 -0.62 2.06 -9.74
N GLU B 31 0.61 2.19 -10.25
CA GLU B 31 1.65 1.21 -9.99
C GLU B 31 2.10 1.29 -8.55
N PHE B 32 1.95 2.47 -7.94
CA PHE B 32 2.30 2.64 -6.54
C PHE B 32 1.46 1.73 -5.66
N PHE B 33 0.17 1.68 -5.91
CA PHE B 33 -0.73 0.88 -5.11
C PHE B 33 -0.57 -0.58 -5.46
N THR B 34 -0.07 -0.83 -6.66
CA THR B 34 0.19 -2.17 -7.10
C THR B 34 1.43 -2.69 -6.38
N LYS B 35 2.41 -1.81 -6.24
CA LYS B 35 3.65 -2.15 -5.60
C LYS B 35 3.49 -2.17 -4.10
N ALA B 36 2.55 -1.41 -3.62
CA ALA B 36 2.29 -1.35 -2.20
C ALA B 36 1.51 -2.54 -1.77
N ALA B 37 0.58 -2.95 -2.59
CA ALA B 37 -0.22 -4.10 -2.30
C ALA B 37 0.66 -5.36 -2.32
N GLN B 38 1.63 -5.35 -3.23
CA GLN B 38 2.54 -6.48 -3.40
C GLN B 38 3.66 -6.44 -2.35
N ARG B 39 4.13 -5.24 -2.00
CA ARG B 39 5.15 -5.08 -0.96
C ARG B 39 4.56 -5.47 0.36
N TYR B 40 3.31 -5.09 0.52
CA TYR B 40 2.52 -5.39 1.68
C TYR B 40 2.50 -6.89 1.92
N LEU B 41 2.36 -7.63 0.85
CA LEU B 41 2.21 -9.06 0.91
C LEU B 41 3.53 -9.75 1.13
N HIS B 42 4.55 -9.27 0.44
CA HIS B 42 5.89 -9.84 0.56
C HIS B 42 6.46 -9.63 1.95
N GLU B 43 6.20 -8.47 2.50
CA GLU B 43 6.68 -8.14 3.81
C GLU B 43 5.78 -8.74 4.87
N LEU B 44 4.54 -9.03 4.47
CA LEU B 44 3.58 -9.69 5.34
C LEU B 44 4.00 -11.14 5.53
N ASP B 45 4.57 -11.71 4.47
CA ASP B 45 5.05 -13.08 4.51
C ASP B 45 6.28 -13.15 5.39
N ALA B 46 7.06 -12.08 5.37
CA ALA B 46 8.25 -11.99 6.18
C ALA B 46 7.87 -11.75 7.62
N GLN B 47 6.69 -11.18 7.80
CA GLN B 47 6.17 -10.89 9.11
C GLN B 47 5.58 -12.15 9.71
N LEU B 48 5.10 -13.03 8.84
CA LEU B 48 4.52 -14.29 9.26
C LEU B 48 5.61 -15.19 9.80
N LEU B 49 6.70 -15.25 9.07
CA LEU B 49 7.85 -16.05 9.46
C LEU B 49 8.43 -15.52 10.78
N THR B 50 8.58 -14.21 10.85
CA THR B 50 9.09 -13.56 12.04
C THR B 50 8.15 -13.75 13.25
N GLY B 51 6.87 -13.48 13.02
CA GLY B 51 5.89 -13.59 14.09
C GLY B 51 5.62 -15.01 14.55
N GLN B 52 5.79 -15.97 13.64
CA GLN B 52 5.54 -17.39 13.91
C GLN B 52 6.28 -17.86 15.15
N MET A 4 -13.02 10.89 2.88
CA MET A 4 -12.27 11.49 1.76
C MET A 4 -12.05 10.47 0.67
N LYS A 5 -11.76 10.95 -0.52
CA LYS A 5 -11.43 10.10 -1.63
C LYS A 5 -9.98 10.33 -2.02
N THR A 6 -9.13 9.35 -1.78
CA THR A 6 -7.74 9.48 -2.17
C THR A 6 -7.62 9.42 -3.68
N ALA A 7 -7.26 10.53 -4.28
CA ALA A 7 -7.09 10.62 -5.72
C ALA A 7 -5.66 10.32 -6.07
N ILE A 8 -5.42 9.09 -6.36
CA ILE A 8 -4.11 8.61 -6.65
C ILE A 8 -3.90 8.48 -8.13
N SER A 9 -2.89 9.12 -8.62
CA SER A 9 -2.61 9.09 -10.00
C SER A 9 -1.77 7.88 -10.33
N LEU A 10 -2.43 6.87 -10.80
CA LEU A 10 -1.79 5.63 -11.15
C LEU A 10 -2.03 5.28 -12.60
N PRO A 11 -1.02 4.74 -13.29
CA PRO A 11 -1.18 4.23 -14.64
C PRO A 11 -2.22 3.11 -14.67
N ASP A 12 -2.65 2.71 -15.84
CA ASP A 12 -3.70 1.70 -15.97
C ASP A 12 -3.09 0.34 -15.75
N GLU A 13 -1.82 0.25 -16.06
CA GLU A 13 -1.06 -0.93 -15.84
C GLU A 13 -0.86 -1.15 -14.35
N THR A 14 -0.70 -0.05 -13.64
CA THR A 14 -0.50 -0.10 -12.21
C THR A 14 -1.84 -0.27 -11.52
N PHE A 15 -2.87 0.37 -12.08
CA PHE A 15 -4.21 0.25 -11.55
C PHE A 15 -4.63 -1.20 -11.62
N ASP A 16 -4.29 -1.85 -12.71
CA ASP A 16 -4.60 -3.27 -12.92
C ASP A 16 -3.93 -4.11 -11.86
N ARG A 17 -2.73 -3.71 -11.49
CA ARG A 17 -1.98 -4.43 -10.49
C ARG A 17 -2.61 -4.27 -9.11
N VAL A 18 -3.12 -3.09 -8.82
CA VAL A 18 -3.79 -2.81 -7.55
C VAL A 18 -5.14 -3.48 -7.49
N SER A 19 -5.81 -3.52 -8.62
CA SER A 19 -7.11 -4.11 -8.67
C SER A 19 -7.00 -5.61 -8.50
N ARG A 20 -5.87 -6.17 -8.90
CA ARG A 20 -5.63 -7.60 -8.77
C ARG A 20 -5.14 -7.93 -7.36
N ARG A 21 -4.68 -6.92 -6.64
CA ARG A 21 -4.23 -7.12 -5.24
C ARG A 21 -5.44 -7.36 -4.40
N ALA A 22 -6.34 -6.40 -4.47
CA ALA A 22 -7.55 -6.41 -3.70
C ALA A 22 -8.42 -7.61 -4.08
N SER A 23 -8.33 -8.04 -5.34
CA SER A 23 -9.12 -9.18 -5.78
C SER A 23 -8.46 -10.48 -5.33
N GLU A 24 -7.13 -10.50 -5.37
CA GLU A 24 -6.37 -11.67 -4.93
C GLU A 24 -6.66 -11.95 -3.46
N LEU A 25 -6.78 -10.89 -2.70
CA LEU A 25 -7.13 -11.00 -1.29
C LEU A 25 -8.60 -11.35 -1.15
N GLY A 26 -9.43 -10.58 -1.82
CA GLY A 26 -10.86 -10.73 -1.70
C GLY A 26 -11.43 -9.58 -0.90
N MET A 27 -10.69 -8.50 -0.87
CA MET A 27 -11.07 -7.32 -0.12
C MET A 27 -11.40 -6.16 -1.04
N SER A 28 -11.66 -5.02 -0.46
CA SER A 28 -11.99 -3.82 -1.21
C SER A 28 -10.76 -2.95 -1.36
N ARG A 29 -10.76 -2.09 -2.36
CA ARG A 29 -9.66 -1.16 -2.57
C ARG A 29 -9.54 -0.22 -1.39
N SER A 30 -10.66 0.00 -0.71
CA SER A 30 -10.70 0.84 0.48
C SER A 30 -9.90 0.17 1.60
N GLU A 31 -10.15 -1.13 1.79
CA GLU A 31 -9.45 -1.88 2.82
C GLU A 31 -8.03 -2.17 2.37
N PHE A 32 -7.81 -2.28 1.06
CA PHE A 32 -6.48 -2.50 0.53
C PHE A 32 -5.54 -1.37 0.95
N PHE A 33 -6.00 -0.14 0.79
CA PHE A 33 -5.18 1.02 1.12
C PHE A 33 -5.05 1.17 2.62
N THR A 34 -6.05 0.70 3.33
CA THR A 34 -6.06 0.73 4.77
C THR A 34 -5.07 -0.30 5.30
N LYS A 35 -5.03 -1.43 4.63
CA LYS A 35 -4.18 -2.52 5.03
C LYS A 35 -2.77 -2.24 4.60
N ALA A 36 -2.64 -1.52 3.52
CA ALA A 36 -1.34 -1.17 2.98
C ALA A 36 -0.70 -0.12 3.79
N ALA A 37 -1.48 0.85 4.22
CA ALA A 37 -0.96 1.94 5.00
C ALA A 37 -0.50 1.44 6.37
N GLN A 38 -1.24 0.49 6.91
CA GLN A 38 -0.96 -0.08 8.21
C GLN A 38 0.26 -1.01 8.10
N ARG A 39 0.30 -1.80 7.05
CA ARG A 39 1.40 -2.72 6.80
C ARG A 39 2.65 -1.93 6.54
N TYR A 40 2.51 -0.90 5.73
CA TYR A 40 3.60 -0.03 5.30
C TYR A 40 4.38 0.49 6.50
N LEU A 41 3.65 0.76 7.58
CA LEU A 41 4.24 1.25 8.80
C LEU A 41 5.10 0.20 9.46
N HIS A 42 4.56 -1.00 9.58
CA HIS A 42 5.27 -2.07 10.28
C HIS A 42 6.37 -2.67 9.43
N GLU A 43 6.18 -2.64 8.13
CA GLU A 43 7.11 -3.24 7.19
C GLU A 43 8.35 -2.37 7.05
N LEU A 44 8.15 -1.05 6.96
CA LEU A 44 9.27 -0.12 6.88
C LEU A 44 10.07 -0.15 8.15
N ASP A 45 9.38 -0.28 9.25
CA ASP A 45 9.99 -0.27 10.56
C ASP A 45 10.82 -1.51 10.80
N ALA A 46 10.38 -2.60 10.20
CA ALA A 46 11.06 -3.87 10.38
C ALA A 46 12.38 -3.87 9.63
N GLN A 47 12.42 -3.11 8.56
CA GLN A 47 13.61 -3.02 7.73
C GLN A 47 14.51 -1.87 8.18
N LEU A 48 13.88 -0.84 8.72
CA LEU A 48 14.57 0.37 9.15
C LEU A 48 15.47 0.05 10.32
N LEU A 49 14.93 -0.70 11.26
CA LEU A 49 15.67 -1.12 12.43
C LEU A 49 16.93 -1.86 12.00
N THR A 50 16.77 -2.75 11.04
CA THR A 50 17.88 -3.52 10.52
C THR A 50 18.92 -2.62 9.81
N GLY A 51 18.42 -1.78 8.90
CA GLY A 51 19.29 -0.92 8.11
C GLY A 51 19.98 0.16 8.93
N GLN A 52 19.35 0.58 10.02
CA GLN A 52 19.90 1.62 10.88
C GLN A 52 21.27 1.24 11.41
N MET B 4 -5.84 6.05 -15.48
CA MET B 4 -7.03 6.14 -14.62
C MET B 4 -6.61 6.33 -13.17
N LYS B 5 -7.14 7.37 -12.54
CA LYS B 5 -6.83 7.66 -11.15
C LYS B 5 -7.60 6.71 -10.25
N THR B 6 -6.98 6.25 -9.18
CA THR B 6 -7.68 5.41 -8.26
C THR B 6 -8.46 6.26 -7.28
N ALA B 7 -9.70 5.89 -7.03
CA ALA B 7 -10.54 6.57 -6.10
C ALA B 7 -10.83 5.65 -4.94
N ILE B 8 -10.18 5.91 -3.86
CA ILE B 8 -10.29 5.10 -2.70
C ILE B 8 -11.01 5.86 -1.64
N SER B 9 -11.76 5.17 -0.88
CA SER B 9 -12.54 5.78 0.11
C SER B 9 -11.88 5.65 1.47
N LEU B 10 -11.22 6.69 1.85
CA LEU B 10 -10.49 6.72 3.10
C LEU B 10 -11.00 7.82 4.02
N PRO B 11 -11.17 7.49 5.32
CA PRO B 11 -11.57 8.46 6.35
C PRO B 11 -10.58 9.63 6.46
N ASP B 12 -10.86 10.52 7.37
CA ASP B 12 -10.05 11.73 7.54
C ASP B 12 -8.81 11.41 8.32
N GLU B 13 -8.95 10.49 9.24
CA GLU B 13 -7.87 10.05 10.06
C GLU B 13 -6.94 9.15 9.26
N THR B 14 -7.51 8.34 8.38
CA THR B 14 -6.74 7.47 7.54
C THR B 14 -6.08 8.29 6.45
N PHE B 15 -6.79 9.30 5.96
CA PHE B 15 -6.23 10.19 4.97
C PHE B 15 -5.08 10.98 5.57
N ASP B 16 -5.23 11.32 6.85
CA ASP B 16 -4.20 12.04 7.58
C ASP B 16 -2.96 11.19 7.69
N ARG B 17 -3.18 9.92 7.90
CA ARG B 17 -2.12 8.96 8.06
C ARG B 17 -1.30 8.82 6.78
N VAL B 18 -1.99 8.68 5.68
CA VAL B 18 -1.36 8.54 4.37
C VAL B 18 -0.64 9.80 4.00
N SER B 19 -1.30 10.92 4.20
CA SER B 19 -0.73 12.18 3.79
C SER B 19 0.47 12.52 4.64
N ARG B 20 0.45 12.06 5.89
CA ARG B 20 1.52 12.34 6.84
C ARG B 20 2.80 11.61 6.45
N ARG B 21 2.66 10.47 5.79
CA ARG B 21 3.84 9.66 5.41
C ARG B 21 4.34 10.07 4.09
N ALA B 22 3.43 10.30 3.18
CA ALA B 22 3.78 10.75 1.87
C ALA B 22 4.56 12.05 1.95
N SER B 23 4.11 12.95 2.81
CA SER B 23 4.79 14.24 2.96
C SER B 23 6.09 14.07 3.76
N GLU B 24 6.05 13.17 4.74
CA GLU B 24 7.22 12.89 5.58
C GLU B 24 8.38 12.37 4.72
N LEU B 25 8.05 11.59 3.71
CA LEU B 25 9.05 11.06 2.80
C LEU B 25 9.32 12.06 1.68
N GLY B 26 8.34 12.91 1.42
CA GLY B 26 8.49 13.91 0.38
C GLY B 26 8.02 13.38 -0.95
N MET B 27 7.20 12.35 -0.88
CA MET B 27 6.68 11.70 -2.04
C MET B 27 5.22 12.11 -2.25
N SER B 28 4.77 12.08 -3.48
CA SER B 28 3.40 12.41 -3.76
C SER B 28 2.54 11.21 -3.40
N ARG B 29 1.29 11.45 -3.06
CA ARG B 29 0.38 10.38 -2.68
C ARG B 29 0.27 9.36 -3.82
N SER B 30 0.42 9.85 -5.04
CA SER B 30 0.38 8.99 -6.21
C SER B 30 1.52 7.97 -6.19
N GLU B 31 2.75 8.44 -6.00
CA GLU B 31 3.88 7.52 -5.99
C GLU B 31 4.03 6.86 -4.61
N PHE B 32 3.44 7.46 -3.57
CA PHE B 32 3.38 6.82 -2.26
C PHE B 32 2.69 5.46 -2.42
N PHE B 33 1.63 5.45 -3.20
CA PHE B 33 0.85 4.25 -3.47
C PHE B 33 1.64 3.33 -4.39
N THR B 34 2.47 3.93 -5.20
CA THR B 34 3.31 3.18 -6.12
C THR B 34 4.38 2.43 -5.33
N LYS B 35 4.88 3.09 -4.29
CA LYS B 35 5.89 2.52 -3.43
C LYS B 35 5.28 1.48 -2.54
N ALA B 36 4.05 1.72 -2.18
CA ALA B 36 3.31 0.83 -1.29
C ALA B 36 2.93 -0.43 -1.99
N ALA B 37 2.45 -0.30 -3.21
CA ALA B 37 2.02 -1.44 -3.97
C ALA B 37 3.16 -2.43 -4.19
N GLN B 38 4.33 -1.89 -4.49
CA GLN B 38 5.53 -2.71 -4.73
C GLN B 38 6.09 -3.23 -3.41
N ARG B 39 6.04 -2.39 -2.39
CA ARG B 39 6.53 -2.76 -1.06
C ARG B 39 5.67 -3.88 -0.51
N TYR B 40 4.40 -3.74 -0.74
CA TYR B 40 3.37 -4.66 -0.28
C TYR B 40 3.63 -6.07 -0.81
N LEU B 41 4.18 -6.14 -1.99
CA LEU B 41 4.48 -7.41 -2.63
C LEU B 41 5.66 -8.09 -1.99
N HIS B 42 6.71 -7.32 -1.77
CA HIS B 42 7.95 -7.87 -1.24
C HIS B 42 7.84 -8.22 0.23
N GLU B 43 7.11 -7.43 0.96
CA GLU B 43 7.03 -7.60 2.39
C GLU B 43 6.11 -8.74 2.77
N LEU B 44 4.99 -8.87 2.06
CA LEU B 44 4.08 -9.97 2.31
C LEU B 44 4.71 -11.27 1.91
N ASP B 45 5.51 -11.22 0.86
CA ASP B 45 6.20 -12.42 0.40
C ASP B 45 7.22 -12.87 1.44
N ALA B 46 7.82 -11.89 2.11
CA ALA B 46 8.79 -12.18 3.13
C ALA B 46 8.10 -12.71 4.38
N GLN B 47 6.84 -12.36 4.52
CA GLN B 47 6.05 -12.79 5.65
C GLN B 47 5.43 -14.15 5.37
N LEU B 48 5.29 -14.45 4.10
CA LEU B 48 4.76 -15.73 3.66
C LEU B 48 5.72 -16.82 4.09
N LEU B 49 6.99 -16.53 3.96
CA LEU B 49 8.03 -17.44 4.38
C LEU B 49 8.06 -17.52 5.90
N THR B 50 7.94 -16.37 6.55
CA THR B 50 7.90 -16.30 8.02
C THR B 50 6.64 -17.00 8.58
N GLY B 51 5.69 -17.31 7.69
CA GLY B 51 4.44 -17.91 8.10
C GLY B 51 4.61 -19.29 8.71
N GLN B 52 4.96 -20.27 7.88
CA GLN B 52 5.14 -21.63 8.35
C GLN B 52 6.29 -21.74 9.35
N MET A 4 -13.02 11.08 2.73
CA MET A 4 -12.20 11.71 1.69
C MET A 4 -11.68 10.65 0.74
N LYS A 5 -12.16 10.69 -0.48
CA LYS A 5 -11.77 9.73 -1.49
C LYS A 5 -10.37 10.03 -2.01
N THR A 6 -9.43 9.16 -1.70
CA THR A 6 -8.08 9.31 -2.21
C THR A 6 -8.05 9.04 -3.70
N ALA A 7 -7.65 10.03 -4.45
CA ALA A 7 -7.56 9.89 -5.89
C ALA A 7 -6.12 9.68 -6.29
N ILE A 8 -5.75 8.46 -6.42
CA ILE A 8 -4.40 8.09 -6.75
C ILE A 8 -4.28 7.80 -8.20
N SER A 9 -3.47 8.55 -8.87
CA SER A 9 -3.32 8.41 -10.26
C SER A 9 -2.40 7.25 -10.57
N LEU A 10 -3.03 6.14 -10.89
CA LEU A 10 -2.32 4.93 -11.22
C LEU A 10 -2.62 4.49 -12.65
N PRO A 11 -1.66 3.81 -13.30
CA PRO A 11 -1.85 3.23 -14.64
C PRO A 11 -2.94 2.14 -14.67
N ASP A 12 -2.81 1.19 -15.58
CA ASP A 12 -3.84 0.16 -15.73
C ASP A 12 -3.39 -1.16 -15.13
N GLU A 13 -2.14 -1.51 -15.36
CA GLU A 13 -1.60 -2.73 -14.84
C GLU A 13 -1.21 -2.59 -13.38
N THR A 14 -0.90 -1.38 -12.97
CA THR A 14 -0.61 -1.11 -11.58
C THR A 14 -1.90 -1.26 -10.80
N PHE A 15 -2.99 -0.87 -11.45
CA PHE A 15 -4.32 -1.03 -10.89
C PHE A 15 -4.63 -2.51 -10.77
N ASP A 16 -4.23 -3.23 -11.80
CA ASP A 16 -4.39 -4.68 -11.87
C ASP A 16 -3.65 -5.36 -10.72
N ARG A 17 -2.51 -4.83 -10.40
CA ARG A 17 -1.69 -5.38 -9.33
C ARG A 17 -2.35 -5.16 -7.97
N VAL A 18 -2.81 -3.93 -7.74
CA VAL A 18 -3.47 -3.57 -6.48
C VAL A 18 -4.74 -4.35 -6.31
N SER A 19 -5.43 -4.57 -7.41
CA SER A 19 -6.67 -5.29 -7.33
C SER A 19 -6.43 -6.74 -6.97
N ARG A 20 -5.25 -7.24 -7.31
CA ARG A 20 -4.88 -8.61 -6.97
C ARG A 20 -4.33 -8.67 -5.56
N ARG A 21 -3.89 -7.52 -5.04
CA ARG A 21 -3.36 -7.47 -3.68
C ARG A 21 -4.50 -7.61 -2.72
N ALA A 22 -5.50 -6.77 -2.93
CA ALA A 22 -6.70 -6.78 -2.12
C ALA A 22 -7.39 -8.14 -2.21
N SER A 23 -7.31 -8.75 -3.38
CA SER A 23 -7.93 -10.05 -3.62
C SER A 23 -7.12 -11.17 -2.98
N GLU A 24 -5.82 -10.94 -2.84
CA GLU A 24 -4.93 -11.93 -2.24
C GLU A 24 -5.26 -12.12 -0.77
N LEU A 25 -5.58 -11.01 -0.13
CA LEU A 25 -5.94 -11.04 1.28
C LEU A 25 -7.41 -11.39 1.44
N GLY A 26 -8.23 -10.86 0.55
CA GLY A 26 -9.65 -11.09 0.62
C GLY A 26 -10.38 -9.89 1.15
N MET A 27 -9.81 -8.71 0.93
CA MET A 27 -10.38 -7.47 1.39
C MET A 27 -10.63 -6.54 0.21
N SER A 28 -11.13 -5.37 0.48
CA SER A 28 -11.37 -4.39 -0.55
C SER A 28 -10.21 -3.42 -0.60
N ARG A 29 -10.14 -2.62 -1.66
CA ARG A 29 -9.08 -1.64 -1.81
C ARG A 29 -9.12 -0.63 -0.67
N SER A 30 -10.30 -0.45 -0.11
CA SER A 30 -10.49 0.43 1.02
C SER A 30 -9.66 -0.06 2.21
N GLU A 31 -9.85 -1.32 2.56
CA GLU A 31 -9.16 -1.92 3.68
C GLU A 31 -7.71 -2.14 3.32
N PHE A 32 -7.47 -2.47 2.05
CA PHE A 32 -6.14 -2.70 1.56
C PHE A 32 -5.25 -1.48 1.74
N PHE A 33 -5.75 -0.32 1.35
CA PHE A 33 -4.96 0.91 1.40
C PHE A 33 -4.83 1.40 2.83
N THR A 34 -5.82 1.11 3.62
CA THR A 34 -5.85 1.48 5.01
C THR A 34 -4.80 0.68 5.77
N LYS A 35 -4.77 -0.61 5.50
CA LYS A 35 -3.89 -1.51 6.20
C LYS A 35 -2.51 -1.49 5.60
N ALA A 36 -2.42 -1.11 4.36
CA ALA A 36 -1.13 -1.03 3.68
C ALA A 36 -0.42 0.20 4.09
N ALA A 37 -1.16 1.23 4.41
CA ALA A 37 -0.57 2.45 4.85
C ALA A 37 0.10 2.25 6.22
N GLN A 38 -0.62 1.57 7.10
CA GLN A 38 -0.09 1.28 8.43
C GLN A 38 0.98 0.20 8.36
N ARG A 39 0.80 -0.75 7.47
CA ARG A 39 1.74 -1.83 7.28
C ARG A 39 3.02 -1.30 6.65
N TYR A 40 2.85 -0.29 5.82
CA TYR A 40 3.94 0.40 5.15
C TYR A 40 4.88 0.99 6.18
N LEU A 41 4.30 1.45 7.27
CA LEU A 41 5.07 2.01 8.37
C LEU A 41 5.88 0.92 9.03
N HIS A 42 5.29 -0.26 9.17
CA HIS A 42 6.00 -1.40 9.74
C HIS A 42 7.16 -1.80 8.85
N GLU A 43 6.96 -1.62 7.56
CA GLU A 43 7.99 -1.93 6.57
C GLU A 43 9.18 -0.99 6.76
N LEU A 44 8.86 0.28 6.86
CA LEU A 44 9.87 1.33 7.02
C LEU A 44 10.56 1.22 8.37
N ASP A 45 9.81 0.86 9.36
CA ASP A 45 10.32 0.75 10.72
C ASP A 45 11.16 -0.48 10.89
N ALA A 46 10.84 -1.50 10.11
CA ALA A 46 11.59 -2.74 10.19
C ALA A 46 12.84 -2.62 9.35
N GLN A 47 12.79 -1.69 8.41
CA GLN A 47 13.91 -1.44 7.55
C GLN A 47 14.90 -0.54 8.26
N LEU A 48 14.38 0.23 9.20
CA LEU A 48 15.18 1.10 10.00
C LEU A 48 16.02 0.26 10.94
N LEU A 49 15.40 -0.76 11.49
CA LEU A 49 16.07 -1.70 12.35
C LEU A 49 17.19 -2.39 11.58
N THR A 50 16.86 -2.87 10.40
CA THR A 50 17.82 -3.53 9.53
C THR A 50 18.94 -2.57 9.10
N GLY A 51 18.57 -1.32 8.88
CA GLY A 51 19.51 -0.30 8.44
C GLY A 51 20.57 0.03 9.48
N GLN A 52 20.26 -0.20 10.75
CA GLN A 52 21.21 0.05 11.83
C GLN A 52 22.43 -0.84 11.71
N MET B 4 -5.95 3.92 -14.41
CA MET B 4 -7.16 4.50 -13.81
C MET B 4 -6.85 5.03 -12.42
N LYS B 5 -7.37 6.20 -12.10
CA LYS B 5 -7.19 6.77 -10.78
C LYS B 5 -7.98 5.96 -9.77
N THR B 6 -7.30 5.43 -8.76
CA THR B 6 -7.96 4.64 -7.76
C THR B 6 -8.88 5.50 -6.90
N ALA B 7 -10.06 4.98 -6.58
CA ALA B 7 -11.02 5.68 -5.75
C ALA B 7 -11.20 4.94 -4.44
N ILE B 8 -10.45 5.36 -3.46
CA ILE B 8 -10.46 4.75 -2.19
C ILE B 8 -11.13 5.70 -1.24
N SER B 9 -11.91 5.17 -0.37
CA SER B 9 -12.61 6.01 0.53
C SER B 9 -11.96 5.97 1.89
N LEU B 10 -11.17 6.98 2.16
CA LEU B 10 -10.44 7.06 3.39
C LEU B 10 -10.90 8.24 4.23
N PRO B 11 -10.89 8.08 5.57
CA PRO B 11 -11.17 9.18 6.51
C PRO B 11 -10.21 10.38 6.30
N ASP B 12 -10.37 11.42 7.08
CA ASP B 12 -9.59 12.65 6.90
C ASP B 12 -8.23 12.49 7.50
N GLU B 13 -8.20 11.82 8.63
CA GLU B 13 -6.98 11.59 9.34
C GLU B 13 -6.19 10.50 8.68
N THR B 14 -6.88 9.51 8.15
CA THR B 14 -6.25 8.43 7.44
C THR B 14 -5.63 8.98 6.17
N PHE B 15 -6.37 9.87 5.51
CA PHE B 15 -5.86 10.53 4.31
C PHE B 15 -4.70 11.43 4.67
N ASP B 16 -4.79 12.01 5.86
CA ASP B 16 -3.74 12.87 6.39
C ASP B 16 -2.48 12.08 6.62
N ARG B 17 -2.62 10.90 7.16
CA ARG B 17 -1.47 10.06 7.47
C ARG B 17 -0.77 9.67 6.19
N VAL B 18 -1.52 9.17 5.23
CA VAL B 18 -0.99 8.74 3.95
C VAL B 18 -0.29 9.87 3.26
N SER B 19 -0.90 11.02 3.29
CA SER B 19 -0.34 12.15 2.61
C SER B 19 0.94 12.62 3.32
N ARG B 20 1.01 12.36 4.61
CA ARG B 20 2.17 12.73 5.40
C ARG B 20 3.32 11.74 5.19
N ARG B 21 2.98 10.52 4.79
CA ARG B 21 4.00 9.50 4.56
C ARG B 21 4.63 9.74 3.21
N ALA B 22 3.77 9.96 2.23
CA ALA B 22 4.21 10.25 0.88
C ALA B 22 5.06 11.52 0.87
N SER B 23 4.70 12.45 1.73
CA SER B 23 5.43 13.71 1.81
C SER B 23 6.73 13.52 2.60
N GLU B 24 6.74 12.56 3.52
CA GLU B 24 7.92 12.25 4.29
C GLU B 24 9.03 11.75 3.39
N LEU B 25 8.65 10.92 2.43
CA LEU B 25 9.59 10.42 1.44
C LEU B 25 9.83 11.49 0.38
N GLY B 26 8.80 12.25 0.07
CA GLY B 26 8.91 13.28 -0.93
C GLY B 26 8.42 12.81 -2.26
N MET B 27 7.67 11.73 -2.26
CA MET B 27 7.14 11.15 -3.48
C MET B 27 5.69 11.54 -3.63
N SER B 28 5.13 11.24 -4.78
CA SER B 28 3.75 11.51 -5.02
C SER B 28 2.92 10.37 -4.46
N ARG B 29 1.66 10.62 -4.16
CA ARG B 29 0.77 9.62 -3.62
C ARG B 29 0.63 8.44 -4.60
N SER B 30 0.78 8.75 -5.88
CA SER B 30 0.77 7.74 -6.92
C SER B 30 1.95 6.80 -6.75
N GLU B 31 3.15 7.37 -6.66
CA GLU B 31 4.37 6.59 -6.45
C GLU B 31 4.29 5.88 -5.12
N PHE B 32 3.75 6.58 -4.13
CA PHE B 32 3.56 6.03 -2.80
C PHE B 32 2.78 4.71 -2.85
N PHE B 33 1.69 4.70 -3.60
CA PHE B 33 0.81 3.53 -3.68
C PHE B 33 1.44 2.47 -4.55
N THR B 34 2.29 2.91 -5.44
CA THR B 34 2.99 2.03 -6.34
C THR B 34 4.04 1.25 -5.55
N LYS B 35 4.77 1.96 -4.70
CA LYS B 35 5.84 1.36 -3.93
C LYS B 35 5.31 0.65 -2.73
N ALA B 36 4.17 1.07 -2.28
CA ALA B 36 3.52 0.44 -1.13
C ALA B 36 3.05 -0.90 -1.51
N ALA B 37 2.53 -1.03 -2.70
CA ALA B 37 2.02 -2.29 -3.17
C ALA B 37 3.17 -3.29 -3.31
N GLN B 38 4.32 -2.79 -3.76
CA GLN B 38 5.51 -3.60 -3.93
C GLN B 38 6.08 -4.04 -2.58
N ARG B 39 6.17 -3.10 -1.64
CA ARG B 39 6.73 -3.38 -0.32
C ARG B 39 5.77 -4.18 0.50
N TYR B 40 4.50 -4.03 0.17
CA TYR B 40 3.43 -4.76 0.80
C TYR B 40 3.66 -6.26 0.61
N LEU B 41 4.14 -6.63 -0.56
CA LEU B 41 4.45 -8.04 -0.85
C LEU B 41 5.67 -8.46 -0.07
N HIS B 42 6.65 -7.56 0.00
CA HIS B 42 7.89 -7.80 0.74
C HIS B 42 7.59 -8.08 2.22
N GLU B 43 6.58 -7.40 2.73
CA GLU B 43 6.18 -7.53 4.11
C GLU B 43 5.40 -8.82 4.31
N LEU B 44 4.48 -9.07 3.39
CA LEU B 44 3.64 -10.26 3.45
C LEU B 44 4.44 -11.52 3.32
N ASP B 45 5.50 -11.47 2.56
CA ASP B 45 6.34 -12.63 2.36
C ASP B 45 7.24 -12.85 3.54
N ALA B 46 7.58 -11.76 4.21
CA ALA B 46 8.47 -11.82 5.34
C ALA B 46 7.77 -12.44 6.52
N GLN B 47 6.47 -12.24 6.57
CA GLN B 47 5.67 -12.77 7.66
C GLN B 47 5.13 -14.15 7.30
N LEU B 48 5.25 -14.51 6.03
CA LEU B 48 4.78 -15.79 5.55
C LEU B 48 5.80 -16.85 5.92
N LEU B 49 7.06 -16.51 5.75
CA LEU B 49 8.15 -17.41 6.07
C LEU B 49 8.18 -17.72 7.56
N THR B 50 7.99 -16.70 8.38
CA THR B 50 7.95 -16.87 9.82
C THR B 50 6.77 -17.78 10.23
N GLY B 51 5.68 -17.69 9.46
CA GLY B 51 4.50 -18.50 9.73
C GLY B 51 4.71 -19.99 9.48
N GLN B 52 5.76 -20.33 8.74
CA GLN B 52 6.06 -21.73 8.41
C GLN B 52 6.34 -22.54 9.65
N MET A 4 -9.28 14.00 -0.43
CA MET A 4 -8.84 13.58 -1.78
C MET A 4 -9.13 12.10 -2.01
N LYS A 5 -10.21 11.83 -2.71
CA LYS A 5 -10.58 10.46 -3.03
C LYS A 5 -9.62 9.90 -4.05
N THR A 6 -8.81 8.94 -3.65
CA THR A 6 -7.85 8.35 -4.55
C THR A 6 -8.56 7.49 -5.58
N ALA A 7 -8.25 7.74 -6.84
CA ALA A 7 -8.83 6.98 -7.93
C ALA A 7 -7.78 6.05 -8.49
N ILE A 8 -7.81 4.83 -8.04
CA ILE A 8 -6.84 3.85 -8.43
C ILE A 8 -7.45 2.86 -9.39
N SER A 9 -6.73 2.58 -10.45
CA SER A 9 -7.19 1.66 -11.42
C SER A 9 -6.66 0.28 -11.11
N LEU A 10 -7.48 -0.50 -10.48
CA LEU A 10 -7.12 -1.84 -10.08
C LEU A 10 -7.96 -2.89 -10.80
N PRO A 11 -7.32 -3.98 -11.23
CA PRO A 11 -8.03 -5.12 -11.82
C PRO A 11 -9.05 -5.70 -10.83
N ASP A 12 -9.90 -6.58 -11.32
CA ASP A 12 -10.95 -7.15 -10.50
C ASP A 12 -10.38 -8.15 -9.52
N GLU A 13 -9.35 -8.84 -9.96
CA GLU A 13 -8.66 -9.78 -9.15
C GLU A 13 -7.97 -9.05 -8.00
N THR A 14 -7.31 -7.97 -8.36
CA THR A 14 -6.58 -7.17 -7.42
C THR A 14 -7.53 -6.47 -6.50
N PHE A 15 -8.66 -6.04 -7.05
CA PHE A 15 -9.68 -5.37 -6.26
C PHE A 15 -10.22 -6.32 -5.22
N ASP A 16 -10.43 -7.55 -5.65
CA ASP A 16 -10.96 -8.59 -4.75
C ASP A 16 -9.92 -8.94 -3.70
N ARG A 17 -8.67 -8.89 -4.09
CA ARG A 17 -7.57 -9.18 -3.19
C ARG A 17 -7.47 -8.13 -2.09
N VAL A 18 -7.61 -6.87 -2.46
CA VAL A 18 -7.58 -5.78 -1.49
C VAL A 18 -8.78 -5.89 -0.60
N SER A 19 -9.88 -6.30 -1.19
CA SER A 19 -11.10 -6.45 -0.47
C SER A 19 -10.96 -7.56 0.57
N ARG A 20 -10.20 -8.59 0.22
CA ARG A 20 -9.98 -9.73 1.10
C ARG A 20 -9.03 -9.38 2.25
N ARG A 21 -8.25 -8.33 2.06
CA ARG A 21 -7.30 -7.92 3.09
C ARG A 21 -8.00 -7.05 4.10
N ALA A 22 -8.61 -6.01 3.58
CA ALA A 22 -9.31 -5.04 4.39
C ALA A 22 -10.47 -5.68 5.15
N SER A 23 -11.16 -6.60 4.49
CA SER A 23 -12.30 -7.25 5.11
C SER A 23 -11.86 -8.30 6.13
N GLU A 24 -10.71 -8.92 5.88
CA GLU A 24 -10.18 -9.94 6.80
C GLU A 24 -9.70 -9.26 8.08
N LEU A 25 -9.08 -8.10 7.92
CA LEU A 25 -8.63 -7.32 9.05
C LEU A 25 -9.81 -6.71 9.77
N GLY A 26 -10.86 -6.44 9.02
CA GLY A 26 -12.06 -5.86 9.58
C GLY A 26 -12.00 -4.36 9.58
N MET A 27 -11.19 -3.81 8.69
CA MET A 27 -11.03 -2.37 8.59
C MET A 27 -11.55 -1.87 7.26
N SER A 28 -11.38 -0.60 7.02
CA SER A 28 -11.88 0.01 5.81
C SER A 28 -10.77 0.04 4.77
N ARG A 29 -11.15 0.15 3.51
CA ARG A 29 -10.19 0.21 2.43
C ARG A 29 -9.32 1.46 2.57
N SER A 30 -9.91 2.54 3.09
CA SER A 30 -9.16 3.77 3.32
C SER A 30 -8.14 3.58 4.43
N GLU A 31 -8.47 2.73 5.39
CA GLU A 31 -7.57 2.43 6.48
C GLU A 31 -6.52 1.44 6.01
N PHE A 32 -6.91 0.55 5.13
CA PHE A 32 -5.99 -0.38 4.54
C PHE A 32 -4.92 0.35 3.73
N PHE A 33 -5.33 1.41 3.04
CA PHE A 33 -4.42 2.17 2.18
C PHE A 33 -3.45 2.98 3.03
N THR A 34 -3.88 3.37 4.21
CA THR A 34 -3.05 4.13 5.10
C THR A 34 -2.05 3.21 5.78
N LYS A 35 -2.49 1.99 6.04
CA LYS A 35 -1.63 0.98 6.65
C LYS A 35 -0.64 0.49 5.64
N ALA A 36 -1.08 0.42 4.42
CA ALA A 36 -0.25 -0.07 3.32
C ALA A 36 0.78 0.92 2.93
N ALA A 37 0.40 2.18 2.94
CA ALA A 37 1.31 3.22 2.57
C ALA A 37 2.49 3.29 3.56
N GLN A 38 2.18 3.12 4.83
CA GLN A 38 3.17 3.16 5.88
C GLN A 38 3.99 1.87 5.94
N ARG A 39 3.34 0.74 5.70
CA ARG A 39 4.02 -0.55 5.71
C ARG A 39 4.91 -0.67 4.50
N TYR A 40 4.48 -0.04 3.42
CA TYR A 40 5.23 -0.02 2.19
C TYR A 40 6.58 0.63 2.42
N LEU A 41 6.60 1.71 3.19
CA LEU A 41 7.84 2.40 3.51
C LEU A 41 8.65 1.55 4.47
N HIS A 42 7.94 0.98 5.43
CA HIS A 42 8.55 0.13 6.45
C HIS A 42 9.25 -1.07 5.82
N GLU A 43 8.73 -1.52 4.69
CA GLU A 43 9.28 -2.66 3.98
C GLU A 43 10.49 -2.21 3.17
N LEU A 44 10.32 -1.10 2.47
CA LEU A 44 11.37 -0.53 1.63
C LEU A 44 12.60 -0.13 2.44
N ASP A 45 12.36 0.40 3.61
CA ASP A 45 13.43 0.86 4.47
C ASP A 45 14.06 -0.30 5.22
N ALA A 46 13.29 -1.38 5.35
CA ALA A 46 13.79 -2.57 6.03
C ALA A 46 14.81 -3.25 5.16
N GLN A 47 14.63 -3.11 3.88
CA GLN A 47 15.52 -3.71 2.92
C GLN A 47 16.70 -2.79 2.68
N LEU A 48 16.46 -1.50 2.86
CA LEU A 48 17.49 -0.48 2.71
C LEU A 48 18.55 -0.66 3.78
N LEU A 49 18.09 -0.83 5.01
CA LEU A 49 18.99 -1.05 6.14
C LEU A 49 19.78 -2.32 5.91
N THR A 50 19.09 -3.36 5.45
CA THR A 50 19.73 -4.63 5.15
C THR A 50 20.75 -4.47 4.00
N GLY A 51 20.44 -3.56 3.08
CA GLY A 51 21.29 -3.31 1.95
C GLY A 51 22.61 -2.64 2.30
N GLN A 52 22.62 -1.90 3.40
CA GLN A 52 23.84 -1.21 3.85
C GLN A 52 24.94 -2.22 4.16
N MET B 4 -11.43 -1.92 -12.33
CA MET B 4 -12.21 -1.39 -11.20
C MET B 4 -11.47 -0.24 -10.54
N LYS B 5 -12.16 0.85 -10.30
CA LYS B 5 -11.53 2.00 -9.67
C LYS B 5 -11.76 1.98 -8.17
N THR B 6 -10.69 1.79 -7.41
CA THR B 6 -10.81 1.81 -5.97
C THR B 6 -10.99 3.24 -5.50
N ALA B 7 -12.15 3.52 -4.94
CA ALA B 7 -12.46 4.84 -4.45
C ALA B 7 -12.17 4.91 -2.98
N ILE B 8 -10.98 5.32 -2.67
CA ILE B 8 -10.51 5.38 -1.34
C ILE B 8 -10.58 6.79 -0.88
N SER B 9 -10.84 6.96 0.36
CA SER B 9 -11.01 8.26 0.86
C SER B 9 -9.82 8.66 1.69
N LEU B 10 -8.94 9.39 1.09
CA LEU B 10 -7.73 9.84 1.73
C LEU B 10 -7.71 11.35 1.91
N PRO B 11 -7.02 11.84 2.94
CA PRO B 11 -6.85 13.28 3.16
C PRO B 11 -5.92 13.93 2.11
N ASP B 12 -5.32 15.05 2.45
CA ASP B 12 -4.47 15.78 1.51
C ASP B 12 -3.02 15.40 1.68
N GLU B 13 -2.56 15.43 2.92
CA GLU B 13 -1.19 15.17 3.24
C GLU B 13 -0.82 13.73 2.89
N THR B 14 -1.69 12.82 3.27
CA THR B 14 -1.46 11.42 3.04
C THR B 14 -1.56 11.12 1.56
N PHE B 15 -2.41 11.87 0.87
CA PHE B 15 -2.55 11.71 -0.57
C PHE B 15 -1.28 12.17 -1.26
N ASP B 16 -0.67 13.21 -0.70
CA ASP B 16 0.57 13.74 -1.26
C ASP B 16 1.70 12.78 -1.01
N ARG B 17 1.63 12.11 0.13
CA ARG B 17 2.64 11.14 0.50
C ARG B 17 2.62 9.98 -0.48
N VAL B 18 1.43 9.47 -0.77
CA VAL B 18 1.26 8.37 -1.72
C VAL B 18 1.69 8.82 -3.08
N SER B 19 1.35 10.04 -3.42
CA SER B 19 1.65 10.58 -4.70
C SER B 19 3.17 10.71 -4.86
N ARG B 20 3.85 10.99 -3.76
CA ARG B 20 5.29 11.18 -3.78
C ARG B 20 6.01 9.84 -3.93
N ARG B 21 5.40 8.78 -3.45
CA ARG B 21 6.05 7.47 -3.51
C ARG B 21 5.89 6.90 -4.89
N ALA B 22 4.68 7.01 -5.41
CA ALA B 22 4.37 6.55 -6.74
C ALA B 22 5.17 7.35 -7.77
N SER B 23 5.40 8.62 -7.47
CA SER B 23 6.16 9.47 -8.35
C SER B 23 7.65 9.15 -8.22
N GLU B 24 8.06 8.73 -7.02
CA GLU B 24 9.43 8.35 -6.75
C GLU B 24 9.76 7.08 -7.53
N LEU B 25 8.79 6.18 -7.61
CA LEU B 25 8.93 4.95 -8.37
C LEU B 25 8.97 5.27 -9.85
N GLY B 26 8.15 6.22 -10.24
CA GLY B 26 8.05 6.60 -11.63
C GLY B 26 6.87 5.92 -12.26
N MET B 27 6.03 5.34 -11.42
CA MET B 27 4.86 4.62 -11.87
C MET B 27 3.61 5.42 -11.60
N SER B 28 2.48 4.81 -11.83
CA SER B 28 1.21 5.45 -11.58
C SER B 28 0.68 5.03 -10.23
N ARG B 29 -0.27 5.76 -9.70
CA ARG B 29 -0.86 5.44 -8.42
C ARG B 29 -1.60 4.09 -8.52
N SER B 30 -2.08 3.79 -9.72
CA SER B 30 -2.73 2.52 -10.00
C SER B 30 -1.74 1.37 -9.77
N GLU B 31 -0.57 1.48 -10.40
CA GLU B 31 0.47 0.46 -10.26
C GLU B 31 1.02 0.46 -8.84
N PHE B 32 1.07 1.65 -8.24
CA PHE B 32 1.55 1.82 -6.87
C PHE B 32 0.78 0.92 -5.90
N PHE B 33 -0.53 0.97 -5.96
CA PHE B 33 -1.39 0.21 -5.05
C PHE B 33 -1.36 -1.26 -5.42
N THR B 34 -0.98 -1.52 -6.64
CA THR B 34 -0.85 -2.88 -7.12
C THR B 34 0.41 -3.49 -6.50
N LYS B 35 1.46 -2.69 -6.44
CA LYS B 35 2.73 -3.13 -5.91
C LYS B 35 2.71 -3.13 -4.40
N ALA B 36 1.91 -2.26 -3.85
CA ALA B 36 1.78 -2.15 -2.40
C ALA B 36 1.03 -3.32 -1.87
N ALA B 37 0.07 -3.77 -2.64
CA ALA B 37 -0.72 -4.90 -2.25
C ALA B 37 0.17 -6.16 -2.20
N GLN B 38 1.13 -6.22 -3.12
CA GLN B 38 2.08 -7.33 -3.20
C GLN B 38 3.12 -7.25 -2.09
N ARG B 39 3.63 -6.05 -1.86
CA ARG B 39 4.66 -5.82 -0.83
C ARG B 39 4.07 -6.04 0.54
N TYR B 40 2.80 -5.67 0.67
CA TYR B 40 2.07 -5.82 1.90
C TYR B 40 2.01 -7.28 2.30
N LEU B 41 1.81 -8.15 1.32
CA LEU B 41 1.76 -9.57 1.59
C LEU B 41 3.11 -10.07 2.04
N HIS B 42 4.13 -9.72 1.27
CA HIS B 42 5.48 -10.18 1.55
C HIS B 42 6.00 -9.70 2.89
N GLU B 43 5.53 -8.55 3.33
CA GLU B 43 5.96 -8.04 4.62
C GLU B 43 5.27 -8.86 5.70
N LEU B 44 4.02 -9.20 5.44
CA LEU B 44 3.23 -10.01 6.34
C LEU B 44 3.86 -11.39 6.52
N ASP B 45 4.46 -11.90 5.46
CA ASP B 45 5.16 -13.19 5.54
C ASP B 45 6.30 -13.11 6.52
N ALA B 46 7.00 -11.99 6.46
CA ALA B 46 8.17 -11.79 7.30
C ALA B 46 7.75 -11.39 8.69
N GLN B 47 6.52 -10.96 8.81
CA GLN B 47 6.00 -10.51 10.08
C GLN B 47 5.38 -11.69 10.82
N LEU B 48 4.96 -12.68 10.06
CA LEU B 48 4.36 -13.87 10.61
C LEU B 48 5.42 -14.67 11.33
N LEU B 49 6.56 -14.80 10.68
CA LEU B 49 7.68 -15.52 11.27
C LEU B 49 8.15 -14.80 12.54
N THR B 50 8.34 -13.49 12.42
CA THR B 50 8.75 -12.65 13.56
C THR B 50 7.66 -12.59 14.65
N GLY B 51 6.47 -13.08 14.33
CA GLY B 51 5.33 -13.02 15.24
C GLY B 51 5.61 -13.68 16.59
N GLN B 52 6.05 -14.92 16.57
CA GLN B 52 6.35 -15.65 17.79
C GLN B 52 7.50 -14.99 18.57
N MET A 4 -9.85 13.26 0.65
CA MET A 4 -9.38 13.02 -0.73
C MET A 4 -9.46 11.55 -1.09
N LYS A 5 -10.44 11.20 -1.89
CA LYS A 5 -10.61 9.83 -2.31
C LYS A 5 -9.54 9.48 -3.32
N THR A 6 -8.75 8.48 -3.02
CA THR A 6 -7.73 8.03 -3.91
C THR A 6 -8.36 7.35 -5.12
N ALA A 7 -8.24 7.99 -6.26
CA ALA A 7 -8.77 7.45 -7.50
C ALA A 7 -7.68 6.73 -8.24
N ILE A 8 -7.53 5.49 -7.94
CA ILE A 8 -6.49 4.67 -8.48
C ILE A 8 -7.00 3.79 -9.59
N SER A 9 -6.30 3.79 -10.68
CA SER A 9 -6.69 3.04 -11.83
C SER A 9 -6.04 1.67 -11.78
N LEU A 10 -6.81 0.71 -11.33
CA LEU A 10 -6.34 -0.65 -11.18
C LEU A 10 -7.14 -1.62 -12.05
N PRO A 11 -6.50 -2.72 -12.49
CA PRO A 11 -7.16 -3.77 -13.27
C PRO A 11 -8.22 -4.52 -12.43
N ASP A 12 -8.64 -5.66 -12.90
CA ASP A 12 -9.68 -6.43 -12.22
C ASP A 12 -9.05 -7.36 -11.24
N GLU A 13 -7.94 -7.93 -11.64
CA GLU A 13 -7.19 -8.86 -10.83
C GLU A 13 -6.67 -8.17 -9.58
N THR A 14 -6.16 -6.97 -9.78
CA THR A 14 -5.58 -6.21 -8.70
C THR A 14 -6.67 -5.66 -7.83
N PHE A 15 -7.78 -5.28 -8.45
CA PHE A 15 -8.91 -4.74 -7.70
C PHE A 15 -9.44 -5.80 -6.77
N ASP A 16 -9.51 -6.99 -7.28
CA ASP A 16 -10.03 -8.12 -6.51
C ASP A 16 -9.08 -8.48 -5.39
N ARG A 17 -7.81 -8.34 -5.66
CA ARG A 17 -6.78 -8.67 -4.70
C ARG A 17 -6.75 -7.64 -3.56
N VAL A 18 -7.06 -6.40 -3.87
CA VAL A 18 -7.16 -5.35 -2.87
C VAL A 18 -8.38 -5.56 -2.04
N SER A 19 -9.47 -5.92 -2.70
CA SER A 19 -10.71 -6.09 -2.02
C SER A 19 -10.63 -7.27 -1.05
N ARG A 20 -9.79 -8.24 -1.39
CA ARG A 20 -9.63 -9.39 -0.54
C ARG A 20 -8.69 -9.07 0.63
N ARG A 21 -7.76 -8.14 0.43
CA ARG A 21 -6.81 -7.76 1.47
C ARG A 21 -7.52 -7.03 2.57
N ALA A 22 -8.35 -6.12 2.14
CA ALA A 22 -9.21 -5.37 3.04
C ALA A 22 -10.13 -6.34 3.78
N SER A 23 -10.46 -7.45 3.11
CA SER A 23 -11.33 -8.46 3.68
C SER A 23 -10.55 -9.38 4.64
N GLU A 24 -9.26 -9.59 4.36
CA GLU A 24 -8.42 -10.42 5.23
C GLU A 24 -8.25 -9.75 6.56
N LEU A 25 -8.16 -8.44 6.51
CA LEU A 25 -8.06 -7.64 7.70
C LEU A 25 -9.42 -7.56 8.38
N GLY A 26 -10.44 -7.36 7.57
CA GLY A 26 -11.78 -7.21 8.09
C GLY A 26 -12.12 -5.76 8.27
N MET A 27 -11.45 -4.93 7.49
CA MET A 27 -11.63 -3.49 7.56
C MET A 27 -12.05 -2.93 6.21
N SER A 28 -12.08 -1.62 6.10
CA SER A 28 -12.45 -0.97 4.88
C SER A 28 -11.20 -0.72 4.05
N ARG A 29 -11.39 -0.39 2.78
CA ARG A 29 -10.27 -0.12 1.90
C ARG A 29 -9.50 1.10 2.40
N SER A 30 -10.22 2.02 3.02
CA SER A 30 -9.61 3.22 3.59
C SER A 30 -8.62 2.82 4.67
N GLU A 31 -9.04 1.91 5.53
CA GLU A 31 -8.21 1.43 6.59
C GLU A 31 -7.09 0.55 6.03
N PHE A 32 -7.43 -0.24 5.02
CA PHE A 32 -6.44 -1.07 4.36
C PHE A 32 -5.32 -0.21 3.76
N PHE A 33 -5.71 0.89 3.15
CA PHE A 33 -4.76 1.78 2.48
C PHE A 33 -3.96 2.54 3.52
N THR A 34 -4.58 2.75 4.66
CA THR A 34 -3.93 3.41 5.76
C THR A 34 -2.84 2.50 6.34
N LYS A 35 -3.19 1.23 6.43
CA LYS A 35 -2.28 0.22 6.96
C LYS A 35 -1.22 -0.12 5.96
N ALA A 36 -1.56 -0.01 4.71
CA ALA A 36 -0.65 -0.37 3.62
C ALA A 36 0.34 0.71 3.35
N ALA A 37 -0.12 1.95 3.34
CA ALA A 37 0.76 3.06 3.07
C ALA A 37 1.82 3.18 4.15
N GLN A 38 1.43 2.86 5.37
CA GLN A 38 2.32 2.93 6.52
C GLN A 38 3.21 1.69 6.58
N ARG A 39 2.63 0.53 6.28
CA ARG A 39 3.35 -0.74 6.30
C ARG A 39 4.40 -0.73 5.20
N TYR A 40 4.01 -0.18 4.09
CA TYR A 40 4.84 -0.09 2.90
C TYR A 40 6.07 0.71 3.18
N LEU A 41 5.89 1.86 3.76
CA LEU A 41 6.94 2.81 3.92
C LEU A 41 7.87 2.41 5.07
N HIS A 42 7.30 1.88 6.14
CA HIS A 42 8.10 1.47 7.29
C HIS A 42 8.98 0.28 6.93
N GLU A 43 8.41 -0.63 6.16
CA GLU A 43 9.11 -1.86 5.79
C GLU A 43 10.05 -1.64 4.62
N LEU A 44 9.65 -0.79 3.69
CA LEU A 44 10.49 -0.47 2.55
C LEU A 44 11.73 0.25 3.03
N ASP A 45 11.56 1.05 4.05
CA ASP A 45 12.68 1.76 4.66
C ASP A 45 13.64 0.77 5.29
N ALA A 46 13.09 -0.31 5.83
CA ALA A 46 13.90 -1.33 6.46
C ALA A 46 14.65 -2.11 5.40
N GLN A 47 14.08 -2.15 4.22
CA GLN A 47 14.68 -2.85 3.10
C GLN A 47 15.78 -2.01 2.50
N LEU A 48 15.55 -0.71 2.51
CA LEU A 48 16.53 0.26 2.01
C LEU A 48 17.76 0.19 2.89
N LEU A 49 17.52 0.08 4.19
CA LEU A 49 18.57 -0.07 5.17
C LEU A 49 19.34 -1.36 4.91
N THR A 50 18.61 -2.40 4.54
CA THR A 50 19.19 -3.70 4.24
C THR A 50 20.15 -3.60 3.04
N GLY A 51 19.86 -2.66 2.13
CA GLY A 51 20.69 -2.46 0.95
C GLY A 51 22.12 -2.09 1.29
N GLN A 52 22.29 -1.30 2.33
CA GLN A 52 23.62 -0.91 2.80
C GLN A 52 24.38 -2.14 3.30
N MET B 4 -10.78 -0.85 -13.70
CA MET B 4 -11.42 -0.49 -12.44
C MET B 4 -10.74 0.69 -11.81
N LYS B 5 -11.42 1.35 -10.92
CA LYS B 5 -10.86 2.47 -10.21
C LYS B 5 -11.16 2.30 -8.74
N THR B 6 -10.13 2.09 -7.94
CA THR B 6 -10.33 1.92 -6.53
C THR B 6 -10.73 3.24 -5.93
N ALA B 7 -11.86 3.24 -5.28
CA ALA B 7 -12.36 4.43 -4.64
C ALA B 7 -12.17 4.31 -3.16
N ILE B 8 -11.09 4.83 -2.69
CA ILE B 8 -10.76 4.76 -1.31
C ILE B 8 -10.85 6.13 -0.74
N SER B 9 -11.41 6.24 0.40
CA SER B 9 -11.60 7.52 0.96
C SER B 9 -10.56 7.79 2.02
N LEU B 10 -9.57 8.52 1.62
CA LEU B 10 -8.47 8.85 2.48
C LEU B 10 -8.49 10.32 2.88
N PRO B 11 -7.95 10.64 4.07
CA PRO B 11 -7.78 12.02 4.52
C PRO B 11 -6.94 12.83 3.52
N ASP B 12 -6.76 14.10 3.80
CA ASP B 12 -6.05 14.98 2.87
C ASP B 12 -4.57 14.85 3.10
N GLU B 13 -4.21 14.75 4.37
CA GLU B 13 -2.84 14.60 4.77
C GLU B 13 -2.34 13.20 4.48
N THR B 14 -3.22 12.23 4.63
CA THR B 14 -2.88 10.85 4.34
C THR B 14 -2.70 10.70 2.84
N PHE B 15 -3.55 11.41 2.09
CA PHE B 15 -3.44 11.42 0.64
C PHE B 15 -2.10 12.02 0.24
N ASP B 16 -1.71 13.06 0.97
CA ASP B 16 -0.44 13.74 0.74
C ASP B 16 0.73 12.79 0.99
N ARG B 17 0.59 12.00 2.04
CA ARG B 17 1.61 11.04 2.42
C ARG B 17 1.79 9.95 1.37
N VAL B 18 0.68 9.52 0.79
CA VAL B 18 0.71 8.53 -0.29
C VAL B 18 1.32 9.14 -1.50
N SER B 19 1.00 10.38 -1.73
CA SER B 19 1.47 11.06 -2.90
C SER B 19 2.98 11.30 -2.81
N ARG B 20 3.48 11.47 -1.58
CA ARG B 20 4.90 11.72 -1.35
C ARG B 20 5.71 10.44 -1.51
N ARG B 21 5.06 9.31 -1.32
CA ARG B 21 5.71 8.01 -1.46
C ARG B 21 5.81 7.68 -2.92
N ALA B 22 4.69 7.84 -3.58
CA ALA B 22 4.59 7.60 -5.02
C ALA B 22 5.49 8.56 -5.78
N SER B 23 5.63 9.77 -5.26
CA SER B 23 6.49 10.78 -5.89
C SER B 23 7.96 10.42 -5.67
N GLU B 24 8.25 9.83 -4.52
CA GLU B 24 9.60 9.40 -4.20
C GLU B 24 10.04 8.31 -5.16
N LEU B 25 9.12 7.40 -5.47
CA LEU B 25 9.38 6.34 -6.43
C LEU B 25 9.47 6.93 -7.82
N GLY B 26 8.70 7.97 -8.05
CA GLY B 26 8.66 8.60 -9.34
C GLY B 26 7.69 7.91 -10.25
N MET B 27 6.75 7.22 -9.65
CA MET B 27 5.76 6.46 -10.39
C MET B 27 4.39 7.09 -10.23
N SER B 28 3.40 6.44 -10.80
CA SER B 28 2.04 6.88 -10.71
C SER B 28 1.42 6.31 -9.45
N ARG B 29 0.39 6.96 -8.95
CA ARG B 29 -0.32 6.48 -7.79
C ARG B 29 -0.95 5.11 -8.10
N SER B 30 -1.22 4.88 -9.38
CA SER B 30 -1.76 3.61 -9.84
C SER B 30 -0.69 2.53 -9.70
N GLU B 31 0.50 2.82 -10.20
CA GLU B 31 1.62 1.90 -10.11
C GLU B 31 2.03 1.75 -8.64
N PHE B 32 1.93 2.83 -7.88
CA PHE B 32 2.24 2.84 -6.46
C PHE B 32 1.38 1.85 -5.70
N PHE B 33 0.07 1.95 -5.88
CA PHE B 33 -0.87 1.11 -5.15
C PHE B 33 -0.76 -0.33 -5.61
N THR B 34 -0.29 -0.49 -6.83
CA THR B 34 -0.06 -1.79 -7.39
C THR B 34 1.18 -2.40 -6.71
N LYS B 35 2.16 -1.56 -6.45
CA LYS B 35 3.41 -1.97 -5.86
C LYS B 35 3.24 -2.15 -4.37
N ALA B 36 2.35 -1.38 -3.81
CA ALA B 36 2.11 -1.38 -2.38
C ALA B 36 1.23 -2.51 -1.97
N ALA B 37 0.24 -2.83 -2.78
CA ALA B 37 -0.65 -3.92 -2.47
C ALA B 37 0.14 -5.24 -2.47
N GLN B 38 1.06 -5.33 -3.42
CA GLN B 38 1.92 -6.50 -3.56
C GLN B 38 2.96 -6.53 -2.45
N ARG B 39 3.56 -5.37 -2.20
CA ARG B 39 4.62 -5.24 -1.22
C ARG B 39 4.07 -5.43 0.17
N TYR B 40 2.85 -4.98 0.35
CA TYR B 40 2.14 -5.08 1.60
C TYR B 40 2.04 -6.50 2.04
N LEU B 41 1.58 -7.31 1.14
CA LEU B 41 1.29 -8.67 1.43
C LEU B 41 2.59 -9.48 1.52
N HIS B 42 3.53 -9.17 0.65
CA HIS B 42 4.82 -9.86 0.63
C HIS B 42 5.59 -9.59 1.93
N GLU B 43 5.52 -8.36 2.39
CA GLU B 43 6.29 -7.95 3.55
C GLU B 43 5.58 -8.31 4.83
N LEU B 44 4.27 -8.18 4.84
CA LEU B 44 3.46 -8.50 6.00
C LEU B 44 3.59 -9.98 6.31
N ASP B 45 3.66 -10.78 5.26
CA ASP B 45 3.86 -12.21 5.41
C ASP B 45 5.25 -12.49 5.95
N ALA B 46 6.18 -11.65 5.57
CA ALA B 46 7.56 -11.82 5.99
C ALA B 46 7.74 -11.37 7.43
N GLN B 47 6.86 -10.49 7.87
CA GLN B 47 6.93 -9.95 9.22
C GLN B 47 6.33 -10.92 10.20
N LEU B 48 5.20 -11.48 9.82
CA LEU B 48 4.49 -12.43 10.65
C LEU B 48 5.31 -13.70 10.79
N LEU B 49 5.97 -14.05 9.71
CA LEU B 49 6.85 -15.21 9.70
C LEU B 49 8.01 -14.96 10.66
N THR B 50 8.58 -13.77 10.59
CA THR B 50 9.69 -13.40 11.45
C THR B 50 9.26 -13.36 12.93
N GLY B 51 8.18 -12.63 13.21
CA GLY B 51 7.70 -12.46 14.57
C GLY B 51 7.15 -13.74 15.19
N GLN B 52 6.87 -14.73 14.36
CA GLN B 52 6.33 -16.02 14.81
C GLN B 52 7.16 -16.60 15.95
N MET A 4 -11.11 11.58 5.37
CA MET A 4 -11.99 11.65 4.20
C MET A 4 -11.66 10.52 3.22
N LYS A 5 -12.56 10.25 2.28
CA LYS A 5 -12.35 9.18 1.32
C LYS A 5 -11.20 9.48 0.38
N THR A 6 -10.22 8.61 0.35
CA THR A 6 -9.10 8.76 -0.56
C THR A 6 -9.52 8.33 -1.97
N ALA A 7 -9.40 9.25 -2.91
CA ALA A 7 -9.76 8.97 -4.28
C ALA A 7 -8.51 8.64 -5.08
N ILE A 8 -8.26 7.37 -5.19
CA ILE A 8 -7.11 6.89 -5.89
C ILE A 8 -7.48 6.38 -7.25
N SER A 9 -6.74 6.80 -8.24
CA SER A 9 -7.01 6.40 -9.58
C SER A 9 -6.22 5.17 -9.92
N LEU A 10 -6.88 4.06 -9.83
CA LEU A 10 -6.27 2.78 -10.11
C LEU A 10 -6.93 2.11 -11.30
N PRO A 11 -6.18 1.25 -12.00
CA PRO A 11 -6.72 0.43 -13.10
C PRO A 11 -7.77 -0.56 -12.60
N ASP A 12 -8.09 -1.55 -13.39
CA ASP A 12 -9.13 -2.50 -13.01
C ASP A 12 -8.54 -3.81 -12.58
N GLU A 13 -7.43 -4.17 -13.18
CA GLU A 13 -6.74 -5.38 -12.84
C GLU A 13 -6.00 -5.20 -11.53
N THR A 14 -5.52 -3.99 -11.30
CA THR A 14 -4.83 -3.65 -10.08
C THR A 14 -5.84 -3.53 -8.97
N PHE A 15 -6.98 -2.95 -9.30
CA PHE A 15 -8.09 -2.81 -8.37
C PHE A 15 -8.54 -4.18 -7.93
N ASP A 16 -8.64 -5.06 -8.89
CA ASP A 16 -9.05 -6.44 -8.64
C ASP A 16 -8.06 -7.11 -7.71
N ARG A 17 -6.79 -6.87 -7.96
CA ARG A 17 -5.72 -7.45 -7.18
C ARG A 17 -5.79 -6.98 -5.72
N VAL A 18 -6.17 -5.72 -5.54
CA VAL A 18 -6.33 -5.15 -4.21
C VAL A 18 -7.55 -5.75 -3.56
N SER A 19 -8.53 -6.03 -4.39
CA SER A 19 -9.79 -6.54 -3.90
C SER A 19 -9.64 -7.99 -3.41
N ARG A 20 -8.74 -8.73 -4.06
CA ARG A 20 -8.50 -10.13 -3.68
C ARG A 20 -7.56 -10.18 -2.49
N ARG A 21 -6.81 -9.11 -2.33
CA ARG A 21 -5.80 -9.04 -1.30
C ARG A 21 -6.44 -8.67 0.03
N ALA A 22 -7.32 -7.69 -0.01
CA ALA A 22 -8.08 -7.29 1.17
C ALA A 22 -8.97 -8.44 1.60
N SER A 23 -9.43 -9.21 0.61
CA SER A 23 -10.25 -10.38 0.86
C SER A 23 -9.41 -11.47 1.51
N GLU A 24 -8.15 -11.60 1.06
CA GLU A 24 -7.23 -12.59 1.60
C GLU A 24 -6.93 -12.28 3.07
N LEU A 25 -6.80 -11.00 3.38
CA LEU A 25 -6.57 -10.57 4.75
C LEU A 25 -7.80 -10.79 5.60
N GLY A 26 -8.96 -10.65 4.97
CA GLY A 26 -10.21 -10.81 5.67
C GLY A 26 -10.70 -9.49 6.22
N MET A 27 -10.24 -8.42 5.60
CA MET A 27 -10.58 -7.08 6.02
C MET A 27 -11.24 -6.34 4.87
N SER A 28 -11.23 -5.02 4.94
CA SER A 28 -11.79 -4.19 3.91
C SER A 28 -10.69 -3.40 3.22
N ARG A 29 -11.02 -2.81 2.09
CA ARG A 29 -10.07 -2.04 1.30
C ARG A 29 -9.45 -0.90 2.12
N SER A 30 -10.25 -0.29 2.99
CA SER A 30 -9.76 0.78 3.84
C SER A 30 -8.77 0.25 4.85
N GLU A 31 -9.06 -0.92 5.40
CA GLU A 31 -8.16 -1.54 6.35
C GLU A 31 -6.91 -2.03 5.63
N PHE A 32 -7.08 -2.41 4.35
CA PHE A 32 -5.97 -2.82 3.54
C PHE A 32 -5.02 -1.66 3.29
N PHE A 33 -5.58 -0.47 3.10
CA PHE A 33 -4.77 0.73 2.86
C PHE A 33 -4.08 1.11 4.16
N THR A 34 -4.66 0.68 5.25
CA THR A 34 -4.11 0.91 6.56
C THR A 34 -2.92 -0.03 6.76
N LYS A 35 -3.09 -1.27 6.31
CA LYS A 35 -2.06 -2.29 6.40
C LYS A 35 -0.91 -1.96 5.48
N ALA A 36 -1.26 -1.45 4.35
CA ALA A 36 -0.30 -1.14 3.31
C ALA A 36 0.49 0.07 3.65
N ALA A 37 -0.14 1.06 4.23
CA ALA A 37 0.54 2.27 4.58
C ALA A 37 1.65 2.01 5.60
N GLN A 38 1.36 1.11 6.53
CA GLN A 38 2.31 0.76 7.57
C GLN A 38 3.39 -0.17 7.05
N ARG A 39 3.00 -1.14 6.24
CA ARG A 39 3.97 -2.11 5.70
C ARG A 39 4.87 -1.45 4.70
N TYR A 40 4.31 -0.49 4.00
CA TYR A 40 5.03 0.32 3.04
C TYR A 40 6.23 0.98 3.72
N LEU A 41 5.97 1.53 4.88
CA LEU A 41 6.99 2.25 5.61
C LEU A 41 7.95 1.29 6.28
N HIS A 42 7.45 0.14 6.66
CA HIS A 42 8.28 -0.90 7.27
C HIS A 42 9.27 -1.44 6.26
N GLU A 43 8.85 -1.48 5.00
CA GLU A 43 9.70 -1.97 3.92
C GLU A 43 10.84 -0.99 3.68
N LEU A 44 10.51 0.29 3.60
CA LEU A 44 11.50 1.33 3.40
C LEU A 44 12.40 1.43 4.62
N ASP A 45 11.84 1.13 5.77
CA ASP A 45 12.57 1.17 7.02
C ASP A 45 13.70 0.15 7.00
N ALA A 46 13.45 -0.96 6.34
CA ALA A 46 14.42 -2.02 6.22
C ALA A 46 15.48 -1.62 5.21
N GLN A 47 15.11 -0.73 4.32
CA GLN A 47 16.01 -0.25 3.29
C GLN A 47 17.02 0.72 3.88
N LEU A 48 16.54 1.54 4.80
CA LEU A 48 17.39 2.51 5.48
C LEU A 48 18.37 1.79 6.36
N LEU A 49 17.92 0.71 6.95
CA LEU A 49 18.75 -0.12 7.80
C LEU A 49 19.81 -0.82 6.95
N THR A 50 19.39 -1.39 5.84
CA THR A 50 20.30 -2.09 4.94
C THR A 50 21.32 -1.13 4.31
N GLY A 51 20.98 0.16 4.26
CA GLY A 51 21.86 1.16 3.67
C GLY A 51 23.14 1.36 4.46
N GLN A 52 23.14 0.93 5.72
CA GLN A 52 24.31 1.05 6.57
C GLN A 52 25.47 0.22 6.03
N MET B 4 -10.73 0.89 -11.93
CA MET B 4 -11.71 1.70 -11.18
C MET B 4 -11.01 2.46 -10.06
N LYS B 5 -11.45 3.68 -9.81
CA LYS B 5 -10.89 4.50 -8.75
C LYS B 5 -11.28 3.92 -7.40
N THR B 6 -10.30 3.76 -6.53
CA THR B 6 -10.56 3.18 -5.23
C THR B 6 -11.13 4.22 -4.29
N ALA B 7 -12.29 3.91 -3.75
CA ALA B 7 -12.92 4.76 -2.78
C ALA B 7 -12.67 4.20 -1.41
N ILE B 8 -11.64 4.66 -0.81
CA ILE B 8 -11.22 4.18 0.45
C ILE B 8 -11.65 5.16 1.47
N SER B 9 -12.09 4.69 2.57
CA SER B 9 -12.58 5.57 3.55
C SER B 9 -11.60 5.66 4.68
N LEU B 10 -10.81 6.69 4.66
CA LEU B 10 -9.78 6.88 5.64
C LEU B 10 -10.04 8.11 6.46
N PRO B 11 -9.71 8.07 7.76
CA PRO B 11 -9.77 9.25 8.61
C PRO B 11 -8.82 10.32 8.07
N ASP B 12 -8.99 11.54 8.49
CA ASP B 12 -8.17 12.64 7.98
C ASP B 12 -6.79 12.58 8.59
N GLU B 13 -6.71 11.98 9.76
CA GLU B 13 -5.45 11.75 10.43
C GLU B 13 -4.65 10.70 9.66
N THR B 14 -5.36 9.68 9.17
CA THR B 14 -4.74 8.63 8.39
C THR B 14 -4.44 9.16 7.01
N PHE B 15 -5.34 10.01 6.51
CA PHE B 15 -5.14 10.64 5.21
C PHE B 15 -3.90 11.50 5.25
N ASP B 16 -3.66 12.11 6.40
CA ASP B 16 -2.48 12.94 6.61
C ASP B 16 -1.23 12.11 6.54
N ARG B 17 -1.33 10.92 7.09
CA ARG B 17 -0.23 10.00 7.14
C ARG B 17 0.13 9.53 5.73
N VAL B 18 -0.90 9.22 4.95
CA VAL B 18 -0.74 8.77 3.58
C VAL B 18 -0.22 9.87 2.72
N SER B 19 -0.75 11.06 2.91
CA SER B 19 -0.39 12.16 2.09
C SER B 19 1.04 12.60 2.38
N ARG B 20 1.49 12.38 3.61
CA ARG B 20 2.85 12.73 4.00
C ARG B 20 3.86 11.78 3.35
N ARG B 21 3.40 10.58 3.00
CA ARG B 21 4.25 9.58 2.36
C ARG B 21 4.32 9.86 0.88
N ALA B 22 3.15 9.93 0.29
CA ALA B 22 3.00 10.18 -1.14
C ALA B 22 3.62 11.52 -1.53
N SER B 23 3.53 12.48 -0.63
CA SER B 23 4.09 13.79 -0.90
C SER B 23 5.60 13.74 -0.79
N GLU B 24 6.10 12.88 0.11
CA GLU B 24 7.54 12.75 0.29
C GLU B 24 8.18 12.09 -0.92
N LEU B 25 7.46 11.15 -1.53
CA LEU B 25 7.95 10.50 -2.74
C LEU B 25 7.93 11.48 -3.87
N GLY B 26 6.99 12.41 -3.82
CA GLY B 26 6.88 13.40 -4.86
C GLY B 26 6.04 12.90 -5.99
N MET B 27 5.19 11.94 -5.67
CA MET B 27 4.31 11.35 -6.65
C MET B 27 2.88 11.69 -6.33
N SER B 28 1.97 11.07 -7.04
CA SER B 28 0.56 11.28 -6.83
C SER B 28 0.04 10.19 -5.90
N ARG B 29 -1.07 10.44 -5.25
CA ARG B 29 -1.65 9.47 -4.33
C ARG B 29 -2.02 8.18 -5.07
N SER B 30 -2.43 8.33 -6.33
CA SER B 30 -2.75 7.17 -7.15
C SER B 30 -1.51 6.32 -7.39
N GLU B 31 -0.41 6.98 -7.71
CA GLU B 31 0.86 6.30 -7.92
C GLU B 31 1.34 5.70 -6.62
N PHE B 32 1.11 6.43 -5.52
CA PHE B 32 1.50 5.96 -4.20
C PHE B 32 0.89 4.59 -3.88
N PHE B 33 -0.39 4.43 -4.17
CA PHE B 33 -1.08 3.18 -3.88
C PHE B 33 -0.63 2.10 -4.84
N THR B 34 -0.12 2.52 -5.97
CA THR B 34 0.43 1.62 -6.95
C THR B 34 1.76 1.09 -6.43
N LYS B 35 2.54 2.00 -5.85
CA LYS B 35 3.85 1.69 -5.31
C LYS B 35 3.71 0.89 -4.05
N ALA B 36 2.67 1.18 -3.32
CA ALA B 36 2.40 0.55 -2.04
C ALA B 36 1.86 -0.82 -2.22
N ALA B 37 1.05 -0.99 -3.23
CA ALA B 37 0.46 -2.27 -3.48
C ALA B 37 1.53 -3.32 -3.72
N GLN B 38 2.52 -2.97 -4.53
CA GLN B 38 3.58 -3.91 -4.86
C GLN B 38 4.65 -3.94 -3.78
N ARG B 39 4.86 -2.81 -3.12
CA ARG B 39 5.84 -2.72 -2.04
C ARG B 39 5.34 -3.54 -0.85
N TYR B 40 4.03 -3.56 -0.71
CA TYR B 40 3.37 -4.29 0.36
C TYR B 40 3.53 -5.78 0.17
N LEU B 41 3.53 -6.23 -1.06
CA LEU B 41 3.71 -7.65 -1.34
C LEU B 41 5.12 -8.09 -1.08
N HIS B 42 6.06 -7.25 -1.41
CA HIS B 42 7.46 -7.53 -1.15
C HIS B 42 7.72 -7.59 0.35
N GLU B 43 7.00 -6.75 1.09
CA GLU B 43 7.13 -6.68 2.54
C GLU B 43 6.43 -7.90 3.16
N LEU B 44 5.25 -8.17 2.65
CA LEU B 44 4.42 -9.27 3.10
C LEU B 44 5.11 -10.60 2.84
N ASP B 45 5.85 -10.66 1.75
CA ASP B 45 6.56 -11.86 1.38
C ASP B 45 7.70 -12.11 2.33
N ALA B 46 8.25 -11.03 2.85
CA ALA B 46 9.36 -11.11 3.79
C ALA B 46 8.86 -11.66 5.11
N GLN B 47 7.59 -11.42 5.39
CA GLN B 47 6.99 -11.89 6.63
C GLN B 47 6.65 -13.37 6.53
N LEU B 48 6.39 -13.80 5.31
CA LEU B 48 6.02 -15.19 5.07
C LEU B 48 7.20 -16.09 5.37
N LEU B 49 8.36 -15.66 4.93
CA LEU B 49 9.59 -16.40 5.14
C LEU B 49 10.05 -16.26 6.58
N THR B 50 10.09 -15.02 7.06
CA THR B 50 10.56 -14.72 8.42
C THR B 50 9.65 -15.34 9.49
N GLY B 51 8.34 -15.31 9.24
CA GLY B 51 7.37 -15.79 10.21
C GLY B 51 7.51 -17.27 10.50
N GLN B 52 7.63 -18.08 9.45
CA GLN B 52 7.73 -19.53 9.59
C GLN B 52 8.98 -19.93 10.36
N MET A 4 -10.89 12.28 0.62
CA MET A 4 -10.30 12.61 -0.70
C MET A 4 -9.97 11.34 -1.44
N LYS A 5 -10.39 11.26 -2.68
CA LYS A 5 -10.13 10.09 -3.47
C LYS A 5 -8.78 10.20 -4.17
N THR A 6 -7.86 9.32 -3.78
CA THR A 6 -6.55 9.30 -4.39
C THR A 6 -6.66 8.83 -5.82
N ALA A 7 -6.05 9.55 -6.74
CA ALA A 7 -6.06 9.17 -8.13
C ALA A 7 -4.71 8.64 -8.54
N ILE A 8 -4.56 7.35 -8.40
CA ILE A 8 -3.32 6.67 -8.70
C ILE A 8 -3.36 6.09 -10.09
N SER A 9 -2.26 6.19 -10.79
CA SER A 9 -2.19 5.68 -12.12
C SER A 9 -1.57 4.30 -12.10
N LEU A 10 -2.43 3.31 -12.14
CA LEU A 10 -2.00 1.93 -12.10
C LEU A 10 -2.27 1.22 -13.42
N PRO A 11 -1.47 0.18 -13.73
CA PRO A 11 -1.68 -0.67 -14.92
C PRO A 11 -3.00 -1.47 -14.83
N ASP A 12 -3.10 -2.55 -15.59
CA ASP A 12 -4.33 -3.34 -15.63
C ASP A 12 -4.21 -4.56 -14.74
N GLU A 13 -3.15 -5.30 -14.94
CA GLU A 13 -2.92 -6.51 -14.20
C GLU A 13 -2.59 -6.18 -12.76
N THR A 14 -1.86 -5.10 -12.57
CA THR A 14 -1.47 -4.63 -11.26
C THR A 14 -2.70 -4.17 -10.49
N PHE A 15 -3.65 -3.61 -11.23
CA PHE A 15 -4.90 -3.17 -10.66
C PHE A 15 -5.64 -4.39 -10.14
N ASP A 16 -5.59 -5.44 -10.93
CA ASP A 16 -6.24 -6.69 -10.58
C ASP A 16 -5.55 -7.34 -9.39
N ARG A 17 -4.24 -7.12 -9.31
CA ARG A 17 -3.42 -7.65 -8.24
C ARG A 17 -3.85 -7.04 -6.91
N VAL A 18 -4.06 -5.73 -6.93
CA VAL A 18 -4.52 -5.01 -5.74
C VAL A 18 -5.87 -5.51 -5.34
N SER A 19 -6.71 -5.74 -6.32
CA SER A 19 -8.05 -6.18 -6.05
C SER A 19 -8.05 -7.63 -5.56
N ARG A 20 -7.02 -8.36 -5.95
CA ARG A 20 -6.86 -9.75 -5.56
C ARG A 20 -6.55 -9.87 -4.07
N ARG A 21 -5.79 -8.94 -3.55
CA ARG A 21 -5.38 -9.00 -2.15
C ARG A 21 -6.35 -8.27 -1.26
N ALA A 22 -6.98 -7.24 -1.79
CA ALA A 22 -8.02 -6.55 -1.05
C ALA A 22 -9.15 -7.53 -0.76
N SER A 23 -9.36 -8.44 -1.70
CA SER A 23 -10.39 -9.46 -1.55
C SER A 23 -9.90 -10.60 -0.67
N GLU A 24 -8.58 -10.80 -0.66
CA GLU A 24 -7.96 -11.84 0.15
C GLU A 24 -8.08 -11.48 1.62
N LEU A 25 -7.79 -10.22 1.93
CA LEU A 25 -7.89 -9.72 3.30
C LEU A 25 -9.32 -9.66 3.74
N GLY A 26 -10.19 -9.32 2.80
CA GLY A 26 -11.60 -9.22 3.09
C GLY A 26 -12.02 -7.79 3.27
N MET A 27 -11.27 -6.89 2.64
CA MET A 27 -11.55 -5.47 2.72
C MET A 27 -11.83 -4.93 1.34
N SER A 28 -11.85 -3.63 1.22
CA SER A 28 -12.00 -3.00 -0.07
C SER A 28 -10.74 -2.19 -0.34
N ARG A 29 -10.58 -1.70 -1.56
CA ARG A 29 -9.36 -0.99 -1.96
C ARG A 29 -9.05 0.23 -1.09
N SER A 30 -10.07 0.93 -0.62
CA SER A 30 -9.85 2.09 0.23
C SER A 30 -9.24 1.68 1.55
N GLU A 31 -9.84 0.68 2.18
CA GLU A 31 -9.35 0.15 3.43
C GLU A 31 -8.03 -0.57 3.20
N PHE A 32 -7.87 -1.14 2.00
CA PHE A 32 -6.66 -1.81 1.61
C PHE A 32 -5.49 -0.84 1.61
N PHE A 33 -5.69 0.34 1.04
CA PHE A 33 -4.64 1.35 0.95
C PHE A 33 -4.42 1.96 2.32
N THR A 34 -5.44 1.90 3.13
CA THR A 34 -5.36 2.36 4.49
C THR A 34 -4.42 1.43 5.27
N LYS A 35 -4.59 0.14 5.06
CA LYS A 35 -3.79 -0.88 5.73
C LYS A 35 -2.46 -1.07 5.05
N ALA A 36 -2.39 -0.65 3.82
CA ALA A 36 -1.15 -0.74 3.05
C ALA A 36 -0.26 0.37 3.40
N ALA A 37 -0.84 1.49 3.75
CA ALA A 37 -0.08 2.63 4.14
C ALA A 37 0.59 2.35 5.49
N GLN A 38 -0.14 1.64 6.35
CA GLN A 38 0.38 1.25 7.66
C GLN A 38 1.41 0.15 7.49
N ARG A 39 1.07 -0.83 6.64
CA ARG A 39 1.93 -1.97 6.35
C ARG A 39 3.22 -1.52 5.72
N TYR A 40 3.10 -0.49 4.91
CA TYR A 40 4.22 0.10 4.20
C TYR A 40 5.24 0.65 5.19
N LEU A 41 4.75 1.30 6.23
CA LEU A 41 5.62 1.87 7.25
C LEU A 41 6.21 0.78 8.11
N HIS A 42 5.41 -0.23 8.36
CA HIS A 42 5.82 -1.37 9.15
C HIS A 42 6.90 -2.17 8.43
N GLU A 43 6.82 -2.19 7.11
CA GLU A 43 7.78 -2.90 6.29
C GLU A 43 9.10 -2.17 6.33
N LEU A 44 9.06 -0.87 6.06
CA LEU A 44 10.27 -0.05 6.06
C LEU A 44 10.90 -0.04 7.44
N ASP A 45 10.08 -0.15 8.45
CA ASP A 45 10.55 -0.20 9.83
C ASP A 45 11.33 -1.47 10.07
N ALA A 46 10.90 -2.54 9.43
CA ALA A 46 11.55 -3.81 9.56
C ALA A 46 12.86 -3.80 8.81
N GLN A 47 12.91 -2.96 7.81
CA GLN A 47 14.09 -2.83 6.96
C GLN A 47 15.19 -2.11 7.72
N LEU A 48 14.77 -1.18 8.55
CA LEU A 48 15.70 -0.41 9.37
C LEU A 48 16.37 -1.33 10.37
N LEU A 49 15.60 -2.28 10.87
CA LEU A 49 16.11 -3.25 11.82
C LEU A 49 16.91 -4.35 11.11
N THR A 50 16.38 -4.82 9.98
CA THR A 50 17.03 -5.90 9.23
C THR A 50 18.41 -5.45 8.70
N GLY A 51 18.51 -4.19 8.34
CA GLY A 51 19.78 -3.65 7.86
C GLY A 51 20.84 -3.70 8.94
N GLN A 52 20.42 -3.45 10.18
CA GLN A 52 21.33 -3.46 11.32
C GLN A 52 21.91 -4.86 11.53
N MET B 4 -5.22 2.54 -15.66
CA MET B 4 -6.40 2.55 -14.78
C MET B 4 -6.13 3.40 -13.55
N LYS B 5 -6.96 4.40 -13.32
CA LYS B 5 -6.80 5.26 -12.16
C LYS B 5 -7.54 4.69 -10.97
N THR B 6 -6.79 4.19 -9.99
CA THR B 6 -7.40 3.63 -8.82
C THR B 6 -8.02 4.73 -7.98
N ALA B 7 -9.33 4.73 -7.90
CA ALA B 7 -10.06 5.68 -7.13
C ALA B 7 -10.28 5.15 -5.73
N ILE B 8 -9.38 5.51 -4.88
CA ILE B 8 -9.37 5.07 -3.54
C ILE B 8 -9.85 6.18 -2.68
N SER B 9 -10.57 5.85 -1.68
CA SER B 9 -11.14 6.86 -0.87
C SER B 9 -10.39 6.94 0.45
N LEU B 10 -9.50 7.89 0.51
CA LEU B 10 -8.68 8.09 1.68
C LEU B 10 -9.08 9.33 2.47
N PRO B 11 -9.03 9.25 3.81
CA PRO B 11 -9.28 10.40 4.69
C PRO B 11 -8.28 11.53 4.43
N ASP B 12 -8.45 12.64 5.10
CA ASP B 12 -7.61 13.82 4.83
C ASP B 12 -6.28 13.71 5.54
N GLU B 13 -6.32 13.28 6.77
CA GLU B 13 -5.13 13.13 7.58
C GLU B 13 -4.30 11.96 7.06
N THR B 14 -4.99 10.94 6.63
CA THR B 14 -4.35 9.76 6.10
C THR B 14 -3.79 10.05 4.72
N PHE B 15 -4.52 10.85 3.94
CA PHE B 15 -4.04 11.26 2.62
C PHE B 15 -2.80 12.13 2.78
N ASP B 16 -2.82 12.93 3.83
CA ASP B 16 -1.71 13.82 4.17
C ASP B 16 -0.47 12.99 4.46
N ARG B 17 -0.67 11.92 5.20
CA ARG B 17 0.41 11.06 5.60
C ARG B 17 0.97 10.28 4.42
N VAL B 18 0.08 9.82 3.53
CA VAL B 18 0.51 9.11 2.32
C VAL B 18 1.35 10.01 1.48
N SER B 19 0.95 11.26 1.40
CA SER B 19 1.67 12.20 0.60
C SER B 19 3.00 12.54 1.27
N ARG B 20 3.02 12.47 2.58
CA ARG B 20 4.22 12.74 3.38
C ARG B 20 5.26 11.64 3.19
N ARG B 21 4.80 10.40 3.05
CA ARG B 21 5.73 9.28 2.92
C ARG B 21 6.15 9.09 1.49
N ALA B 22 5.27 9.46 0.57
CA ALA B 22 5.63 9.44 -0.84
C ALA B 22 6.72 10.48 -1.07
N SER B 23 6.63 11.57 -0.31
CA SER B 23 7.61 12.64 -0.40
C SER B 23 8.89 12.22 0.31
N GLU B 24 8.74 11.46 1.39
CA GLU B 24 9.86 10.93 2.15
C GLU B 24 10.73 10.05 1.26
N LEU B 25 10.07 9.17 0.51
CA LEU B 25 10.76 8.28 -0.42
C LEU B 25 11.24 9.07 -1.63
N GLY B 26 10.54 10.15 -1.93
CA GLY B 26 10.91 10.97 -3.05
C GLY B 26 10.31 10.45 -4.34
N MET B 27 9.23 9.71 -4.21
CA MET B 27 8.56 9.15 -5.34
C MET B 27 7.15 9.71 -5.44
N SER B 28 6.47 9.44 -6.53
CA SER B 28 5.12 9.94 -6.70
C SER B 28 4.14 8.97 -6.08
N ARG B 29 2.92 9.44 -5.86
CA ARG B 29 1.90 8.65 -5.19
C ARG B 29 1.58 7.36 -5.97
N SER B 30 1.70 7.41 -7.30
CA SER B 30 1.45 6.23 -8.11
C SER B 30 2.54 5.19 -7.90
N GLU B 31 3.78 5.61 -7.98
CA GLU B 31 4.89 4.71 -7.74
C GLU B 31 4.88 4.29 -6.28
N PHE B 32 4.46 5.19 -5.41
CA PHE B 32 4.29 4.90 -4.00
C PHE B 32 3.36 3.70 -3.79
N PHE B 33 2.21 3.72 -4.47
CA PHE B 33 1.21 2.65 -4.34
C PHE B 33 1.72 1.39 -4.99
N THR B 34 2.58 1.56 -5.96
CA THR B 34 3.19 0.46 -6.65
C THR B 34 4.17 -0.24 -5.69
N LYS B 35 4.90 0.55 -4.93
CA LYS B 35 5.89 0.03 -3.99
C LYS B 35 5.23 -0.39 -2.70
N ALA B 36 4.06 0.15 -2.46
CA ALA B 36 3.29 -0.18 -1.28
C ALA B 36 2.59 -1.46 -1.48
N ALA B 37 2.22 -1.73 -2.72
CA ALA B 37 1.57 -2.95 -3.04
C ALA B 37 2.54 -4.11 -2.89
N GLN B 38 3.81 -3.85 -3.24
CA GLN B 38 4.87 -4.85 -3.10
C GLN B 38 5.26 -5.01 -1.63
N ARG B 39 5.35 -3.88 -0.94
CA ARG B 39 5.71 -3.84 0.47
C ARG B 39 4.64 -4.54 1.29
N TYR B 40 3.41 -4.36 0.87
CA TYR B 40 2.26 -4.93 1.52
C TYR B 40 2.32 -6.46 1.46
N LEU B 41 2.78 -6.96 0.32
CA LEU B 41 2.90 -8.39 0.11
C LEU B 41 4.02 -8.95 0.96
N HIS B 42 5.12 -8.22 0.99
CA HIS B 42 6.30 -8.63 1.74
C HIS B 42 6.02 -8.64 3.24
N GLU B 43 5.17 -7.72 3.67
CA GLU B 43 4.84 -7.58 5.07
C GLU B 43 3.96 -8.76 5.49
N LEU B 44 2.88 -8.96 4.76
CA LEU B 44 1.93 -10.03 5.09
C LEU B 44 2.54 -11.39 4.90
N ASP B 45 3.44 -11.51 3.95
CA ASP B 45 4.10 -12.78 3.67
C ASP B 45 5.04 -13.13 4.81
N ALA B 46 5.58 -12.11 5.45
CA ALA B 46 6.46 -12.31 6.56
C ALA B 46 5.66 -12.67 7.79
N GLN B 47 4.42 -12.23 7.81
CA GLN B 47 3.52 -12.49 8.93
C GLN B 47 3.04 -13.91 8.90
N LEU B 48 2.76 -14.39 7.72
CA LEU B 48 2.29 -15.76 7.51
C LEU B 48 3.41 -16.73 7.82
N LEU B 49 4.63 -16.25 7.65
CA LEU B 49 5.80 -17.03 7.94
C LEU B 49 6.12 -16.98 9.43
N THR B 50 6.03 -15.79 10.01
CA THR B 50 6.30 -15.59 11.44
C THR B 50 5.28 -16.34 12.32
N GLY B 51 4.02 -16.33 11.88
CA GLY B 51 2.95 -16.96 12.65
C GLY B 51 3.09 -18.47 12.78
N GLN B 52 3.90 -19.07 11.92
CA GLN B 52 4.13 -20.51 11.96
C GLN B 52 4.79 -20.92 13.28
N MET A 4 -11.49 13.96 1.20
CA MET A 4 -10.63 13.53 0.08
C MET A 4 -10.68 12.03 -0.10
N LYS A 5 -11.38 11.58 -1.12
CA LYS A 5 -11.46 10.16 -1.42
C LYS A 5 -10.39 9.82 -2.41
N THR A 6 -9.48 8.92 -2.04
CA THR A 6 -8.46 8.52 -2.95
C THR A 6 -9.05 7.69 -4.06
N ALA A 7 -9.20 8.30 -5.22
CA ALA A 7 -9.72 7.65 -6.38
C ALA A 7 -8.59 6.96 -7.10
N ILE A 8 -8.41 5.73 -6.78
CA ILE A 8 -7.33 4.95 -7.31
C ILE A 8 -7.81 4.08 -8.44
N SER A 9 -7.16 4.21 -9.56
CA SER A 9 -7.56 3.51 -10.73
C SER A 9 -6.94 2.12 -10.76
N LEU A 10 -7.73 1.17 -10.36
CA LEU A 10 -7.31 -0.20 -10.30
C LEU A 10 -8.17 -1.09 -11.19
N PRO A 11 -7.56 -2.14 -11.79
CA PRO A 11 -8.29 -3.14 -12.59
C PRO A 11 -9.26 -3.97 -11.71
N ASP A 12 -9.65 -5.14 -12.21
CA ASP A 12 -10.61 -5.98 -11.50
C ASP A 12 -9.92 -7.00 -10.65
N GLU A 13 -8.81 -7.53 -11.15
CA GLU A 13 -8.03 -8.50 -10.43
C GLU A 13 -7.25 -7.86 -9.31
N THR A 14 -6.81 -6.64 -9.52
CA THR A 14 -6.11 -5.90 -8.51
C THR A 14 -7.09 -5.49 -7.43
N PHE A 15 -8.31 -5.16 -7.85
CA PHE A 15 -9.37 -4.81 -6.93
C PHE A 15 -9.76 -6.04 -6.16
N ASP A 16 -9.75 -7.16 -6.85
CA ASP A 16 -10.06 -8.47 -6.29
C ASP A 16 -9.11 -8.80 -5.17
N ARG A 17 -7.86 -8.45 -5.35
CA ARG A 17 -6.82 -8.71 -4.37
C ARG A 17 -7.07 -7.93 -3.10
N VAL A 18 -7.57 -6.73 -3.26
CA VAL A 18 -7.84 -5.85 -2.13
C VAL A 18 -9.12 -6.24 -1.47
N SER A 19 -10.06 -6.69 -2.26
CA SER A 19 -11.35 -7.05 -1.77
C SER A 19 -11.24 -8.29 -0.91
N ARG A 20 -10.45 -9.23 -1.37
CA ARG A 20 -10.26 -10.48 -0.66
C ARG A 20 -9.38 -10.29 0.57
N ARG A 21 -8.41 -9.40 0.46
CA ARG A 21 -7.44 -9.25 1.53
C ARG A 21 -8.03 -8.48 2.68
N ALA A 22 -8.75 -7.45 2.36
CA ALA A 22 -9.42 -6.65 3.35
C ALA A 22 -10.48 -7.50 4.05
N SER A 23 -11.13 -8.34 3.26
CA SER A 23 -12.22 -9.17 3.77
C SER A 23 -11.70 -10.31 4.67
N GLU A 24 -10.55 -10.88 4.31
CA GLU A 24 -10.00 -11.99 5.10
C GLU A 24 -9.39 -11.49 6.38
N LEU A 25 -8.75 -10.35 6.30
CA LEU A 25 -8.14 -9.74 7.47
C LEU A 25 -9.22 -9.23 8.43
N GLY A 26 -10.34 -8.82 7.87
CA GLY A 26 -11.44 -8.34 8.68
C GLY A 26 -11.45 -6.83 8.75
N MET A 27 -10.87 -6.20 7.76
CA MET A 27 -10.81 -4.75 7.72
C MET A 27 -11.56 -4.24 6.51
N SER A 28 -11.71 -2.94 6.44
CA SER A 28 -12.35 -2.32 5.32
C SER A 28 -11.29 -1.79 4.37
N ARG A 29 -11.66 -1.55 3.12
CA ARG A 29 -10.72 -1.10 2.09
C ARG A 29 -10.00 0.18 2.52
N SER A 30 -10.70 1.04 3.22
CA SER A 30 -10.12 2.28 3.68
C SER A 30 -9.04 2.00 4.72
N GLU A 31 -9.35 1.11 5.65
CA GLU A 31 -8.40 0.73 6.69
C GLU A 31 -7.27 -0.06 6.08
N PHE A 32 -7.58 -0.83 5.04
CA PHE A 32 -6.59 -1.59 4.31
C PHE A 32 -5.51 -0.69 3.73
N PHE A 33 -5.93 0.41 3.12
CA PHE A 33 -5.01 1.37 2.51
C PHE A 33 -4.26 2.13 3.57
N THR A 34 -4.88 2.23 4.73
CA THR A 34 -4.28 2.88 5.86
C THR A 34 -3.14 2.01 6.38
N LYS A 35 -3.38 0.71 6.40
CA LYS A 35 -2.40 -0.25 6.90
C LYS A 35 -1.35 -0.53 5.86
N ALA A 36 -1.72 -0.33 4.61
CA ALA A 36 -0.82 -0.55 3.50
C ALA A 36 0.14 0.58 3.39
N ALA A 37 -0.33 1.76 3.68
CA ALA A 37 0.51 2.91 3.61
C ALA A 37 1.62 2.83 4.66
N GLN A 38 1.26 2.35 5.85
CA GLN A 38 2.23 2.18 6.92
C GLN A 38 3.13 0.98 6.64
N ARG A 39 2.53 -0.08 6.13
CA ARG A 39 3.25 -1.30 5.79
C ARG A 39 4.24 -1.04 4.69
N TYR A 40 3.83 -0.18 3.78
CA TYR A 40 4.62 0.23 2.65
C TYR A 40 5.92 0.86 3.12
N LEU A 41 5.82 1.65 4.17
CA LEU A 41 6.99 2.31 4.73
C LEU A 41 7.87 1.33 5.46
N HIS A 42 7.25 0.46 6.25
CA HIS A 42 7.99 -0.52 7.04
C HIS A 42 8.78 -1.47 6.13
N GLU A 43 8.24 -1.76 4.96
CA GLU A 43 8.91 -2.67 4.03
C GLU A 43 9.97 -1.94 3.24
N LEU A 44 9.67 -0.71 2.85
CA LEU A 44 10.63 0.15 2.14
C LEU A 44 11.87 0.36 3.00
N ASP A 45 11.64 0.53 4.28
CA ASP A 45 12.70 0.74 5.25
C ASP A 45 13.49 -0.53 5.43
N ALA A 46 12.82 -1.66 5.27
CA ALA A 46 13.46 -2.94 5.46
C ALA A 46 14.41 -3.23 4.31
N GLN A 47 14.16 -2.59 3.18
CA GLN A 47 14.98 -2.79 2.01
C GLN A 47 16.22 -1.92 2.10
N LEU A 48 16.03 -0.69 2.50
CA LEU A 48 17.12 0.28 2.59
C LEU A 48 18.07 -0.10 3.70
N LEU A 49 17.50 -0.61 4.77
CA LEU A 49 18.28 -1.07 5.91
C LEU A 49 19.15 -2.25 5.48
N THR A 50 18.53 -3.21 4.83
CA THR A 50 19.23 -4.40 4.36
C THR A 50 20.29 -4.07 3.30
N GLY A 51 19.95 -3.14 2.40
CA GLY A 51 20.84 -2.78 1.31
C GLY A 51 22.12 -2.08 1.75
N GLN A 52 22.11 -1.49 2.93
CA GLN A 52 23.28 -0.80 3.45
C GLN A 52 24.45 -1.76 3.66
N MET B 4 -11.51 0.31 -12.76
CA MET B 4 -12.32 0.62 -11.57
C MET B 4 -11.57 1.61 -10.70
N LYS B 5 -12.28 2.28 -9.83
CA LYS B 5 -11.67 3.22 -8.92
C LYS B 5 -11.96 2.82 -7.49
N THR B 6 -10.91 2.49 -6.75
CA THR B 6 -11.09 2.18 -5.36
C THR B 6 -11.39 3.46 -4.60
N ALA B 7 -12.52 3.49 -3.94
CA ALA B 7 -12.92 4.66 -3.19
C ALA B 7 -12.51 4.50 -1.76
N ILE B 8 -11.44 5.13 -1.41
CA ILE B 8 -10.93 5.08 -0.09
C ILE B 8 -11.07 6.42 0.51
N SER B 9 -11.31 6.45 1.77
CA SER B 9 -11.54 7.68 2.42
C SER B 9 -10.36 8.02 3.29
N LEU B 10 -9.51 8.87 2.78
CA LEU B 10 -8.32 9.24 3.47
C LEU B 10 -8.35 10.68 3.94
N PRO B 11 -7.95 10.92 5.21
CA PRO B 11 -7.83 12.28 5.77
C PRO B 11 -6.85 13.12 4.94
N ASP B 12 -6.72 14.39 5.29
CA ASP B 12 -5.88 15.30 4.53
C ASP B 12 -4.43 15.00 4.78
N GLU B 13 -4.15 14.62 6.01
CA GLU B 13 -2.83 14.27 6.43
C GLU B 13 -2.39 13.00 5.73
N THR B 14 -3.25 12.02 5.80
CA THR B 14 -2.99 10.72 5.22
C THR B 14 -2.95 10.82 3.70
N PHE B 15 -3.84 11.65 3.14
CA PHE B 15 -3.86 11.83 1.71
C PHE B 15 -2.61 12.56 1.26
N ASP B 16 -2.09 13.41 2.13
CA ASP B 16 -0.88 14.15 1.85
C ASP B 16 0.32 13.23 1.91
N ARG B 17 0.24 12.28 2.81
CA ARG B 17 1.29 11.31 3.03
C ARG B 17 1.40 10.35 1.86
N VAL B 18 0.27 9.96 1.33
CA VAL B 18 0.22 9.03 0.22
C VAL B 18 0.59 9.73 -1.05
N SER B 19 0.11 10.94 -1.22
CA SER B 19 0.35 11.66 -2.44
C SER B 19 1.82 12.04 -2.56
N ARG B 20 2.41 12.39 -1.43
CA ARG B 20 3.81 12.80 -1.40
C ARG B 20 4.72 11.60 -1.57
N ARG B 21 4.21 10.43 -1.22
CA ARG B 21 4.98 9.21 -1.30
C ARG B 21 4.96 8.67 -2.71
N ALA B 22 3.81 8.79 -3.35
CA ALA B 22 3.66 8.41 -4.75
C ALA B 22 4.46 9.37 -5.62
N SER B 23 4.52 10.63 -5.19
CA SER B 23 5.24 11.65 -5.92
C SER B 23 6.73 11.53 -5.65
N GLU B 24 7.08 10.87 -4.55
CA GLU B 24 8.47 10.61 -4.22
C GLU B 24 9.09 9.69 -5.26
N LEU B 25 8.31 8.72 -5.68
CA LEU B 25 8.73 7.78 -6.69
C LEU B 25 8.56 8.40 -8.06
N GLY B 26 7.47 9.12 -8.23
CA GLY B 26 7.19 9.76 -9.49
C GLY B 26 6.11 9.02 -10.25
N MET B 27 5.43 8.14 -9.54
CA MET B 27 4.36 7.35 -10.14
C MET B 27 3.02 7.94 -9.78
N SER B 28 1.96 7.32 -10.24
CA SER B 28 0.64 7.77 -9.92
C SER B 28 0.15 7.02 -8.69
N ARG B 29 -0.90 7.51 -8.10
CA ARG B 29 -1.47 6.91 -6.92
C ARG B 29 -2.05 5.53 -7.25
N SER B 30 -2.36 5.32 -8.54
CA SER B 30 -2.86 4.05 -9.01
C SER B 30 -1.73 3.02 -8.99
N GLU B 31 -0.59 3.40 -9.57
CA GLU B 31 0.59 2.53 -9.58
C GLU B 31 1.09 2.37 -8.15
N PHE B 32 0.91 3.43 -7.36
CA PHE B 32 1.27 3.42 -5.96
C PHE B 32 0.55 2.30 -5.22
N PHE B 33 -0.75 2.20 -5.45
CA PHE B 33 -1.56 1.17 -4.80
C PHE B 33 -1.17 -0.18 -5.34
N THR B 34 -0.79 -0.22 -6.58
CA THR B 34 -0.35 -1.44 -7.21
C THR B 34 0.89 -1.94 -6.51
N LYS B 35 1.76 -1.00 -6.14
CA LYS B 35 2.99 -1.33 -5.47
C LYS B 35 2.78 -1.51 -3.99
N ALA B 36 1.70 -0.95 -3.49
CA ALA B 36 1.39 -1.03 -2.06
C ALA B 36 0.70 -2.31 -1.74
N ALA B 37 -0.11 -2.77 -2.66
CA ALA B 37 -0.83 -4.00 -2.46
C ALA B 37 0.14 -5.16 -2.53
N GLN B 38 1.08 -5.04 -3.45
CA GLN B 38 2.10 -6.03 -3.66
C GLN B 38 3.12 -5.97 -2.51
N ARG B 39 3.43 -4.75 -2.10
CA ARG B 39 4.38 -4.51 -1.01
C ARG B 39 3.80 -5.02 0.29
N TYR B 40 2.51 -4.79 0.45
CA TYR B 40 1.76 -5.17 1.64
C TYR B 40 1.86 -6.68 1.88
N LEU B 41 1.83 -7.43 0.80
CA LEU B 41 1.93 -8.87 0.88
C LEU B 41 3.32 -9.30 1.25
N HIS B 42 4.31 -8.59 0.72
CA HIS B 42 5.71 -8.90 1.02
C HIS B 42 6.03 -8.63 2.47
N GLU B 43 5.39 -7.59 3.00
CA GLU B 43 5.61 -7.18 4.38
C GLU B 43 5.00 -8.21 5.31
N LEU B 44 3.77 -8.57 5.00
CA LEU B 44 3.03 -9.56 5.77
C LEU B 44 3.70 -10.92 5.73
N ASP B 45 4.17 -11.28 4.58
CA ASP B 45 4.80 -12.58 4.38
C ASP B 45 6.11 -12.66 5.11
N ALA B 46 6.80 -11.54 5.20
CA ALA B 46 8.10 -11.50 5.84
C ALA B 46 7.93 -11.51 7.34
N GLN B 47 6.78 -11.09 7.77
CA GLN B 47 6.48 -11.01 9.19
C GLN B 47 5.95 -12.34 9.71
N LEU B 48 5.24 -13.05 8.84
CA LEU B 48 4.67 -14.34 9.19
C LEU B 48 5.78 -15.39 9.25
N LEU B 49 6.79 -15.18 8.45
CA LEU B 49 7.93 -16.06 8.42
C LEU B 49 8.80 -15.79 9.66
N THR B 50 9.08 -14.51 9.89
CA THR B 50 9.92 -14.10 11.02
C THR B 50 9.25 -14.43 12.36
N GLY B 51 7.98 -14.10 12.49
CA GLY B 51 7.25 -14.33 13.74
C GLY B 51 7.01 -15.80 14.07
N GLN B 52 7.25 -16.67 13.10
CA GLN B 52 7.03 -18.10 13.30
C GLN B 52 7.94 -18.66 14.41
N MET A 4 -9.53 12.74 -3.85
CA MET A 4 -8.67 12.58 -5.04
C MET A 4 -8.41 11.10 -5.31
N LYS A 5 -8.99 10.60 -6.38
CA LYS A 5 -8.85 9.20 -6.70
C LYS A 5 -7.49 8.94 -7.30
N THR A 6 -6.69 8.14 -6.62
CA THR A 6 -5.39 7.77 -7.12
C THR A 6 -5.55 6.87 -8.34
N ALA A 7 -4.67 7.05 -9.30
CA ALA A 7 -4.70 6.27 -10.52
C ALA A 7 -3.42 5.46 -10.66
N ILE A 8 -3.50 4.21 -10.30
CA ILE A 8 -2.38 3.32 -10.41
C ILE A 8 -2.64 2.27 -11.46
N SER A 9 -1.80 2.22 -12.46
CA SER A 9 -1.98 1.29 -13.51
C SER A 9 -1.44 -0.07 -13.13
N LEU A 10 -2.33 -0.90 -12.69
CA LEU A 10 -1.99 -2.25 -12.30
C LEU A 10 -2.57 -3.28 -13.25
N PRO A 11 -1.99 -4.48 -13.30
CA PRO A 11 -2.51 -5.59 -14.11
C PRO A 11 -3.88 -6.10 -13.61
N ASP A 12 -4.15 -7.38 -13.83
CA ASP A 12 -5.44 -7.99 -13.48
C ASP A 12 -5.31 -8.78 -12.20
N GLU A 13 -4.29 -9.63 -12.15
CA GLU A 13 -4.05 -10.50 -11.03
C GLU A 13 -3.57 -9.70 -9.83
N THR A 14 -2.82 -8.66 -10.11
CA THR A 14 -2.33 -7.78 -9.08
C THR A 14 -3.50 -7.06 -8.43
N PHE A 15 -4.47 -6.68 -9.26
CA PHE A 15 -5.66 -6.01 -8.77
C PHE A 15 -6.47 -6.97 -7.94
N ASP A 16 -6.48 -8.21 -8.39
CA ASP A 16 -7.18 -9.30 -7.72
C ASP A 16 -6.55 -9.55 -6.36
N ARG A 17 -5.26 -9.35 -6.29
CA ARG A 17 -4.51 -9.56 -5.07
C ARG A 17 -4.75 -8.43 -4.06
N VAL A 18 -4.83 -7.21 -4.56
CA VAL A 18 -5.12 -6.06 -3.70
C VAL A 18 -6.50 -6.17 -3.15
N SER A 19 -7.42 -6.58 -3.99
CA SER A 19 -8.79 -6.70 -3.57
C SER A 19 -8.94 -7.85 -2.59
N ARG A 20 -8.08 -8.86 -2.76
CA ARG A 20 -8.06 -10.02 -1.89
C ARG A 20 -7.59 -9.61 -0.49
N ARG A 21 -6.79 -8.54 -0.43
CA ARG A 21 -6.23 -8.05 0.82
C ARG A 21 -7.24 -7.17 1.51
N ALA A 22 -7.78 -6.24 0.75
CA ALA A 22 -8.81 -5.36 1.25
C ALA A 22 -9.98 -6.17 1.80
N SER A 23 -10.24 -7.31 1.18
CA SER A 23 -11.30 -8.19 1.63
C SER A 23 -10.82 -9.12 2.74
N GLU A 24 -9.52 -9.44 2.73
CA GLU A 24 -8.90 -10.27 3.77
C GLU A 24 -9.09 -9.64 5.13
N LEU A 25 -8.91 -8.34 5.18
CA LEU A 25 -9.11 -7.57 6.40
C LEU A 25 -10.58 -7.20 6.54
N GLY A 26 -11.23 -7.03 5.40
CA GLY A 26 -12.63 -6.69 5.39
C GLY A 26 -12.85 -5.20 5.41
N MET A 27 -11.81 -4.48 5.06
CA MET A 27 -11.85 -3.03 5.07
C MET A 27 -12.10 -2.49 3.67
N SER A 28 -12.06 -1.19 3.53
CA SER A 28 -12.32 -0.58 2.25
C SER A 28 -11.01 -0.35 1.50
N ARG A 29 -11.13 -0.17 0.19
CA ARG A 29 -9.97 0.05 -0.68
C ARG A 29 -9.16 1.26 -0.23
N SER A 30 -9.85 2.32 0.14
CA SER A 30 -9.20 3.53 0.61
C SER A 30 -8.44 3.26 1.91
N GLU A 31 -9.09 2.54 2.81
CA GLU A 31 -8.48 2.21 4.09
C GLU A 31 -7.30 1.28 3.86
N PHE A 32 -7.45 0.35 2.92
CA PHE A 32 -6.36 -0.55 2.59
C PHE A 32 -5.11 0.21 2.16
N PHE A 33 -5.28 1.16 1.26
CA PHE A 33 -4.16 1.94 0.73
C PHE A 33 -3.54 2.79 1.82
N THR A 34 -4.39 3.31 2.66
CA THR A 34 -3.99 4.16 3.76
C THR A 34 -3.14 3.34 4.73
N LYS A 35 -3.57 2.11 4.95
CA LYS A 35 -2.91 1.23 5.88
C LYS A 35 -1.68 0.61 5.24
N ALA A 36 -1.69 0.53 3.95
CA ALA A 36 -0.59 -0.07 3.21
C ALA A 36 0.56 0.86 3.13
N ALA A 37 0.25 2.12 2.94
CA ALA A 37 1.27 3.11 2.83
C ALA A 37 2.04 3.22 4.16
N GLN A 38 1.30 3.15 5.26
CA GLN A 38 1.89 3.22 6.58
C GLN A 38 2.60 1.93 6.97
N ARG A 39 1.99 0.79 6.63
CA ARG A 39 2.59 -0.50 6.95
C ARG A 39 3.80 -0.74 6.08
N TYR A 40 3.79 -0.12 4.92
CA TYR A 40 4.91 -0.18 4.02
C TYR A 40 6.13 0.44 4.67
N LEU A 41 5.92 1.50 5.44
CA LEU A 41 7.01 2.17 6.12
C LEU A 41 7.45 1.41 7.34
N HIS A 42 6.51 0.82 8.05
CA HIS A 42 6.81 0.03 9.24
C HIS A 42 7.64 -1.20 8.86
N GLU A 43 7.28 -1.79 7.73
CA GLU A 43 7.96 -2.97 7.22
C GLU A 43 9.29 -2.57 6.60
N LEU A 44 9.30 -1.41 5.99
CA LEU A 44 10.50 -0.89 5.37
C LEU A 44 11.53 -0.54 6.45
N ASP A 45 11.05 -0.15 7.62
CA ASP A 45 11.92 0.19 8.74
C ASP A 45 12.36 -1.07 9.44
N ALA A 46 11.55 -2.10 9.34
CA ALA A 46 11.86 -3.37 9.97
C ALA A 46 13.06 -4.00 9.33
N GLN A 47 13.22 -3.75 8.06
CA GLN A 47 14.33 -4.31 7.30
C GLN A 47 15.53 -3.41 7.34
N LEU A 48 15.27 -2.12 7.44
CA LEU A 48 16.33 -1.14 7.58
C LEU A 48 17.09 -1.44 8.87
N LEU A 49 16.32 -1.80 9.88
CA LEU A 49 16.86 -2.17 11.17
C LEU A 49 17.65 -3.48 11.05
N THR A 50 17.14 -4.40 10.24
CA THR A 50 17.80 -5.68 10.00
C THR A 50 19.18 -5.49 9.36
N GLY A 51 19.23 -4.62 8.34
CA GLY A 51 20.46 -4.37 7.63
C GLY A 51 21.56 -3.79 8.50
N GLN A 52 21.21 -2.79 9.29
CA GLN A 52 22.17 -2.15 10.17
C GLN A 52 22.70 -3.12 11.23
N MET B 4 -6.09 -3.40 -14.68
CA MET B 4 -7.07 -2.44 -14.15
C MET B 4 -6.39 -1.34 -13.36
N LYS B 5 -6.78 -0.11 -13.61
CA LYS B 5 -6.25 1.00 -12.84
C LYS B 5 -6.92 1.02 -11.48
N THR B 6 -6.14 0.92 -10.42
CA THR B 6 -6.68 0.94 -9.10
C THR B 6 -7.21 2.32 -8.77
N ALA B 7 -8.51 2.41 -8.66
CA ALA B 7 -9.16 3.65 -8.32
C ALA B 7 -9.40 3.70 -6.85
N ILE B 8 -8.46 4.28 -6.17
CA ILE B 8 -8.49 4.40 -4.75
C ILE B 8 -8.95 5.77 -4.45
N SER B 9 -9.82 5.89 -3.52
CA SER B 9 -10.31 7.17 -3.20
C SER B 9 -9.56 7.69 -1.99
N LEU B 10 -8.59 8.52 -2.25
CA LEU B 10 -7.73 9.06 -1.22
C LEU B 10 -7.80 10.58 -1.15
N PRO B 11 -7.39 11.17 -0.02
CA PRO B 11 -7.26 12.63 0.12
C PRO B 11 -6.12 13.19 -0.75
N ASP B 12 -5.70 14.41 -0.48
CA ASP B 12 -4.67 15.06 -1.30
C ASP B 12 -3.32 14.85 -0.70
N GLU B 13 -3.24 15.00 0.60
CA GLU B 13 -2.02 14.85 1.33
C GLU B 13 -1.59 13.40 1.33
N THR B 14 -2.55 12.51 1.34
CA THR B 14 -2.28 11.11 1.31
C THR B 14 -1.78 10.73 -0.07
N PHE B 15 -2.37 11.32 -1.10
CA PHE B 15 -1.92 11.05 -2.46
C PHE B 15 -0.54 11.63 -2.67
N ASP B 16 -0.29 12.76 -2.02
CA ASP B 16 1.00 13.43 -2.08
C ASP B 16 2.06 12.57 -1.45
N ARG B 17 1.69 11.93 -0.37
CA ARG B 17 2.60 11.09 0.37
C ARG B 17 2.97 9.86 -0.43
N VAL B 18 2.01 9.31 -1.15
CA VAL B 18 2.23 8.13 -1.96
C VAL B 18 3.02 8.49 -3.20
N SER B 19 2.75 9.66 -3.72
CA SER B 19 3.40 10.09 -4.92
C SER B 19 4.87 10.41 -4.64
N ARG B 20 5.12 10.96 -3.47
CA ARG B 20 6.47 11.30 -3.05
C ARG B 20 7.18 10.05 -2.55
N ARG B 21 6.39 9.05 -2.20
CA ARG B 21 6.87 7.78 -1.66
C ARG B 21 7.51 7.01 -2.79
N ALA B 22 6.72 6.77 -3.79
CA ALA B 22 7.17 6.08 -4.99
C ALA B 22 8.30 6.83 -5.66
N SER B 23 8.25 8.15 -5.57
CA SER B 23 9.28 8.99 -6.15
C SER B 23 10.57 8.88 -5.31
N GLU B 24 10.39 8.65 -4.02
CA GLU B 24 11.50 8.48 -3.10
C GLU B 24 12.24 7.20 -3.42
N LEU B 25 11.48 6.16 -3.74
CA LEU B 25 12.04 4.89 -4.15
C LEU B 25 12.66 5.02 -5.53
N GLY B 26 12.06 5.88 -6.34
CA GLY B 26 12.55 6.10 -7.69
C GLY B 26 11.91 5.15 -8.67
N MET B 27 10.82 4.55 -8.24
CA MET B 27 10.10 3.58 -9.05
C MET B 27 8.80 4.16 -9.57
N SER B 28 8.01 3.34 -10.20
CA SER B 28 6.74 3.77 -10.73
C SER B 28 5.67 3.57 -9.67
N ARG B 29 4.60 4.34 -9.73
CA ARG B 29 3.53 4.21 -8.75
C ARG B 29 2.88 2.83 -8.84
N SER B 30 2.87 2.27 -10.05
CA SER B 30 2.38 0.93 -10.26
C SER B 30 3.24 -0.07 -9.49
N GLU B 31 4.55 0.03 -9.69
CA GLU B 31 5.50 -0.84 -9.01
C GLU B 31 5.42 -0.62 -7.51
N PHE B 32 5.22 0.63 -7.11
CA PHE B 32 5.08 0.99 -5.72
C PHE B 32 3.94 0.22 -5.06
N PHE B 33 2.79 0.23 -5.70
CA PHE B 33 1.59 -0.41 -5.16
C PHE B 33 1.72 -1.92 -5.23
N THR B 34 2.45 -2.37 -6.22
CA THR B 34 2.69 -3.77 -6.41
C THR B 34 3.57 -4.29 -5.28
N LYS B 35 4.56 -3.49 -4.94
CA LYS B 35 5.53 -3.86 -3.93
C LYS B 35 4.99 -3.59 -2.56
N ALA B 36 4.10 -2.65 -2.47
CA ALA B 36 3.49 -2.28 -1.21
C ALA B 36 2.49 -3.29 -0.81
N ALA B 37 1.80 -3.85 -1.79
CA ALA B 37 0.82 -4.85 -1.52
C ALA B 37 1.49 -6.11 -0.98
N GLN B 38 2.66 -6.42 -1.52
CA GLN B 38 3.42 -7.58 -1.09
C GLN B 38 4.08 -7.34 0.26
N ARG B 39 4.64 -6.15 0.46
CA ARG B 39 5.29 -5.85 1.73
C ARG B 39 4.24 -5.66 2.81
N TYR B 40 3.06 -5.27 2.39
CA TYR B 40 1.91 -5.13 3.26
C TYR B 40 1.59 -6.47 3.88
N LEU B 41 1.75 -7.52 3.10
CA LEU B 41 1.47 -8.87 3.56
C LEU B 41 2.54 -9.33 4.50
N HIS B 42 3.75 -8.89 4.24
CA HIS B 42 4.88 -9.20 5.10
C HIS B 42 4.68 -8.57 6.46
N GLU B 43 4.14 -7.36 6.46
CA GLU B 43 3.87 -6.63 7.68
C GLU B 43 2.63 -7.21 8.36
N LEU B 44 1.70 -7.61 7.53
CA LEU B 44 0.45 -8.19 7.97
C LEU B 44 0.72 -9.49 8.68
N ASP B 45 1.69 -10.20 8.16
CA ASP B 45 2.08 -11.48 8.70
C ASP B 45 3.04 -11.30 9.84
N ALA B 46 3.72 -10.18 9.84
CA ALA B 46 4.70 -9.90 10.87
C ALA B 46 4.00 -9.60 12.17
N GLN B 47 2.84 -9.00 12.05
CA GLN B 47 2.06 -8.62 13.22
C GLN B 47 1.29 -9.83 13.73
N LEU B 48 0.81 -10.63 12.79
CA LEU B 48 0.07 -11.84 13.12
C LEU B 48 0.96 -12.80 13.88
N LEU B 49 2.19 -12.91 13.43
CA LEU B 49 3.17 -13.78 14.06
C LEU B 49 3.63 -13.22 15.40
N THR B 50 3.63 -11.89 15.52
CA THR B 50 3.99 -11.27 16.78
C THR B 50 2.97 -11.64 17.87
N GLY B 51 1.69 -11.49 17.54
CA GLY B 51 0.63 -11.81 18.47
C GLY B 51 0.53 -13.30 18.76
N GLN B 52 0.77 -14.12 17.73
CA GLN B 52 0.67 -15.57 17.84
C GLN B 52 1.69 -16.13 18.84
N MET A 4 -8.19 13.19 -4.81
CA MET A 4 -8.11 12.60 -6.15
C MET A 4 -8.23 11.09 -6.07
N LYS A 5 -8.94 10.51 -7.00
CA LYS A 5 -9.09 9.07 -7.03
C LYS A 5 -7.92 8.47 -7.77
N THR A 6 -7.00 7.85 -7.04
CA THR A 6 -5.85 7.25 -7.67
C THR A 6 -6.25 6.06 -8.50
N ALA A 7 -5.84 6.06 -9.74
CA ALA A 7 -6.17 5.01 -10.66
C ALA A 7 -5.01 4.07 -10.83
N ILE A 8 -5.11 2.97 -10.17
CA ILE A 8 -4.12 1.93 -10.25
C ILE A 8 -4.61 0.87 -11.22
N SER A 9 -3.74 0.37 -12.07
CA SER A 9 -4.13 -0.65 -12.96
C SER A 9 -3.71 -1.99 -12.39
N LEU A 10 -4.63 -2.64 -11.76
CA LEU A 10 -4.39 -3.91 -11.12
C LEU A 10 -5.16 -5.03 -11.79
N PRO A 11 -4.74 -6.29 -11.59
CA PRO A 11 -5.48 -7.46 -12.07
C PRO A 11 -6.88 -7.57 -11.42
N ASP A 12 -7.45 -8.76 -11.46
CA ASP A 12 -8.81 -8.97 -10.96
C ASP A 12 -8.78 -9.57 -9.58
N GLU A 13 -8.01 -10.61 -9.43
CA GLU A 13 -7.88 -11.31 -8.19
C GLU A 13 -7.04 -10.52 -7.21
N THR A 14 -6.11 -9.75 -7.75
CA THR A 14 -5.24 -8.93 -6.93
C THR A 14 -6.07 -7.82 -6.31
N PHE A 15 -7.06 -7.35 -7.05
CA PHE A 15 -7.99 -6.35 -6.53
C PHE A 15 -8.76 -6.94 -5.39
N ASP A 16 -9.22 -8.16 -5.62
CA ASP A 16 -9.99 -8.89 -4.63
C ASP A 16 -9.20 -9.11 -3.36
N ARG A 17 -7.91 -9.34 -3.53
CA ARG A 17 -7.03 -9.58 -2.42
C ARG A 17 -6.79 -8.30 -1.62
N VAL A 18 -6.73 -7.16 -2.32
CA VAL A 18 -6.61 -5.87 -1.65
C VAL A 18 -7.83 -5.61 -0.86
N SER A 19 -8.96 -5.99 -1.43
CA SER A 19 -10.22 -5.78 -0.78
C SER A 19 -10.31 -6.67 0.46
N ARG A 20 -9.73 -7.86 0.35
CA ARG A 20 -9.71 -8.83 1.42
C ARG A 20 -8.96 -8.31 2.65
N ARG A 21 -7.88 -7.57 2.41
CA ARG A 21 -7.05 -7.11 3.51
C ARG A 21 -7.50 -5.75 4.03
N ALA A 22 -8.04 -4.93 3.13
CA ALA A 22 -8.61 -3.66 3.55
C ALA A 22 -9.75 -3.94 4.50
N SER A 23 -10.44 -5.04 4.25
CA SER A 23 -11.57 -5.43 5.08
C SER A 23 -11.11 -6.30 6.26
N GLU A 24 -10.01 -7.02 6.08
CA GLU A 24 -9.47 -7.86 7.15
C GLU A 24 -8.96 -7.01 8.29
N LEU A 25 -8.30 -5.91 7.96
CA LEU A 25 -7.83 -4.97 8.95
C LEU A 25 -9.01 -4.28 9.58
N GLY A 26 -9.97 -3.93 8.75
CA GLY A 26 -11.18 -3.30 9.24
C GLY A 26 -11.26 -1.86 8.83
N MET A 27 -10.55 -1.52 7.77
CA MET A 27 -10.53 -0.17 7.25
C MET A 27 -11.14 -0.13 5.85
N SER A 28 -10.91 0.97 5.17
CA SER A 28 -11.35 1.14 3.81
C SER A 28 -10.12 1.15 2.91
N ARG A 29 -10.32 1.04 1.60
CA ARG A 29 -9.18 1.04 0.68
C ARG A 29 -8.38 2.33 0.80
N SER A 30 -9.06 3.43 1.08
CA SER A 30 -8.41 4.71 1.24
C SER A 30 -7.39 4.65 2.37
N GLU A 31 -7.83 4.12 3.51
CA GLU A 31 -6.97 3.98 4.66
C GLU A 31 -5.91 2.94 4.39
N PHE A 32 -6.29 1.92 3.62
CA PHE A 32 -5.39 0.84 3.26
C PHE A 32 -4.19 1.36 2.46
N PHE A 33 -4.46 2.25 1.51
CA PHE A 33 -3.42 2.79 0.65
C PHE A 33 -2.61 3.81 1.42
N THR A 34 -3.28 4.50 2.31
CA THR A 34 -2.65 5.51 3.14
C THR A 34 -1.66 4.83 4.08
N LYS A 35 -2.10 3.71 4.62
CA LYS A 35 -1.30 2.94 5.51
C LYS A 35 -0.19 2.26 4.77
N ALA A 36 -0.52 1.77 3.60
CA ALA A 36 0.43 1.02 2.77
C ALA A 36 1.51 1.89 2.23
N ALA A 37 1.18 3.11 1.92
CA ALA A 37 2.15 4.01 1.37
C ALA A 37 3.17 4.37 2.45
N GLN A 38 2.69 4.53 3.67
CA GLN A 38 3.55 4.86 4.80
C GLN A 38 4.33 3.64 5.27
N ARG A 39 3.66 2.49 5.25
CA ARG A 39 4.29 1.24 5.66
C ARG A 39 5.33 0.84 4.64
N TYR A 40 5.06 1.17 3.39
CA TYR A 40 5.96 0.88 2.28
C TYR A 40 7.25 1.64 2.45
N LEU A 41 7.16 2.83 3.01
CA LEU A 41 8.34 3.63 3.24
C LEU A 41 9.21 2.96 4.29
N HIS A 42 8.57 2.43 5.31
CA HIS A 42 9.28 1.72 6.38
C HIS A 42 9.79 0.37 5.89
N GLU A 43 9.06 -0.21 4.96
CA GLU A 43 9.41 -1.52 4.41
C GLU A 43 10.59 -1.40 3.47
N LEU A 44 10.52 -0.42 2.60
CA LEU A 44 11.55 -0.14 1.63
C LEU A 44 12.83 0.27 2.36
N ASP A 45 12.67 1.04 3.42
CA ASP A 45 13.80 1.47 4.23
C ASP A 45 14.34 0.30 5.02
N ALA A 46 13.47 -0.65 5.33
CA ALA A 46 13.87 -1.82 6.08
C ALA A 46 14.68 -2.74 5.22
N GLN A 47 14.42 -2.69 3.93
CA GLN A 47 15.14 -3.52 2.99
C GLN A 47 16.49 -2.92 2.71
N LEU A 48 16.52 -1.61 2.67
CA LEU A 48 17.75 -0.88 2.49
C LEU A 48 18.67 -1.15 3.68
N LEU A 49 18.05 -1.37 4.82
CA LEU A 49 18.77 -1.68 6.04
C LEU A 49 19.12 -3.17 6.08
N THR A 50 18.24 -4.01 5.52
CA THR A 50 18.48 -5.45 5.48
C THR A 50 19.75 -5.78 4.70
N GLY A 51 20.06 -4.94 3.71
CA GLY A 51 21.27 -5.12 2.95
C GLY A 51 22.50 -4.98 3.83
N GLN A 52 22.47 -4.00 4.71
CA GLN A 52 23.56 -3.75 5.64
C GLN A 52 23.73 -4.93 6.61
N MET B 4 -8.01 -4.15 -14.22
CA MET B 4 -9.04 -3.57 -13.35
C MET B 4 -8.46 -2.40 -12.57
N LYS B 5 -8.98 -1.23 -12.83
CA LYS B 5 -8.48 -0.02 -12.22
C LYS B 5 -9.05 0.16 -10.82
N THR B 6 -8.21 0.03 -9.82
CA THR B 6 -8.63 0.23 -8.45
C THR B 6 -8.91 1.70 -8.21
N ALA B 7 -9.86 1.97 -7.33
CA ALA B 7 -10.24 3.32 -6.99
C ALA B 7 -9.96 3.60 -5.54
N ILE B 8 -8.93 4.36 -5.32
CA ILE B 8 -8.53 4.77 -4.02
C ILE B 8 -8.81 6.24 -3.90
N SER B 9 -9.04 6.71 -2.72
CA SER B 9 -9.30 8.09 -2.54
C SER B 9 -8.15 8.72 -1.77
N LEU B 10 -7.27 9.36 -2.49
CA LEU B 10 -6.10 9.98 -1.92
C LEU B 10 -6.00 11.46 -2.27
N PRO B 11 -5.61 12.30 -1.30
CA PRO B 11 -5.41 13.72 -1.55
C PRO B 11 -4.21 13.98 -2.47
N ASP B 12 -3.93 15.24 -2.74
CA ASP B 12 -2.88 15.63 -3.68
C ASP B 12 -1.52 15.47 -3.07
N GLU B 13 -1.46 15.69 -1.78
CA GLU B 13 -0.25 15.58 -1.02
C GLU B 13 0.21 14.14 -0.99
N THR B 14 -0.73 13.27 -0.77
CA THR B 14 -0.49 11.86 -0.68
C THR B 14 -0.29 11.27 -2.05
N PHE B 15 -1.07 11.75 -3.03
CA PHE B 15 -0.92 11.26 -4.40
C PHE B 15 0.44 11.64 -4.93
N ASP B 16 0.90 12.81 -4.54
CA ASP B 16 2.21 13.32 -4.94
C ASP B 16 3.30 12.39 -4.44
N ARG B 17 3.15 11.97 -3.21
CA ARG B 17 4.14 11.14 -2.55
C ARG B 17 4.16 9.73 -3.12
N VAL B 18 2.99 9.19 -3.41
CA VAL B 18 2.89 7.86 -4.01
C VAL B 18 3.46 7.89 -5.40
N SER B 19 3.16 8.95 -6.11
CA SER B 19 3.59 9.07 -7.46
C SER B 19 5.10 9.25 -7.51
N ARG B 20 5.63 9.88 -6.46
CA ARG B 20 7.05 10.09 -6.36
C ARG B 20 7.80 8.77 -6.28
N ARG B 21 7.36 7.88 -5.39
CA ARG B 21 8.10 6.64 -5.15
C ARG B 21 7.87 5.64 -6.24
N ALA B 22 6.69 5.66 -6.82
CA ALA B 22 6.42 4.83 -7.97
C ALA B 22 7.39 5.19 -9.08
N SER B 23 7.82 6.45 -9.07
CA SER B 23 8.76 6.94 -10.07
C SER B 23 10.22 6.73 -9.63
N GLU B 24 10.45 6.76 -8.31
CA GLU B 24 11.81 6.58 -7.77
C GLU B 24 12.24 5.15 -7.95
N LEU B 25 11.30 4.24 -7.79
CA LEU B 25 11.56 2.83 -8.01
C LEU B 25 11.78 2.59 -9.49
N GLY B 26 11.03 3.32 -10.31
CA GLY B 26 11.19 3.22 -11.74
C GLY B 26 10.04 2.47 -12.36
N MET B 27 9.04 2.21 -11.56
CA MET B 27 7.87 1.48 -12.00
C MET B 27 6.71 2.46 -12.22
N SER B 28 5.51 1.92 -12.26
CA SER B 28 4.31 2.72 -12.37
C SER B 28 3.45 2.42 -11.15
N ARG B 29 2.42 3.24 -10.92
CA ARG B 29 1.55 3.05 -9.75
C ARG B 29 0.94 1.66 -9.74
N SER B 30 0.68 1.13 -10.93
CA SER B 30 0.09 -0.19 -11.08
C SER B 30 0.91 -1.25 -10.36
N GLU B 31 2.16 -1.40 -10.75
CA GLU B 31 3.04 -2.36 -10.13
C GLU B 31 3.52 -1.86 -8.75
N PHE B 32 3.42 -0.55 -8.51
CA PHE B 32 3.77 0.01 -7.22
C PHE B 32 2.83 -0.51 -6.15
N PHE B 33 1.55 -0.56 -6.49
CA PHE B 33 0.52 -1.01 -5.56
C PHE B 33 0.55 -2.52 -5.49
N THR B 34 1.08 -3.14 -6.52
CA THR B 34 1.23 -4.57 -6.56
C THR B 34 2.36 -4.96 -5.61
N LYS B 35 3.42 -4.17 -5.66
CA LYS B 35 4.58 -4.37 -4.84
C LYS B 35 4.25 -4.06 -3.41
N ALA B 36 3.46 -3.04 -3.23
CA ALA B 36 3.08 -2.58 -1.91
C ALA B 36 2.13 -3.52 -1.26
N ALA B 37 1.27 -4.10 -2.05
CA ALA B 37 0.29 -5.02 -1.52
C ALA B 37 0.96 -6.27 -0.95
N GLN B 38 1.97 -6.75 -1.66
CA GLN B 38 2.69 -7.94 -1.25
C GLN B 38 3.69 -7.63 -0.13
N ARG B 39 4.30 -6.45 -0.20
CA ARG B 39 5.24 -6.04 0.81
C ARG B 39 4.51 -5.68 2.09
N TYR B 40 3.28 -5.21 1.93
CA TYR B 40 2.42 -4.89 3.05
C TYR B 40 2.07 -6.14 3.82
N LEU B 41 1.96 -7.24 3.11
CA LEU B 41 1.68 -8.51 3.73
C LEU B 41 2.82 -8.90 4.65
N HIS B 42 4.03 -8.67 4.17
CA HIS B 42 5.22 -8.98 4.96
C HIS B 42 5.41 -7.97 6.09
N GLU B 43 5.00 -6.73 5.85
CA GLU B 43 5.14 -5.67 6.84
C GLU B 43 4.17 -5.93 7.99
N LEU B 44 2.95 -6.23 7.63
CA LEU B 44 1.89 -6.52 8.57
C LEU B 44 2.26 -7.79 9.34
N ASP B 45 2.84 -8.74 8.62
CA ASP B 45 3.31 -9.99 9.22
C ASP B 45 4.43 -9.71 10.21
N ALA B 46 5.25 -8.71 9.89
CA ALA B 46 6.37 -8.37 10.73
C ALA B 46 5.93 -7.54 11.91
N GLN B 47 4.74 -6.99 11.81
CA GLN B 47 4.18 -6.18 12.88
C GLN B 47 3.54 -7.08 13.91
N LEU B 48 2.97 -8.17 13.43
CA LEU B 48 2.34 -9.15 14.29
C LEU B 48 3.41 -10.04 14.89
N LEU B 49 4.49 -10.19 14.16
CA LEU B 49 5.64 -10.95 14.59
C LEU B 49 6.19 -10.37 15.89
N THR B 50 6.20 -9.05 15.95
CA THR B 50 6.68 -8.34 17.13
C THR B 50 5.81 -8.65 18.36
N GLY B 51 4.50 -8.51 18.19
CA GLY B 51 3.56 -8.72 19.29
C GLY B 51 3.49 -10.16 19.76
N GLN B 52 3.33 -11.09 18.82
CA GLN B 52 3.22 -12.51 19.14
C GLN B 52 4.49 -13.04 19.78
#